data_7UPT
#
_entry.id   7UPT
#
loop_
_entity.id
_entity.type
_entity.pdbx_description
1 polymer 'Outer mitochondrial transmembrane helix translocase'
2 polymer 'Unknown peptide substrate'
3 non-polymer "ADENOSINE-5'-DIPHOSPHATE"
4 non-polymer 'MAGNESIUM ION'
5 non-polymer "ADENOSINE-5'-TRIPHOSPHATE"
#
loop_
_entity_poly.entity_id
_entity_poly.type
_entity_poly.pdbx_seq_one_letter_code
_entity_poly.pdbx_strand_id
1 'polypeptide(L)'
;MGSSHHHHHHSSGLVPRGSGSDPTRKQKVEAQKQAEKLMKQIGVKNVKLSEYEMSIAAHLVDPLNMHVTWSDIAGLDDVI
TDLKDTVILPIKKKHLFENSRLLQPPKGVLLYGPPGCGKTLIAKATAKEAGCRFINLQPSTLTDKWYGESQKLAAAVFSL
AIKLQPSIIFIDQIDSFLRNRSSSDHEATAMMKAQFMSLWDGLDTDHSCQVIVMGATNRPQDLDSAIMRRMPTRFHINQP
ALKQREAILKLILKNENVDRHVDLLEVAQETDGFSGSDLKEMCRDAALLCVREYVNSTSEESHDEDEIRPVQQQDLHRAI
EKMKKSKDAAFQNVLTHVCLD
;
A,B,C,D,E,F
2 'polypeptide(L)' (UNK)(UNK)(UNK)(UNK)(UNK)(UNK)(UNK)(UNK)(UNK)(UNK) G
#
# COMPACT_ATOMS: atom_id res chain seq x y z
N LEU A 49 17.41 -16.01 -15.81
CA LEU A 49 16.43 -16.19 -14.75
C LEU A 49 16.92 -15.56 -13.45
N SER A 50 16.67 -14.25 -13.30
CA SER A 50 17.25 -13.52 -12.17
C SER A 50 16.41 -13.69 -10.89
N GLU A 51 15.20 -13.14 -10.88
CA GLU A 51 14.37 -13.19 -9.68
C GLU A 51 13.03 -13.87 -9.93
N TYR A 52 12.28 -13.39 -10.93
CA TYR A 52 10.92 -13.86 -11.13
C TYR A 52 10.89 -15.16 -11.93
N GLU A 53 11.70 -15.24 -12.98
CA GLU A 53 11.75 -16.47 -13.77
C GLU A 53 12.03 -17.68 -12.89
N MET A 54 12.88 -17.50 -11.86
CA MET A 54 13.11 -18.58 -10.92
C MET A 54 11.86 -18.88 -10.11
N SER A 55 11.15 -17.83 -9.67
CA SER A 55 9.92 -18.02 -8.91
C SER A 55 8.90 -18.84 -9.70
N ILE A 56 8.85 -18.67 -11.02
CA ILE A 56 7.91 -19.42 -11.84
C ILE A 56 8.45 -20.81 -12.16
N ALA A 57 9.75 -20.92 -12.45
CA ALA A 57 10.34 -22.23 -12.71
C ALA A 57 10.23 -23.13 -11.49
N ALA A 58 10.09 -22.56 -10.30
CA ALA A 58 9.83 -23.36 -9.11
C ALA A 58 8.60 -24.25 -9.27
N HIS A 59 7.73 -23.97 -10.25
CA HIS A 59 6.57 -24.79 -10.53
C HIS A 59 6.82 -25.79 -11.66
N LEU A 60 8.04 -25.89 -12.15
CA LEU A 60 8.36 -26.79 -13.25
C LEU A 60 8.18 -28.23 -12.83
N VAL A 61 7.16 -28.90 -13.36
CA VAL A 61 6.92 -30.31 -13.02
C VAL A 61 7.86 -31.18 -13.82
N ASP A 62 8.41 -32.21 -13.18
CA ASP A 62 9.34 -33.11 -13.83
C ASP A 62 8.57 -34.18 -14.62
N PRO A 63 9.00 -34.48 -15.85
CA PRO A 63 8.26 -35.46 -16.66
C PRO A 63 8.12 -36.82 -15.99
N LEU A 64 9.22 -37.36 -15.47
CA LEU A 64 9.19 -38.70 -14.88
C LEU A 64 8.28 -38.78 -13.66
N ASN A 65 7.90 -37.66 -13.07
CA ASN A 65 7.03 -37.64 -11.90
C ASN A 65 5.56 -37.65 -12.28
N MET A 66 5.23 -38.06 -13.51
CA MET A 66 3.85 -38.17 -13.98
C MET A 66 3.64 -39.59 -14.48
N HIS A 67 2.83 -40.36 -13.76
CA HIS A 67 2.58 -41.76 -14.11
C HIS A 67 1.27 -41.87 -14.90
N VAL A 68 1.29 -41.34 -16.11
CA VAL A 68 0.14 -41.36 -17.01
C VAL A 68 0.64 -41.52 -18.44
N THR A 69 -0.04 -42.37 -19.21
CA THR A 69 0.29 -42.60 -20.60
C THR A 69 -0.99 -42.69 -21.42
N TRP A 70 -0.84 -42.61 -22.74
CA TRP A 70 -2.00 -42.70 -23.63
C TRP A 70 -2.74 -44.01 -23.45
N SER A 71 -2.01 -45.10 -23.16
CA SER A 71 -2.66 -46.38 -22.90
C SER A 71 -3.59 -46.30 -21.70
N ASP A 72 -3.36 -45.34 -20.79
CA ASP A 72 -4.23 -45.11 -19.64
C ASP A 72 -5.26 -44.01 -19.91
N ILE A 73 -5.66 -43.84 -21.16
CA ILE A 73 -6.62 -42.81 -21.55
C ILE A 73 -7.62 -43.44 -22.51
N ALA A 74 -8.80 -43.79 -22.00
CA ALA A 74 -9.80 -44.51 -22.76
C ALA A 74 -11.17 -43.83 -22.68
N GLY A 75 -12.14 -44.46 -23.35
CA GLY A 75 -13.49 -43.96 -23.47
C GLY A 75 -13.66 -43.02 -24.66
N LEU A 76 -12.71 -42.09 -24.83
CA LEU A 76 -12.68 -41.22 -26.00
C LEU A 76 -11.29 -41.31 -26.62
N ASP A 77 -11.17 -42.12 -27.66
CA ASP A 77 -9.91 -42.25 -28.39
C ASP A 77 -9.83 -41.32 -29.59
N ASP A 78 -10.95 -40.78 -30.07
CA ASP A 78 -10.90 -39.82 -31.16
C ASP A 78 -10.21 -38.53 -30.71
N VAL A 79 -10.39 -38.15 -29.45
CA VAL A 79 -9.81 -36.90 -28.96
C VAL A 79 -8.30 -36.98 -28.95
N ILE A 80 -7.74 -38.07 -28.42
CA ILE A 80 -6.29 -38.19 -28.36
C ILE A 80 -5.71 -38.37 -29.75
N THR A 81 -6.47 -38.97 -30.68
CA THR A 81 -6.01 -39.08 -32.06
C THR A 81 -5.93 -37.71 -32.71
N ASP A 82 -6.98 -36.89 -32.53
CA ASP A 82 -6.93 -35.52 -33.03
C ASP A 82 -5.80 -34.73 -32.38
N LEU A 83 -5.49 -35.05 -31.12
CA LEU A 83 -4.36 -34.40 -30.46
C LEU A 83 -3.07 -34.64 -31.22
N LYS A 84 -2.90 -35.83 -31.77
CA LYS A 84 -1.66 -36.15 -32.48
C LYS A 84 -1.50 -35.29 -33.72
N ASP A 85 -2.56 -35.16 -34.52
CA ASP A 85 -2.45 -34.49 -35.80
C ASP A 85 -2.51 -32.98 -35.66
N THR A 86 -3.30 -32.49 -34.69
CA THR A 86 -3.52 -31.05 -34.59
C THR A 86 -2.42 -30.36 -33.78
N VAL A 87 -1.91 -31.02 -32.74
CA VAL A 87 -0.97 -30.43 -31.81
C VAL A 87 0.39 -31.12 -31.86
N ILE A 88 0.42 -32.44 -31.64
CA ILE A 88 1.69 -33.15 -31.57
C ILE A 88 2.34 -33.19 -32.95
N LEU A 89 1.54 -33.41 -33.99
CA LEU A 89 2.12 -33.53 -35.34
C LEU A 89 2.86 -32.28 -35.77
N PRO A 90 2.33 -31.06 -35.59
CA PRO A 90 3.16 -29.88 -35.84
C PRO A 90 4.48 -29.91 -35.10
N ILE A 91 4.48 -30.29 -33.83
CA ILE A 91 5.73 -30.43 -33.09
C ILE A 91 6.57 -31.54 -33.71
N LYS A 92 5.93 -32.56 -34.26
CA LYS A 92 6.63 -33.60 -34.98
C LYS A 92 6.97 -33.12 -36.39
N LYS A 93 7.94 -33.78 -37.02
CA LYS A 93 8.37 -33.44 -38.37
C LYS A 93 8.66 -31.95 -38.49
N LYS A 94 9.21 -31.38 -37.41
CA LYS A 94 9.51 -29.95 -37.41
C LYS A 94 10.40 -29.57 -38.58
N HIS A 95 11.28 -30.49 -39.00
CA HIS A 95 12.14 -30.24 -40.15
C HIS A 95 11.33 -30.13 -41.44
N LEU A 96 10.05 -30.49 -41.38
CA LEU A 96 9.23 -30.50 -42.60
C LEU A 96 8.46 -29.21 -42.78
N PHE A 97 7.89 -28.67 -41.69
CA PHE A 97 6.88 -27.62 -41.78
C PHE A 97 7.45 -26.22 -41.56
N GLU A 98 8.77 -26.06 -41.47
CA GLU A 98 9.33 -24.71 -41.34
C GLU A 98 9.05 -23.89 -42.59
N ASN A 99 8.97 -24.54 -43.76
CA ASN A 99 8.63 -23.82 -44.98
C ASN A 99 7.19 -23.36 -44.97
N SER A 100 6.27 -24.24 -44.57
CA SER A 100 4.87 -23.86 -44.46
C SER A 100 4.71 -22.74 -43.45
N ARG A 101 3.97 -21.70 -43.83
CA ARG A 101 3.86 -20.49 -43.01
C ARG A 101 2.75 -20.60 -41.96
N LEU A 102 1.57 -21.08 -42.35
CA LEU A 102 0.40 -21.11 -41.48
C LEU A 102 0.14 -22.49 -40.90
N LEU A 103 1.07 -23.42 -41.05
CA LEU A 103 0.93 -24.78 -40.54
C LEU A 103 1.73 -25.02 -39.28
N GLN A 104 2.15 -23.97 -38.60
CA GLN A 104 2.91 -24.09 -37.36
C GLN A 104 1.97 -24.51 -36.23
N PRO A 105 2.52 -24.97 -35.10
CA PRO A 105 1.65 -25.41 -34.01
C PRO A 105 0.77 -24.28 -33.52
N PRO A 106 -0.29 -24.58 -32.78
CA PRO A 106 -1.22 -23.54 -32.35
C PRO A 106 -0.83 -22.95 -31.00
N LYS A 107 -1.37 -21.76 -30.73
CA LYS A 107 -1.18 -21.06 -29.47
C LYS A 107 -2.52 -20.97 -28.76
N GLY A 108 -2.73 -21.83 -27.77
CA GLY A 108 -3.97 -21.82 -27.02
C GLY A 108 -4.90 -22.96 -27.40
N VAL A 109 -5.05 -23.93 -26.51
CA VAL A 109 -5.97 -25.05 -26.69
C VAL A 109 -6.78 -25.18 -25.42
N LEU A 110 -8.09 -25.37 -25.55
CA LEU A 110 -9.00 -25.38 -24.41
C LEU A 110 -9.78 -26.69 -24.41
N LEU A 111 -9.86 -27.32 -23.23
CA LEU A 111 -10.57 -28.58 -23.03
C LEU A 111 -11.65 -28.33 -21.99
N TYR A 112 -12.88 -28.11 -22.46
CA TYR A 112 -14.00 -27.79 -21.59
C TYR A 112 -14.89 -29.02 -21.42
N GLY A 113 -16.00 -28.86 -20.68
CA GLY A 113 -16.92 -29.95 -20.44
C GLY A 113 -17.25 -30.06 -18.96
N PRO A 114 -18.31 -30.82 -18.63
CA PRO A 114 -18.65 -30.99 -17.22
C PRO A 114 -17.52 -31.62 -16.45
N PRO A 115 -17.48 -31.48 -15.13
CA PRO A 115 -16.31 -31.93 -14.37
C PRO A 115 -16.00 -33.40 -14.59
N GLY A 116 -14.71 -33.71 -14.66
CA GLY A 116 -14.26 -35.08 -14.83
C GLY A 116 -14.15 -35.50 -16.28
N CYS A 117 -14.08 -36.81 -16.47
CA CYS A 117 -14.08 -37.44 -17.78
C CYS A 117 -12.76 -37.21 -18.53
N GLY A 118 -11.71 -36.87 -17.78
CA GLY A 118 -10.37 -36.79 -18.33
C GLY A 118 -9.83 -35.40 -18.57
N LYS A 119 -10.58 -34.36 -18.18
CA LYS A 119 -10.11 -32.99 -18.37
C LYS A 119 -8.71 -32.81 -17.79
N THR A 120 -8.49 -33.36 -16.58
CA THR A 120 -7.22 -33.14 -15.90
C THR A 120 -6.13 -34.07 -16.43
N LEU A 121 -6.52 -35.26 -16.86
CA LEU A 121 -5.52 -36.30 -17.15
C LEU A 121 -4.68 -35.96 -18.38
N ILE A 122 -5.33 -35.85 -19.54
CA ILE A 122 -4.60 -35.75 -20.81
C ILE A 122 -3.45 -34.77 -20.69
N ALA A 123 -3.65 -33.66 -19.97
CA ALA A 123 -2.60 -32.65 -19.84
C ALA A 123 -1.25 -33.29 -19.52
N LYS A 124 -1.14 -33.95 -18.37
CA LYS A 124 0.15 -34.52 -18.01
C LYS A 124 0.61 -35.54 -19.05
N ALA A 125 -0.32 -36.34 -19.58
CA ALA A 125 0.04 -37.27 -20.64
C ALA A 125 0.65 -36.54 -21.82
N THR A 126 0.03 -35.43 -22.23
CA THR A 126 0.56 -34.66 -23.36
C THR A 126 1.99 -34.23 -23.10
N ALA A 127 2.37 -34.10 -21.82
CA ALA A 127 3.73 -33.69 -21.50
C ALA A 127 4.69 -34.86 -21.54
N LYS A 128 4.20 -36.06 -21.22
CA LYS A 128 5.09 -37.20 -21.04
C LYS A 128 5.54 -37.78 -22.39
N GLU A 129 4.59 -38.24 -23.20
CA GLU A 129 4.90 -38.99 -24.41
C GLU A 129 5.17 -38.09 -25.61
N ALA A 130 5.49 -36.82 -25.39
CA ALA A 130 5.75 -35.88 -26.49
C ALA A 130 6.90 -34.94 -26.17
N GLY A 131 7.67 -35.23 -25.12
CA GLY A 131 8.69 -34.30 -24.70
C GLY A 131 8.07 -32.96 -24.35
N CYS A 132 8.64 -31.88 -24.89
CA CYS A 132 8.03 -30.55 -24.73
C CYS A 132 7.82 -30.23 -23.25
N ARG A 133 8.90 -29.99 -22.52
CA ARG A 133 8.86 -29.76 -21.08
C ARG A 133 7.63 -28.95 -20.69
N PHE A 134 6.97 -29.38 -19.61
CA PHE A 134 5.65 -28.92 -19.22
C PHE A 134 5.72 -28.28 -17.84
N ILE A 135 4.87 -27.30 -17.60
CA ILE A 135 4.82 -26.57 -16.33
C ILE A 135 3.36 -26.35 -15.98
N ASN A 136 3.02 -26.60 -14.71
CA ASN A 136 1.72 -26.21 -14.19
C ASN A 136 1.85 -24.88 -13.45
N LEU A 137 0.87 -24.00 -13.65
CA LEU A 137 0.98 -22.63 -13.17
C LEU A 137 0.45 -22.41 -11.77
N GLN A 138 -0.42 -23.29 -11.27
CA GLN A 138 -1.00 -23.10 -9.94
C GLN A 138 -1.61 -21.70 -9.85
N PRO A 139 -2.77 -21.47 -10.49
CA PRO A 139 -3.28 -20.10 -10.60
C PRO A 139 -3.35 -19.35 -9.29
N SER A 140 -3.61 -20.04 -8.18
CA SER A 140 -3.73 -19.36 -6.89
C SER A 140 -2.40 -18.75 -6.47
N THR A 141 -1.28 -19.31 -6.94
CA THR A 141 0.05 -18.82 -6.56
C THR A 141 0.53 -17.78 -7.57
N LEU A 142 -0.34 -16.80 -7.82
CA LEU A 142 0.02 -15.66 -8.66
C LEU A 142 -0.18 -14.34 -7.91
N THR A 143 -1.34 -14.21 -7.27
CA THR A 143 -1.72 -12.93 -6.67
C THR A 143 -1.05 -12.75 -5.31
N ASP A 144 -0.66 -11.51 -5.03
CA ASP A 144 -0.09 -11.16 -3.73
C ASP A 144 -0.41 -9.70 -3.44
N LYS A 145 -0.29 -9.32 -2.17
CA LYS A 145 -0.69 -7.98 -1.75
C LYS A 145 0.25 -6.91 -2.30
N TRP A 146 1.55 -7.20 -2.35
CA TRP A 146 2.53 -6.19 -2.75
C TRP A 146 2.15 -5.59 -4.10
N TYR A 147 2.24 -4.26 -4.18
CA TYR A 147 1.85 -3.55 -5.39
C TYR A 147 2.85 -3.82 -6.52
N GLY A 148 2.33 -3.93 -7.74
CA GLY A 148 3.16 -4.15 -8.91
C GLY A 148 3.81 -5.52 -8.99
N GLU A 149 3.64 -6.37 -7.96
CA GLU A 149 4.27 -7.68 -8.00
C GLU A 149 3.58 -8.60 -8.99
N SER A 150 2.29 -8.84 -8.81
CA SER A 150 1.57 -9.83 -9.62
C SER A 150 1.86 -9.63 -11.11
N GLN A 151 1.91 -8.38 -11.56
CA GLN A 151 2.18 -8.10 -12.98
C GLN A 151 3.53 -8.68 -13.39
N LYS A 152 4.56 -8.43 -12.58
CA LYS A 152 5.89 -8.91 -12.92
C LYS A 152 5.97 -10.43 -12.84
N LEU A 153 5.34 -11.02 -11.81
CA LEU A 153 5.32 -12.48 -11.73
C LEU A 153 4.64 -13.08 -12.95
N ALA A 154 3.56 -12.47 -13.42
CA ALA A 154 2.87 -12.99 -14.60
C ALA A 154 3.73 -12.85 -15.84
N ALA A 155 4.32 -11.67 -16.06
CA ALA A 155 5.20 -11.50 -17.22
C ALA A 155 6.34 -12.51 -17.19
N ALA A 156 6.83 -12.85 -15.99
CA ALA A 156 7.87 -13.85 -15.88
C ALA A 156 7.40 -15.21 -16.40
N VAL A 157 6.10 -15.49 -16.28
CA VAL A 157 5.57 -16.75 -16.77
C VAL A 157 5.70 -16.84 -18.27
N PHE A 158 5.25 -15.80 -18.97
CA PHE A 158 5.31 -15.82 -20.43
C PHE A 158 6.74 -15.67 -20.93
N SER A 159 7.63 -15.11 -20.11
CA SER A 159 9.05 -15.14 -20.45
C SER A 159 9.60 -16.56 -20.38
N LEU A 160 9.46 -17.21 -19.21
CA LEU A 160 9.78 -18.62 -19.08
C LEU A 160 9.22 -19.43 -20.24
N ALA A 161 8.03 -19.05 -20.71
CA ALA A 161 7.41 -19.76 -21.83
C ALA A 161 8.33 -19.78 -23.05
N ILE A 162 8.97 -18.66 -23.36
CA ILE A 162 9.70 -18.56 -24.63
C ILE A 162 11.15 -18.96 -24.45
N LYS A 163 11.78 -18.54 -23.35
CA LYS A 163 13.21 -18.84 -23.20
C LYS A 163 13.45 -20.30 -22.81
N LEU A 164 12.39 -21.09 -22.65
CA LEU A 164 12.49 -22.53 -22.46
C LEU A 164 11.72 -23.31 -23.52
N GLN A 165 11.66 -22.81 -24.75
CA GLN A 165 10.87 -23.46 -25.78
C GLN A 165 11.46 -24.85 -26.10
N PRO A 166 10.62 -25.81 -26.53
CA PRO A 166 9.16 -25.70 -26.66
C PRO A 166 8.46 -25.97 -25.32
N SER A 167 7.83 -24.95 -24.75
CA SER A 167 7.27 -25.01 -23.41
C SER A 167 5.75 -24.88 -23.47
N ILE A 168 5.05 -25.85 -22.89
CA ILE A 168 3.61 -25.75 -22.69
C ILE A 168 3.34 -25.09 -21.35
N ILE A 169 2.17 -24.45 -21.24
CA ILE A 169 1.70 -23.88 -19.99
C ILE A 169 0.28 -24.37 -19.78
N PHE A 170 -0.05 -24.69 -18.53
CA PHE A 170 -1.36 -25.22 -18.15
C PHE A 170 -1.99 -24.27 -17.15
N ILE A 171 -3.22 -23.84 -17.44
CA ILE A 171 -3.97 -22.94 -16.58
C ILE A 171 -5.19 -23.70 -16.06
N ASP A 172 -5.12 -24.16 -14.82
CA ASP A 172 -6.22 -24.86 -14.18
C ASP A 172 -7.25 -23.85 -13.70
N GLN A 173 -8.52 -24.24 -13.77
CA GLN A 173 -9.63 -23.37 -13.38
C GLN A 173 -9.46 -21.99 -14.01
N ILE A 174 -9.21 -21.98 -15.32
CA ILE A 174 -8.98 -20.73 -16.02
C ILE A 174 -10.13 -19.76 -15.78
N ASP A 175 -11.35 -20.28 -15.62
CA ASP A 175 -12.47 -19.43 -15.27
C ASP A 175 -12.19 -18.68 -13.97
N SER A 176 -11.68 -19.39 -12.96
CA SER A 176 -11.34 -18.73 -11.70
C SER A 176 -10.22 -17.72 -11.89
N PHE A 177 -9.17 -18.09 -12.63
CA PHE A 177 -8.03 -17.21 -12.81
C PHE A 177 -8.36 -16.07 -13.76
N LEU A 178 -8.95 -16.39 -14.91
CA LEU A 178 -9.22 -15.41 -15.96
C LEU A 178 -10.72 -15.25 -16.18
N ARG A 179 -11.47 -15.12 -15.09
CA ARG A 179 -12.92 -15.00 -15.17
C ARG A 179 -13.31 -13.89 -16.17
N ASN A 180 -14.53 -13.99 -16.67
CA ASN A 180 -15.03 -13.03 -17.65
C ASN A 180 -14.71 -11.60 -17.24
N ARG A 181 -14.16 -10.84 -18.18
CA ARG A 181 -13.86 -9.44 -17.92
C ARG A 181 -15.10 -8.71 -17.44
N SER A 182 -14.95 -7.95 -16.35
CA SER A 182 -16.05 -7.21 -15.75
C SER A 182 -15.64 -5.76 -15.57
N SER A 183 -16.61 -4.85 -15.71
CA SER A 183 -16.34 -3.44 -15.56
C SER A 183 -16.09 -3.08 -14.09
N SER A 184 -16.80 -3.74 -13.18
CA SER A 184 -16.70 -3.48 -11.75
C SER A 184 -15.94 -4.63 -11.09
N ASP A 185 -14.69 -4.36 -10.72
CA ASP A 185 -13.85 -5.36 -10.05
C ASP A 185 -12.59 -4.67 -9.57
N HIS A 186 -11.78 -5.42 -8.84
CA HIS A 186 -10.49 -4.91 -8.38
C HIS A 186 -9.62 -4.55 -9.58
N GLU A 187 -9.24 -3.28 -9.66
CA GLU A 187 -8.47 -2.82 -10.80
C GLU A 187 -7.24 -3.70 -11.04
N ALA A 188 -6.65 -4.22 -9.96
CA ALA A 188 -5.47 -5.07 -10.11
C ALA A 188 -5.80 -6.34 -10.89
N THR A 189 -6.98 -6.92 -10.64
CA THR A 189 -7.34 -8.16 -11.32
C THR A 189 -7.52 -7.94 -12.82
N ALA A 190 -8.27 -6.90 -13.18
CA ALA A 190 -8.46 -6.59 -14.60
C ALA A 190 -7.15 -6.23 -15.26
N MET A 191 -6.28 -5.50 -14.55
CA MET A 191 -4.98 -5.17 -15.10
C MET A 191 -4.16 -6.42 -15.37
N MET A 192 -4.15 -7.35 -14.43
CA MET A 192 -3.41 -8.60 -14.63
C MET A 192 -3.98 -9.39 -15.79
N LYS A 193 -5.31 -9.45 -15.90
CA LYS A 193 -5.92 -10.19 -17.00
C LYS A 193 -5.56 -9.57 -18.35
N ALA A 194 -5.61 -8.23 -18.44
CA ALA A 194 -5.28 -7.57 -19.70
C ALA A 194 -3.81 -7.74 -20.05
N GLN A 195 -2.94 -7.67 -19.04
CA GLN A 195 -1.51 -7.88 -19.28
C GLN A 195 -1.27 -9.31 -19.78
N PHE A 196 -1.93 -10.29 -19.15
CA PHE A 196 -1.79 -11.67 -19.60
C PHE A 196 -2.23 -11.82 -21.05
N MET A 197 -3.39 -11.25 -21.39
CA MET A 197 -3.89 -11.32 -22.76
C MET A 197 -2.89 -10.69 -23.73
N SER A 198 -2.42 -9.49 -23.42
CA SER A 198 -1.53 -8.78 -24.33
C SER A 198 -0.23 -9.55 -24.53
N LEU A 199 0.35 -10.09 -23.45
CA LEU A 199 1.60 -10.82 -23.57
C LEU A 199 1.38 -12.16 -24.26
N TRP A 200 0.17 -12.71 -24.16
CA TRP A 200 -0.16 -13.93 -24.87
C TRP A 200 -0.18 -13.69 -26.37
N ASP A 201 -0.99 -12.72 -26.81
CA ASP A 201 -1.03 -12.38 -28.23
C ASP A 201 0.17 -11.55 -28.65
N GLY A 202 0.88 -10.96 -27.69
CA GLY A 202 1.97 -10.06 -28.00
C GLY A 202 3.25 -10.75 -28.46
N LEU A 203 3.66 -10.45 -29.70
CA LEU A 203 4.95 -10.87 -30.22
C LEU A 203 5.15 -12.37 -30.08
N ASP A 204 4.21 -13.15 -30.60
CA ASP A 204 4.32 -14.60 -30.65
C ASP A 204 4.17 -15.17 -32.06
N THR A 205 3.39 -14.51 -32.91
CA THR A 205 3.25 -14.95 -34.29
C THR A 205 4.52 -14.62 -35.07
N ASP A 206 4.86 -15.51 -36.01
CA ASP A 206 6.05 -15.35 -36.85
C ASP A 206 7.33 -15.63 -36.08
N HIS A 207 7.20 -15.90 -34.77
CA HIS A 207 8.38 -16.26 -33.98
C HIS A 207 8.62 -17.76 -33.98
N SER A 208 7.58 -18.57 -34.21
CA SER A 208 7.71 -20.02 -34.28
C SER A 208 8.34 -20.57 -33.00
N CYS A 209 8.01 -19.95 -31.87
CA CYS A 209 8.56 -20.40 -30.59
C CYS A 209 7.89 -21.69 -30.14
N GLN A 210 6.71 -22.00 -30.69
CA GLN A 210 5.96 -23.22 -30.44
C GLN A 210 5.28 -23.22 -29.08
N VAL A 211 5.18 -22.07 -28.41
CA VAL A 211 4.49 -22.00 -27.13
C VAL A 211 3.00 -22.26 -27.35
N ILE A 212 2.48 -23.31 -26.71
CA ILE A 212 1.08 -23.70 -26.83
C ILE A 212 0.49 -23.64 -25.44
N VAL A 213 -0.19 -22.53 -25.11
CA VAL A 213 -0.90 -22.44 -23.85
C VAL A 213 -2.09 -23.38 -23.88
N MET A 214 -2.51 -23.85 -22.71
CA MET A 214 -3.63 -24.76 -22.59
C MET A 214 -4.37 -24.48 -21.30
N GLY A 215 -5.69 -24.42 -21.38
CA GLY A 215 -6.50 -24.15 -20.21
C GLY A 215 -7.67 -25.10 -20.13
N ALA A 216 -8.02 -25.48 -18.90
CA ALA A 216 -9.14 -26.36 -18.62
C ALA A 216 -10.15 -25.63 -17.75
N THR A 217 -11.43 -25.88 -18.03
CA THR A 217 -12.51 -25.23 -17.29
C THR A 217 -13.69 -26.18 -17.20
N ASN A 218 -14.35 -26.17 -16.05
CA ASN A 218 -15.55 -26.99 -15.87
C ASN A 218 -16.74 -26.38 -16.61
N ARG A 219 -16.75 -25.06 -16.75
CA ARG A 219 -17.83 -24.36 -17.46
C ARG A 219 -17.21 -23.32 -18.37
N PRO A 220 -17.33 -23.46 -19.71
CA PRO A 220 -16.81 -22.43 -20.60
C PRO A 220 -17.85 -21.39 -20.98
N GLN A 221 -19.01 -21.45 -20.33
CA GLN A 221 -20.13 -20.62 -20.75
C GLN A 221 -19.84 -19.14 -20.52
N ASP A 222 -19.10 -18.83 -19.45
CA ASP A 222 -18.79 -17.45 -19.09
C ASP A 222 -17.30 -17.23 -18.89
N LEU A 223 -16.47 -17.96 -19.63
CA LEU A 223 -15.02 -17.78 -19.51
C LEU A 223 -14.61 -16.37 -19.93
N ASP A 224 -14.74 -16.07 -21.22
CA ASP A 224 -14.38 -14.75 -21.74
C ASP A 224 -14.78 -14.63 -23.21
N SER A 225 -14.43 -13.51 -23.84
CA SER A 225 -14.66 -13.32 -25.26
C SER A 225 -13.34 -13.32 -26.01
N ALA A 226 -12.37 -12.54 -25.53
CA ALA A 226 -11.07 -12.48 -26.18
C ALA A 226 -10.20 -13.66 -25.79
N ILE A 227 -10.22 -14.04 -24.51
CA ILE A 227 -9.42 -15.18 -24.07
C ILE A 227 -9.87 -16.45 -24.78
N MET A 228 -11.18 -16.61 -24.97
CA MET A 228 -11.68 -17.76 -25.71
C MET A 228 -11.12 -17.78 -27.13
N ARG A 229 -11.07 -16.61 -27.77
CA ARG A 229 -10.42 -16.50 -29.06
C ARG A 229 -8.95 -16.89 -28.98
N ARG A 230 -8.29 -16.58 -27.86
CA ARG A 230 -6.87 -16.89 -27.73
C ARG A 230 -6.62 -18.39 -27.75
N MET A 231 -7.61 -19.19 -27.33
CA MET A 231 -7.51 -20.63 -27.42
C MET A 231 -8.43 -21.13 -28.53
N PRO A 232 -7.98 -21.08 -29.78
CA PRO A 232 -8.85 -21.48 -30.89
C PRO A 232 -9.21 -22.95 -30.88
N THR A 233 -8.21 -23.82 -30.81
CA THR A 233 -8.42 -25.27 -30.94
C THR A 233 -9.03 -25.82 -29.66
N ARG A 234 -10.34 -25.61 -29.52
CA ARG A 234 -11.07 -26.16 -28.38
C ARG A 234 -11.35 -27.64 -28.61
N PHE A 235 -10.98 -28.45 -27.63
CA PHE A 235 -11.18 -29.90 -27.66
C PHE A 235 -12.39 -30.21 -26.78
N HIS A 236 -13.41 -30.81 -27.37
CA HIS A 236 -14.65 -31.11 -26.66
C HIS A 236 -14.55 -32.46 -25.94
N ILE A 237 -13.71 -32.48 -24.90
CA ILE A 237 -13.66 -33.62 -24.01
C ILE A 237 -14.98 -33.62 -23.25
N ASN A 238 -15.85 -34.57 -23.58
CA ASN A 238 -17.26 -34.52 -23.20
C ASN A 238 -17.63 -35.73 -22.37
N GLN A 239 -18.72 -35.60 -21.63
CA GLN A 239 -19.24 -36.70 -20.84
C GLN A 239 -19.47 -37.92 -21.74
N PRO A 240 -18.74 -39.01 -21.53
CA PRO A 240 -18.98 -40.21 -22.34
C PRO A 240 -20.35 -40.83 -22.05
N ALA A 241 -20.60 -41.97 -22.69
CA ALA A 241 -21.89 -42.62 -22.59
C ALA A 241 -21.74 -44.07 -22.13
N LEU A 242 -22.82 -44.84 -22.21
CA LEU A 242 -22.81 -46.22 -21.73
C LEU A 242 -21.58 -46.98 -22.20
N LYS A 243 -21.11 -46.69 -23.40
CA LYS A 243 -19.99 -47.46 -23.96
C LYS A 243 -18.72 -47.25 -23.17
N GLN A 244 -18.61 -46.13 -22.44
CA GLN A 244 -17.34 -45.79 -21.81
C GLN A 244 -17.15 -46.49 -20.47
N ARG A 245 -18.24 -46.88 -19.81
CA ARG A 245 -18.10 -47.52 -18.49
C ARG A 245 -17.14 -48.70 -18.55
N GLU A 246 -17.24 -49.52 -19.60
CA GLU A 246 -16.28 -50.60 -19.80
C GLU A 246 -14.86 -50.06 -19.87
N ALA A 247 -14.66 -48.98 -20.63
CA ALA A 247 -13.33 -48.42 -20.78
C ALA A 247 -12.75 -47.97 -19.45
N ILE A 248 -13.56 -47.33 -18.61
CA ILE A 248 -13.06 -46.79 -17.36
C ILE A 248 -12.79 -47.93 -16.38
N LEU A 249 -13.65 -48.95 -16.36
CA LEU A 249 -13.40 -50.07 -15.46
C LEU A 249 -12.23 -50.91 -15.93
N LYS A 250 -11.90 -50.87 -17.23
CA LYS A 250 -10.82 -51.69 -17.76
C LYS A 250 -9.50 -51.36 -17.09
N LEU A 251 -9.05 -50.11 -17.18
CA LEU A 251 -7.73 -49.74 -16.69
C LEU A 251 -7.61 -49.99 -15.19
N ILE A 252 -8.72 -49.89 -14.45
CA ILE A 252 -8.66 -50.03 -13.00
C ILE A 252 -8.67 -51.51 -12.60
N LEU A 253 -9.45 -52.33 -13.30
CA LEU A 253 -9.57 -53.73 -12.94
C LEU A 253 -8.46 -54.60 -13.53
N LYS A 254 -7.76 -54.11 -14.56
CA LYS A 254 -6.76 -54.95 -15.22
C LYS A 254 -5.68 -55.41 -14.23
N ASN A 255 -5.32 -54.54 -13.28
CA ASN A 255 -4.24 -54.88 -12.35
C ASN A 255 -4.72 -55.84 -11.26
N GLU A 256 -5.88 -55.56 -10.68
CA GLU A 256 -6.39 -56.35 -9.56
C GLU A 256 -7.14 -57.57 -10.10
N ASN A 257 -7.69 -58.38 -9.19
CA ASN A 257 -8.35 -59.63 -9.56
C ASN A 257 -9.85 -59.41 -9.63
N VAL A 258 -10.44 -59.80 -10.76
CA VAL A 258 -11.89 -59.78 -10.95
C VAL A 258 -12.24 -61.01 -11.78
N ASP A 259 -13.16 -61.83 -11.29
CA ASP A 259 -13.52 -63.07 -11.97
C ASP A 259 -14.13 -62.79 -13.33
N ARG A 260 -14.11 -63.77 -14.22
CA ARG A 260 -14.73 -63.66 -15.52
C ARG A 260 -16.24 -63.72 -15.36
N HIS A 261 -16.97 -63.77 -16.48
CA HIS A 261 -18.43 -63.80 -16.50
C HIS A 261 -19.04 -62.50 -15.99
N VAL A 262 -18.23 -61.49 -15.72
CA VAL A 262 -18.69 -60.19 -15.26
C VAL A 262 -18.98 -59.35 -16.50
N ASP A 263 -20.24 -59.31 -16.91
CA ASP A 263 -20.63 -58.60 -18.12
C ASP A 263 -20.30 -57.11 -17.99
N LEU A 264 -19.36 -56.65 -18.81
CA LEU A 264 -19.04 -55.22 -18.83
C LEU A 264 -20.24 -54.39 -19.27
N LEU A 265 -21.02 -54.92 -20.23
CA LEU A 265 -22.21 -54.21 -20.66
C LEU A 265 -23.19 -54.05 -19.50
N GLU A 266 -23.15 -54.95 -18.53
CA GLU A 266 -24.05 -54.82 -17.38
C GLU A 266 -23.67 -53.64 -16.51
N VAL A 267 -22.37 -53.49 -16.20
CA VAL A 267 -21.93 -52.35 -15.40
C VAL A 267 -22.13 -51.06 -16.19
N ALA A 268 -22.11 -51.16 -17.52
CA ALA A 268 -22.39 -49.99 -18.34
C ALA A 268 -23.88 -49.65 -18.34
N GLN A 269 -24.75 -50.66 -18.23
CA GLN A 269 -26.19 -50.42 -18.31
C GLN A 269 -26.74 -49.92 -16.98
N GLU A 270 -26.27 -50.50 -15.86
CA GLU A 270 -26.84 -50.16 -14.57
C GLU A 270 -26.75 -48.68 -14.27
N THR A 271 -25.81 -47.98 -14.91
CA THR A 271 -25.64 -46.54 -14.76
C THR A 271 -25.57 -45.90 -16.13
N ASP A 272 -26.32 -44.83 -16.34
CA ASP A 272 -26.37 -44.16 -17.63
C ASP A 272 -25.78 -42.75 -17.61
N GLY A 273 -25.99 -42.00 -16.52
CA GLY A 273 -25.54 -40.64 -16.42
C GLY A 273 -24.28 -40.42 -15.63
N PHE A 274 -23.58 -41.48 -15.23
CA PHE A 274 -22.37 -41.33 -14.44
C PHE A 274 -21.24 -40.75 -15.29
N SER A 275 -20.34 -40.03 -14.61
CA SER A 275 -19.19 -39.44 -15.27
C SER A 275 -17.99 -40.40 -15.19
N GLY A 276 -16.83 -39.93 -15.65
CA GLY A 276 -15.63 -40.74 -15.59
C GLY A 276 -15.17 -40.98 -14.17
N SER A 277 -15.10 -39.92 -13.37
CA SER A 277 -14.71 -40.05 -11.98
C SER A 277 -15.79 -40.74 -11.14
N ASP A 278 -17.06 -40.53 -11.47
CA ASP A 278 -18.15 -41.15 -10.72
C ASP A 278 -18.15 -42.67 -10.86
N LEU A 279 -17.79 -43.20 -12.02
CA LEU A 279 -17.74 -44.65 -12.18
C LEU A 279 -16.62 -45.25 -11.33
N LYS A 280 -15.44 -44.61 -11.31
CA LYS A 280 -14.37 -45.05 -10.44
C LYS A 280 -14.79 -44.98 -8.98
N GLU A 281 -15.48 -43.91 -8.59
CA GLU A 281 -15.92 -43.76 -7.21
C GLU A 281 -16.95 -44.81 -6.84
N MET A 282 -17.78 -45.22 -7.82
CA MET A 282 -18.78 -46.24 -7.56
C MET A 282 -18.14 -47.62 -7.44
N CYS A 283 -17.18 -47.92 -8.30
CA CYS A 283 -16.49 -49.21 -8.21
C CYS A 283 -15.83 -49.38 -6.85
N ARG A 284 -15.53 -48.27 -6.17
CA ARG A 284 -14.97 -48.35 -4.83
C ARG A 284 -15.93 -49.04 -3.88
N ASP A 285 -17.19 -48.63 -3.86
CA ASP A 285 -18.16 -49.21 -2.94
C ASP A 285 -18.26 -50.72 -3.12
N ALA A 286 -18.20 -51.18 -4.37
CA ALA A 286 -18.29 -52.62 -4.63
C ALA A 286 -17.02 -53.33 -4.21
N ALA A 287 -15.87 -52.86 -4.68
CA ALA A 287 -14.61 -53.52 -4.33
C ALA A 287 -14.42 -53.58 -2.82
N LEU A 288 -14.93 -52.57 -2.11
CA LEU A 288 -14.72 -52.53 -0.67
C LEU A 288 -15.49 -53.62 0.06
N LEU A 289 -16.70 -53.95 -0.42
CA LEU A 289 -17.43 -55.06 0.19
C LEU A 289 -16.64 -56.35 0.07
N CYS A 290 -16.13 -56.64 -1.13
CA CYS A 290 -15.38 -57.88 -1.34
C CYS A 290 -14.10 -57.88 -0.52
N VAL A 291 -13.41 -56.75 -0.44
CA VAL A 291 -12.18 -56.69 0.33
C VAL A 291 -12.48 -56.87 1.82
N ARG A 292 -13.60 -56.32 2.30
CA ARG A 292 -13.94 -56.39 3.72
C ARG A 292 -14.35 -57.80 4.11
N GLU A 293 -15.09 -58.48 3.22
CA GLU A 293 -15.55 -59.84 3.50
C GLU A 293 -14.42 -60.73 4.00
N TYR A 294 -13.19 -60.46 3.55
CA TYR A 294 -12.06 -61.26 3.99
C TYR A 294 -11.53 -60.77 5.34
N VAL A 295 -11.59 -59.46 5.59
CA VAL A 295 -10.97 -58.91 6.79
C VAL A 295 -11.64 -59.44 8.06
N ASN A 296 -12.94 -59.77 7.98
CA ASN A 296 -13.66 -60.27 9.14
C ASN A 296 -13.44 -61.76 9.38
N SER A 297 -12.42 -62.35 8.77
CA SER A 297 -12.13 -63.77 8.96
C SER A 297 -11.54 -64.00 10.35
N ILE A 308 -9.39 -60.84 -0.40
CA ILE A 308 -8.86 -61.86 -1.30
C ILE A 308 -10.02 -62.67 -1.89
N ARG A 309 -10.76 -62.04 -2.81
CA ARG A 309 -11.88 -62.68 -3.47
C ARG A 309 -12.32 -61.86 -4.67
N PRO A 310 -12.69 -62.49 -5.77
CA PRO A 310 -13.15 -61.72 -6.94
C PRO A 310 -14.57 -61.20 -6.77
N VAL A 311 -14.89 -60.18 -7.54
CA VAL A 311 -16.22 -59.57 -7.52
C VAL A 311 -17.04 -60.26 -8.61
N GLN A 312 -18.04 -61.03 -8.21
CA GLN A 312 -18.83 -61.83 -9.14
C GLN A 312 -20.02 -61.03 -9.68
N GLN A 313 -19.78 -59.82 -10.14
CA GLN A 313 -20.79 -58.97 -10.77
C GLN A 313 -21.94 -58.60 -9.84
N GLN A 314 -21.87 -59.01 -8.57
CA GLN A 314 -22.96 -58.76 -7.62
C GLN A 314 -22.69 -57.52 -6.78
N ASP A 315 -21.52 -57.44 -6.14
CA ASP A 315 -21.18 -56.25 -5.37
C ASP A 315 -21.24 -54.99 -6.22
N LEU A 316 -20.93 -55.12 -7.51
CA LEU A 316 -21.09 -53.99 -8.42
C LEU A 316 -22.53 -53.50 -8.42
N HIS A 317 -23.50 -54.42 -8.33
CA HIS A 317 -24.90 -54.02 -8.29
C HIS A 317 -25.20 -53.18 -7.05
N ARG A 318 -24.81 -53.67 -5.88
CA ARG A 318 -25.04 -52.93 -4.64
C ARG A 318 -24.37 -51.56 -4.70
N ALA A 319 -23.14 -51.51 -5.24
CA ALA A 319 -22.44 -50.24 -5.33
C ALA A 319 -23.16 -49.27 -6.26
N ILE A 320 -23.63 -49.76 -7.41
CA ILE A 320 -24.34 -48.90 -8.35
C ILE A 320 -25.62 -48.38 -7.72
N GLU A 321 -26.32 -49.23 -6.97
CA GLU A 321 -27.54 -48.79 -6.29
C GLU A 321 -27.23 -47.72 -5.26
N LYS A 322 -26.23 -47.94 -4.41
CA LYS A 322 -25.89 -46.98 -3.38
C LYS A 322 -25.46 -45.65 -3.99
N MET A 323 -24.71 -45.71 -5.09
CA MET A 323 -24.26 -44.47 -5.72
C MET A 323 -25.39 -43.79 -6.49
N LYS A 324 -26.38 -44.54 -6.97
CA LYS A 324 -27.59 -43.93 -7.50
C LYS A 324 -28.31 -43.16 -6.41
N LYS A 325 -28.43 -43.77 -5.22
CA LYS A 325 -29.07 -43.08 -4.11
C LYS A 325 -28.31 -41.82 -3.73
N SER A 326 -26.98 -41.91 -3.61
CA SER A 326 -26.19 -40.74 -3.23
C SER A 326 -26.27 -39.65 -4.29
N LYS A 327 -26.18 -40.04 -5.56
CA LYS A 327 -26.32 -39.07 -6.65
C LYS A 327 -27.62 -38.28 -6.52
N ASP A 328 -28.65 -38.91 -5.96
CA ASP A 328 -29.91 -38.22 -5.71
C ASP A 328 -29.85 -37.45 -4.40
N ALA A 329 -28.82 -36.62 -4.24
CA ALA A 329 -28.65 -35.84 -3.02
C ALA A 329 -29.21 -34.44 -3.18
N ALA A 330 -28.77 -33.71 -4.21
CA ALA A 330 -29.30 -32.38 -4.46
C ALA A 330 -30.80 -32.42 -4.71
N PHE A 331 -31.28 -33.49 -5.36
CA PHE A 331 -32.70 -33.64 -5.63
C PHE A 331 -33.33 -34.61 -4.63
N PRO B 23 24.99 9.43 1.41
CA PRO B 23 24.73 10.58 0.54
C PRO B 23 23.86 10.21 -0.66
N THR B 24 22.59 9.89 -0.40
CA THR B 24 21.67 9.53 -1.45
C THR B 24 20.78 10.74 -1.80
N ARG B 25 19.88 10.55 -2.76
CA ARG B 25 18.98 11.61 -3.20
C ARG B 25 19.77 12.84 -3.64
N LYS B 26 20.58 12.64 -4.68
CA LYS B 26 21.42 13.70 -5.24
C LYS B 26 21.04 13.98 -6.69
N GLN B 27 19.79 13.66 -7.05
CA GLN B 27 19.21 14.17 -8.28
C GLN B 27 18.78 15.62 -8.14
N LYS B 28 18.85 16.18 -6.93
CA LYS B 28 18.41 17.55 -6.71
C LYS B 28 19.33 18.56 -7.38
N VAL B 29 20.61 18.19 -7.57
CA VAL B 29 21.56 19.13 -8.16
C VAL B 29 21.34 19.23 -9.67
N GLU B 30 21.07 18.10 -10.33
CA GLU B 30 20.84 18.14 -11.77
C GLU B 30 19.59 18.94 -12.09
N ALA B 31 18.46 18.61 -11.44
CA ALA B 31 17.25 19.39 -11.64
C ALA B 31 17.44 20.82 -11.15
N GLN B 32 18.32 21.01 -10.17
CA GLN B 32 18.52 22.34 -9.59
C GLN B 32 19.23 23.26 -10.57
N LYS B 33 20.13 22.71 -11.38
CA LYS B 33 20.74 23.51 -12.43
C LYS B 33 19.69 24.12 -13.34
N GLN B 34 18.77 23.29 -13.84
CA GLN B 34 17.71 23.79 -14.71
C GLN B 34 16.77 24.72 -13.96
N ALA B 35 16.50 24.43 -12.68
CA ALA B 35 15.62 25.30 -11.91
C ALA B 35 16.23 26.69 -11.75
N GLU B 36 17.53 26.77 -11.49
CA GLU B 36 18.19 28.06 -11.36
C GLU B 36 18.23 28.78 -12.71
N LYS B 37 18.48 28.02 -13.79
CA LYS B 37 18.44 28.61 -15.12
C LYS B 37 17.09 29.26 -15.38
N LEU B 38 16.01 28.54 -15.08
CA LEU B 38 14.67 29.06 -15.33
C LEU B 38 14.35 30.23 -14.41
N MET B 39 14.78 30.16 -13.15
CA MET B 39 14.59 31.26 -12.22
C MET B 39 15.25 32.53 -12.73
N LYS B 40 16.50 32.42 -13.18
CA LYS B 40 17.18 33.58 -13.77
C LYS B 40 16.47 34.05 -15.03
N GLN B 41 15.96 33.11 -15.83
CA GLN B 41 15.27 33.49 -17.06
C GLN B 41 14.04 34.34 -16.76
N ILE B 42 13.20 33.89 -15.83
CA ILE B 42 11.96 34.62 -15.54
C ILE B 42 12.28 36.02 -15.04
N GLY B 43 13.32 36.16 -14.21
CA GLY B 43 13.67 37.44 -13.64
C GLY B 43 13.08 37.62 -12.26
N VAL B 44 13.92 37.53 -11.23
CA VAL B 44 13.48 37.60 -9.84
C VAL B 44 14.53 38.36 -9.04
N LYS B 45 14.18 38.69 -7.81
CA LYS B 45 15.14 39.28 -6.89
C LYS B 45 16.12 38.21 -6.40
N ASN B 46 16.99 38.60 -5.48
CA ASN B 46 18.10 37.75 -5.06
C ASN B 46 17.68 36.71 -4.03
N VAL B 47 16.39 36.44 -3.91
CA VAL B 47 15.93 35.36 -3.04
C VAL B 47 16.70 34.09 -3.37
N LYS B 48 17.15 33.39 -2.32
CA LYS B 48 17.96 32.18 -2.47
C LYS B 48 17.23 31.01 -1.83
N LEU B 49 16.73 30.11 -2.67
CA LEU B 49 16.14 28.87 -2.19
C LEU B 49 17.23 27.87 -1.85
N SER B 50 16.97 27.05 -0.82
CA SER B 50 18.06 26.23 -0.30
C SER B 50 18.13 24.84 -0.91
N GLU B 51 17.17 23.97 -0.60
CA GLU B 51 17.17 22.62 -1.16
C GLU B 51 15.87 22.24 -1.85
N TYR B 52 14.76 22.34 -1.13
CA TYR B 52 13.53 21.70 -1.58
C TYR B 52 12.66 22.65 -2.39
N GLU B 53 12.38 23.84 -1.86
CA GLU B 53 11.74 24.86 -2.70
C GLU B 53 12.60 25.16 -3.91
N MET B 54 13.93 25.11 -3.74
CA MET B 54 14.83 25.22 -4.89
C MET B 54 14.49 24.17 -5.94
N SER B 55 14.19 22.94 -5.50
CA SER B 55 13.88 21.88 -6.46
C SER B 55 12.52 22.11 -7.11
N ILE B 56 11.51 22.42 -6.30
CA ILE B 56 10.17 22.69 -6.84
C ILE B 56 10.19 23.83 -7.83
N ALA B 57 11.14 24.77 -7.69
CA ALA B 57 11.29 25.84 -8.66
C ALA B 57 11.56 25.32 -10.07
N ALA B 58 11.91 24.05 -10.22
CA ALA B 58 12.17 23.51 -11.56
C ALA B 58 10.91 23.53 -12.41
N HIS B 59 9.73 23.38 -11.78
CA HIS B 59 8.47 23.34 -12.50
C HIS B 59 7.91 24.71 -12.81
N LEU B 60 8.64 25.78 -12.48
CA LEU B 60 8.19 27.12 -12.82
C LEU B 60 8.04 27.24 -14.33
N VAL B 61 6.91 27.80 -14.76
CA VAL B 61 6.60 27.97 -16.17
C VAL B 61 6.87 29.41 -16.56
N ASP B 62 7.61 29.60 -17.63
CA ASP B 62 7.91 30.94 -18.11
C ASP B 62 6.67 31.53 -18.77
N PRO B 63 6.30 32.79 -18.47
CA PRO B 63 5.05 33.32 -19.06
C PRO B 63 5.12 33.50 -20.57
N LEU B 64 6.31 33.79 -21.11
CA LEU B 64 6.40 34.03 -22.55
C LEU B 64 6.17 32.75 -23.34
N ASN B 65 6.56 31.60 -22.78
CA ASN B 65 6.37 30.34 -23.47
C ASN B 65 4.90 30.12 -23.82
N MET B 66 4.00 30.46 -22.91
CA MET B 66 2.58 30.33 -23.18
C MET B 66 2.18 31.24 -24.34
N HIS B 67 1.51 30.67 -25.34
CA HIS B 67 1.12 31.39 -26.53
C HIS B 67 -0.39 31.63 -26.60
N VAL B 68 -1.08 31.55 -25.46
CA VAL B 68 -2.54 31.69 -25.41
C VAL B 68 -2.87 32.96 -24.63
N THR B 69 -3.65 33.84 -25.26
CA THR B 69 -4.11 35.06 -24.62
C THR B 69 -5.57 34.92 -24.20
N TRP B 70 -6.14 36.01 -23.72
CA TRP B 70 -7.54 35.99 -23.28
C TRP B 70 -8.48 35.82 -24.47
N SER B 71 -8.14 36.40 -25.61
CA SER B 71 -9.03 36.33 -26.77
C SER B 71 -9.17 34.89 -27.27
N ASP B 72 -8.12 34.09 -27.16
CA ASP B 72 -8.18 32.71 -27.63
C ASP B 72 -9.26 31.93 -26.90
N ILE B 73 -9.66 32.38 -25.72
CA ILE B 73 -10.77 31.76 -25.01
C ILE B 73 -12.06 32.45 -25.44
N ALA B 74 -12.87 31.76 -26.24
CA ALA B 74 -14.09 32.32 -26.78
C ALA B 74 -15.29 31.55 -26.22
N GLY B 75 -16.47 31.94 -26.68
CA GLY B 75 -17.70 31.32 -26.24
C GLY B 75 -18.14 31.80 -24.87
N LEU B 76 -17.30 31.57 -23.87
CA LEU B 76 -17.60 31.96 -22.49
C LEU B 76 -16.75 33.17 -22.14
N ASP B 77 -17.40 34.33 -21.97
CA ASP B 77 -16.73 35.55 -21.54
C ASP B 77 -17.17 36.03 -20.17
N ASP B 78 -18.39 35.71 -19.74
CA ASP B 78 -18.82 36.08 -18.40
C ASP B 78 -17.92 35.45 -17.35
N VAL B 79 -17.66 34.15 -17.48
CA VAL B 79 -16.76 33.48 -16.55
C VAL B 79 -15.36 34.06 -16.65
N ILE B 80 -14.92 34.41 -17.86
CA ILE B 80 -13.60 34.99 -18.02
C ILE B 80 -13.53 36.35 -17.32
N THR B 81 -14.56 37.17 -17.48
CA THR B 81 -14.59 38.47 -16.81
C THR B 81 -14.60 38.30 -15.31
N ASP B 82 -15.37 37.33 -14.80
CA ASP B 82 -15.40 37.10 -13.37
C ASP B 82 -14.04 36.68 -12.85
N LEU B 83 -13.40 35.70 -13.51
CA LEU B 83 -12.07 35.27 -13.09
C LEU B 83 -11.09 36.44 -13.11
N LYS B 84 -11.11 37.23 -14.17
CA LYS B 84 -10.22 38.38 -14.25
C LYS B 84 -10.44 39.31 -13.07
N ASP B 85 -11.69 39.77 -12.88
CA ASP B 85 -11.96 40.79 -11.87
C ASP B 85 -11.74 40.26 -10.46
N THR B 86 -11.81 38.94 -10.27
CA THR B 86 -11.67 38.37 -8.95
C THR B 86 -10.26 37.83 -8.66
N VAL B 87 -9.39 37.76 -9.67
CA VAL B 87 -8.04 37.29 -9.44
C VAL B 87 -7.03 38.36 -9.84
N ILE B 88 -7.02 38.74 -11.12
CA ILE B 88 -5.98 39.63 -11.62
C ILE B 88 -6.18 41.04 -11.05
N LEU B 89 -7.42 41.49 -10.96
CA LEU B 89 -7.67 42.83 -10.44
C LEU B 89 -7.17 42.99 -9.02
N PRO B 90 -7.41 42.07 -8.08
CA PRO B 90 -6.77 42.18 -6.77
C PRO B 90 -5.25 42.24 -6.84
N ILE B 91 -4.64 41.48 -7.76
CA ILE B 91 -3.18 41.51 -7.89
C ILE B 91 -2.72 42.90 -8.30
N LYS B 92 -3.32 43.45 -9.35
CA LYS B 92 -2.96 44.78 -9.82
C LYS B 92 -3.62 45.85 -8.97
N LYS B 93 -2.91 46.96 -8.79
CA LYS B 93 -3.40 48.05 -7.94
C LYS B 93 -3.75 47.54 -6.55
N LYS B 94 -3.01 46.53 -6.09
CA LYS B 94 -3.26 45.97 -4.76
C LYS B 94 -3.12 47.03 -3.67
N HIS B 95 -2.39 48.11 -3.95
CA HIS B 95 -2.24 49.19 -2.99
C HIS B 95 -3.53 49.94 -2.73
N LEU B 96 -4.61 49.62 -3.45
CA LEU B 96 -5.90 50.27 -3.24
C LEU B 96 -6.87 49.42 -2.43
N PHE B 97 -6.50 48.18 -2.10
CA PHE B 97 -7.40 47.26 -1.41
C PHE B 97 -6.87 46.74 -0.09
N GLU B 98 -5.63 47.08 0.29
CA GLU B 98 -5.09 46.57 1.55
C GLU B 98 -5.81 47.19 2.74
N ASN B 99 -6.24 48.45 2.61
CA ASN B 99 -6.99 49.07 3.70
C ASN B 99 -8.25 48.27 4.02
N SER B 100 -8.96 47.82 2.99
CA SER B 100 -10.09 46.93 3.19
C SER B 100 -9.58 45.55 3.63
N ARG B 101 -10.18 45.02 4.70
CA ARG B 101 -9.67 43.79 5.29
C ARG B 101 -9.90 42.59 4.37
N LEU B 102 -11.00 42.61 3.62
CA LEU B 102 -11.43 41.45 2.83
C LEU B 102 -11.67 41.82 1.37
N LEU B 103 -10.72 42.51 0.75
CA LEU B 103 -10.76 42.80 -0.69
C LEU B 103 -9.44 42.32 -1.30
N GLN B 104 -9.03 41.12 -0.93
CA GLN B 104 -7.84 40.46 -1.42
C GLN B 104 -8.24 39.21 -2.18
N PRO B 105 -7.39 38.71 -3.06
CA PRO B 105 -7.77 37.56 -3.89
C PRO B 105 -7.95 36.31 -3.05
N PRO B 106 -9.01 35.54 -3.27
CA PRO B 106 -9.22 34.33 -2.46
C PRO B 106 -8.09 33.34 -2.65
N LYS B 107 -7.79 32.60 -1.58
CA LYS B 107 -6.82 31.53 -1.64
C LYS B 107 -7.49 30.26 -2.17
N GLY B 108 -7.37 30.04 -3.48
CA GLY B 108 -7.94 28.87 -4.10
C GLY B 108 -9.06 29.17 -5.08
N VAL B 109 -8.77 29.02 -6.37
CA VAL B 109 -9.75 29.14 -7.44
C VAL B 109 -9.78 27.81 -8.18
N LEU B 110 -10.96 27.22 -8.31
CA LEU B 110 -11.08 25.93 -8.95
C LEU B 110 -12.08 26.02 -10.10
N LEU B 111 -11.66 25.56 -11.28
CA LEU B 111 -12.50 25.54 -12.46
C LEU B 111 -12.99 24.13 -12.70
N TYR B 112 -14.31 23.96 -12.77
CA TYR B 112 -14.91 22.64 -12.85
C TYR B 112 -15.94 22.60 -13.97
N GLY B 113 -16.39 21.39 -14.29
CA GLY B 113 -17.35 21.16 -15.34
C GLY B 113 -17.11 19.85 -16.05
N PRO B 114 -17.77 19.64 -17.18
CA PRO B 114 -17.52 18.42 -17.96
C PRO B 114 -16.13 18.46 -18.56
N PRO B 115 -15.64 17.33 -19.08
CA PRO B 115 -14.27 17.30 -19.61
C PRO B 115 -14.10 18.26 -20.78
N GLY B 116 -12.91 18.85 -20.85
CA GLY B 116 -12.60 19.79 -21.91
C GLY B 116 -13.23 21.16 -21.66
N CYS B 117 -13.55 21.83 -22.77
CA CYS B 117 -14.27 23.10 -22.75
C CYS B 117 -13.37 24.25 -22.27
N GLY B 118 -12.05 24.05 -22.35
CA GLY B 118 -11.10 25.12 -22.19
C GLY B 118 -10.61 25.38 -20.78
N LYS B 119 -10.80 24.43 -19.86
CA LYS B 119 -10.28 24.62 -18.50
C LYS B 119 -8.77 24.83 -18.52
N THR B 120 -8.03 23.83 -19.02
CA THR B 120 -6.59 23.98 -19.15
C THR B 120 -6.24 25.16 -20.03
N LEU B 121 -7.10 25.49 -21.00
CA LEU B 121 -6.86 26.66 -21.84
C LEU B 121 -6.93 27.94 -21.01
N ILE B 122 -7.95 28.07 -20.16
CA ILE B 122 -8.05 29.23 -19.28
C ILE B 122 -6.85 29.29 -18.36
N ALA B 123 -6.42 28.14 -17.83
CA ALA B 123 -5.26 28.13 -16.94
C ALA B 123 -4.01 28.60 -17.67
N LYS B 124 -3.81 28.14 -18.90
CA LYS B 124 -2.64 28.56 -19.67
C LYS B 124 -2.71 30.05 -19.99
N ALA B 125 -3.91 30.56 -20.29
CA ALA B 125 -4.06 31.98 -20.55
C ALA B 125 -3.69 32.80 -19.31
N THR B 126 -4.17 32.36 -18.13
CA THR B 126 -3.87 33.09 -16.91
C THR B 126 -2.37 33.11 -16.64
N ALA B 127 -1.65 32.04 -16.98
CA ALA B 127 -0.23 31.97 -16.72
C ALA B 127 0.58 33.01 -17.48
N LYS B 128 -0.03 33.71 -18.44
CA LYS B 128 0.68 34.70 -19.25
C LYS B 128 0.21 36.11 -18.95
N GLU B 129 -1.08 36.40 -19.11
CA GLU B 129 -1.60 37.76 -18.92
C GLU B 129 -2.11 37.97 -17.49
N ALA B 130 -1.29 37.64 -16.50
CA ALA B 130 -1.66 37.85 -15.11
C ALA B 130 -0.51 38.27 -14.21
N GLY B 131 0.70 38.47 -14.74
CA GLY B 131 1.84 38.58 -13.87
C GLY B 131 1.91 37.36 -12.97
N CYS B 132 2.06 37.60 -11.67
CA CYS B 132 1.86 36.55 -10.67
C CYS B 132 2.53 35.25 -11.09
N ARG B 133 3.87 35.25 -11.09
CA ARG B 133 4.66 34.16 -11.68
C ARG B 133 4.02 32.81 -11.44
N PHE B 134 3.77 32.08 -12.52
CA PHE B 134 2.97 30.86 -12.48
C PHE B 134 3.86 29.65 -12.27
N ILE B 135 3.36 28.68 -11.50
CA ILE B 135 4.09 27.44 -11.25
C ILE B 135 3.12 26.27 -11.32
N ASN B 136 3.49 25.25 -12.08
CA ASN B 136 2.72 24.01 -12.15
C ASN B 136 3.26 23.03 -11.12
N LEU B 137 2.36 22.36 -10.40
CA LEU B 137 2.78 21.48 -9.32
C LEU B 137 3.23 20.13 -9.86
N GLN B 138 2.41 19.51 -10.71
CA GLN B 138 2.74 18.20 -11.24
C GLN B 138 2.92 17.22 -10.09
N PRO B 139 1.83 16.81 -9.43
CA PRO B 139 1.96 16.00 -8.21
C PRO B 139 2.98 14.89 -8.28
N SER B 140 3.29 14.37 -9.48
CA SER B 140 4.25 13.29 -9.60
C SER B 140 5.57 13.62 -8.91
N THR B 141 6.02 14.87 -9.03
CA THR B 141 7.31 15.25 -8.44
C THR B 141 7.25 15.21 -6.92
N LEU B 142 6.09 15.51 -6.33
CA LEU B 142 5.96 15.54 -4.88
C LEU B 142 6.24 14.16 -4.29
N THR B 143 5.48 13.16 -4.70
CA THR B 143 5.69 11.81 -4.20
C THR B 143 7.11 11.34 -4.52
N ASP B 144 7.80 10.83 -3.50
CA ASP B 144 9.17 10.37 -3.65
C ASP B 144 9.32 9.02 -2.99
N LYS B 145 10.41 8.33 -3.32
CA LYS B 145 10.64 6.99 -2.80
C LYS B 145 11.21 7.04 -1.38
N TRP B 146 12.26 7.81 -1.17
CA TRP B 146 12.89 7.87 0.14
C TRP B 146 11.90 8.38 1.19
N TYR B 147 12.10 7.95 2.43
CA TYR B 147 11.19 8.29 3.50
C TYR B 147 11.30 9.77 3.85
N GLY B 148 10.18 10.36 4.27
CA GLY B 148 10.17 11.73 4.73
C GLY B 148 10.77 12.71 3.75
N GLU B 149 10.67 12.42 2.45
CA GLU B 149 11.17 13.31 1.41
C GLU B 149 10.05 14.00 0.65
N SER B 150 8.86 13.41 0.60
CA SER B 150 7.74 14.05 -0.10
C SER B 150 7.12 15.14 0.77
N GLN B 151 7.12 14.95 2.08
CA GLN B 151 6.61 16.00 2.97
C GLN B 151 7.46 17.26 2.88
N LYS B 152 8.79 17.09 2.75
CA LYS B 152 9.66 18.24 2.57
C LYS B 152 9.27 19.00 1.31
N LEU B 153 8.95 18.30 0.23
CA LEU B 153 8.54 18.97 -1.00
C LEU B 153 7.19 19.64 -0.84
N ALA B 154 6.26 18.99 -0.13
CA ALA B 154 4.95 19.60 0.09
C ALA B 154 5.07 20.90 0.85
N ALA B 155 5.92 20.94 1.88
CA ALA B 155 6.16 22.19 2.60
C ALA B 155 6.92 23.19 1.75
N ALA B 156 7.90 22.73 0.96
CA ALA B 156 8.68 23.63 0.12
C ALA B 156 7.79 24.31 -0.92
N VAL B 157 6.71 23.65 -1.33
CA VAL B 157 5.81 24.27 -2.29
C VAL B 157 5.31 25.61 -1.77
N PHE B 158 4.72 25.61 -0.58
CA PHE B 158 4.22 26.86 -0.01
C PHE B 158 5.36 27.78 0.43
N SER B 159 6.46 27.20 0.92
CA SER B 159 7.61 28.04 1.27
C SER B 159 8.06 28.86 0.07
N LEU B 160 8.09 28.24 -1.10
CA LEU B 160 8.41 28.96 -2.33
C LEU B 160 7.32 29.96 -2.69
N ALA B 161 6.06 29.49 -2.72
CA ALA B 161 4.96 30.37 -3.08
C ALA B 161 5.00 31.67 -2.27
N ILE B 162 5.44 31.61 -1.02
CA ILE B 162 5.54 32.81 -0.19
C ILE B 162 6.92 33.46 -0.23
N LYS B 163 7.94 32.75 -0.74
CA LYS B 163 9.28 33.33 -0.75
C LYS B 163 9.50 34.19 -1.99
N LEU B 164 9.13 33.68 -3.16
CA LEU B 164 9.19 34.44 -4.41
C LEU B 164 7.83 35.04 -4.71
N GLN B 165 7.07 35.34 -3.66
CA GLN B 165 5.75 35.92 -3.81
C GLN B 165 5.80 37.15 -4.70
N PRO B 166 4.72 37.43 -5.47
CA PRO B 166 3.47 36.66 -5.59
C PRO B 166 3.50 35.66 -6.74
N SER B 167 2.87 34.50 -6.54
CA SER B 167 2.84 33.45 -7.55
C SER B 167 1.51 32.71 -7.46
N ILE B 168 1.22 31.92 -8.49
CA ILE B 168 0.05 31.07 -8.53
C ILE B 168 0.51 29.62 -8.67
N ILE B 169 -0.20 28.73 -7.98
CA ILE B 169 0.09 27.30 -7.98
C ILE B 169 -0.99 26.60 -8.80
N PHE B 170 -0.58 25.62 -9.59
CA PHE B 170 -1.51 24.85 -10.41
C PHE B 170 -1.41 23.37 -10.07
N ILE B 171 -2.55 22.74 -9.85
CA ILE B 171 -2.64 21.30 -9.62
C ILE B 171 -3.57 20.73 -10.68
N ASP B 172 -3.01 20.28 -11.79
CA ASP B 172 -3.82 19.68 -12.84
C ASP B 172 -4.37 18.33 -12.39
N GLN B 173 -5.67 18.13 -12.64
CA GLN B 173 -6.36 16.93 -12.22
C GLN B 173 -6.27 16.76 -10.69
N ILE B 174 -6.80 17.77 -10.00
CA ILE B 174 -6.77 17.80 -8.54
C ILE B 174 -7.80 16.85 -7.92
N ASP B 175 -8.65 16.21 -8.72
CA ASP B 175 -9.63 15.29 -8.17
C ASP B 175 -9.00 13.99 -7.70
N SER B 176 -7.82 13.65 -8.21
CA SER B 176 -7.13 12.41 -7.88
C SER B 176 -6.09 12.59 -6.79
N PHE B 177 -5.23 13.61 -6.91
CA PHE B 177 -4.20 13.84 -5.90
C PHE B 177 -4.83 14.11 -4.53
N LEU B 178 -5.61 15.19 -4.43
CA LEU B 178 -6.25 15.56 -3.17
C LEU B 178 -7.64 14.92 -3.11
N ARG B 179 -7.65 13.60 -3.23
CA ARG B 179 -8.89 12.85 -3.25
C ARG B 179 -9.58 12.93 -1.89
N ASN B 180 -10.78 12.35 -1.84
CA ASN B 180 -11.56 12.28 -0.60
C ASN B 180 -10.82 11.37 0.38
N ARG B 181 -10.45 11.91 1.53
CA ARG B 181 -9.64 11.18 2.49
C ARG B 181 -10.35 9.92 2.95
N SER B 182 -9.58 8.84 3.10
CA SER B 182 -10.07 7.58 3.60
C SER B 182 -8.97 6.90 4.40
N SER B 183 -9.36 5.92 5.22
CA SER B 183 -8.38 5.23 6.06
C SER B 183 -7.49 4.31 5.22
N SER B 184 -7.94 3.96 4.01
CA SER B 184 -7.21 2.98 3.21
C SER B 184 -5.97 3.57 2.56
N ASP B 185 -5.93 4.87 2.33
CA ASP B 185 -4.80 5.47 1.64
C ASP B 185 -3.52 5.32 2.45
N HIS B 186 -2.39 5.39 1.75
CA HIS B 186 -1.10 5.26 2.41
C HIS B 186 -0.89 6.41 3.39
N GLU B 187 -0.17 6.13 4.48
CA GLU B 187 0.08 7.16 5.48
C GLU B 187 0.83 8.34 4.87
N ALA B 188 1.75 8.07 3.95
CA ALA B 188 2.53 9.15 3.34
C ALA B 188 1.64 10.11 2.57
N THR B 189 0.78 9.58 1.69
CA THR B 189 -0.08 10.44 0.88
C THR B 189 -1.12 11.14 1.74
N ALA B 190 -1.66 10.45 2.75
CA ALA B 190 -2.58 11.09 3.66
C ALA B 190 -1.94 12.26 4.39
N MET B 191 -0.74 12.06 4.93
CA MET B 191 -0.02 13.14 5.58
C MET B 191 0.33 14.25 4.60
N MET B 192 0.57 13.91 3.34
CA MET B 192 0.82 14.92 2.32
C MET B 192 -0.39 15.82 2.14
N LYS B 193 -1.56 15.21 1.91
CA LYS B 193 -2.76 16.00 1.67
C LYS B 193 -3.24 16.70 2.93
N ALA B 194 -2.82 16.22 4.10
CA ALA B 194 -3.14 16.93 5.34
C ALA B 194 -2.21 18.12 5.56
N GLN B 195 -0.92 17.96 5.25
CA GLN B 195 0.01 19.07 5.31
C GLN B 195 -0.37 20.16 4.32
N PHE B 196 -0.87 19.76 3.14
CA PHE B 196 -1.40 20.74 2.21
C PHE B 196 -2.45 21.61 2.88
N MET B 197 -3.47 20.97 3.48
CA MET B 197 -4.53 21.71 4.16
C MET B 197 -3.95 22.61 5.26
N SER B 198 -3.06 22.05 6.08
CA SER B 198 -2.53 22.81 7.21
C SER B 198 -1.77 24.04 6.74
N LEU B 199 -0.94 23.90 5.71
CA LEU B 199 -0.10 25.02 5.27
C LEU B 199 -0.88 25.99 4.38
N TRP B 200 -2.05 25.56 3.89
CA TRP B 200 -2.83 26.43 3.02
C TRP B 200 -3.34 27.65 3.78
N ASP B 201 -4.21 27.43 4.77
CA ASP B 201 -4.84 28.51 5.52
C ASP B 201 -4.83 28.16 7.01
N GLY B 202 -3.69 27.69 7.49
CA GLY B 202 -3.57 27.19 8.85
C GLY B 202 -3.32 28.29 9.85
N LEU B 203 -2.35 28.02 10.74
CA LEU B 203 -2.14 28.85 11.91
C LEU B 203 -1.34 30.10 11.58
N ASP B 204 -0.44 30.02 10.59
CA ASP B 204 0.59 31.05 10.41
C ASP B 204 0.61 31.66 9.01
N THR B 205 -0.32 31.29 8.12
CA THR B 205 -0.22 31.69 6.72
C THR B 205 -1.36 32.60 6.27
N ASP B 206 -2.51 32.48 6.90
CA ASP B 206 -3.77 33.04 6.41
C ASP B 206 -3.61 34.54 6.15
N HIS B 207 -2.92 35.29 7.02
CA HIS B 207 -3.07 36.76 7.12
C HIS B 207 -3.05 37.37 5.72
N SER B 208 -1.92 37.33 4.99
CA SER B 208 -1.88 37.86 3.63
C SER B 208 -0.57 37.40 2.99
N CYS B 209 -0.65 36.57 1.94
CA CYS B 209 0.53 36.19 1.17
C CYS B 209 0.25 36.11 -0.32
N GLN B 210 -0.97 36.43 -0.76
CA GLN B 210 -1.35 36.34 -2.17
C GLN B 210 -0.86 35.04 -2.80
N VAL B 211 -0.93 33.96 -2.02
CA VAL B 211 -0.60 32.62 -2.49
C VAL B 211 -1.91 31.93 -2.84
N ILE B 212 -2.20 31.85 -4.14
CA ILE B 212 -3.47 31.36 -4.64
C ILE B 212 -3.20 30.14 -5.50
N VAL B 213 -3.85 29.03 -5.17
CA VAL B 213 -3.76 27.81 -5.96
C VAL B 213 -4.88 27.81 -7.00
N MET B 214 -4.61 27.25 -8.17
CA MET B 214 -5.60 27.14 -9.23
C MET B 214 -5.75 25.67 -9.59
N GLY B 215 -6.98 25.16 -9.48
CA GLY B 215 -7.23 23.75 -9.61
C GLY B 215 -8.19 23.43 -10.74
N ALA B 216 -7.71 22.59 -11.66
CA ALA B 216 -8.52 22.05 -12.73
C ALA B 216 -9.12 20.72 -12.28
N THR B 217 -10.36 20.48 -12.71
CA THR B 217 -11.09 19.31 -12.23
C THR B 217 -12.20 18.97 -13.22
N ASN B 218 -12.34 17.68 -13.54
CA ASN B 218 -13.45 17.20 -14.36
C ASN B 218 -14.53 16.53 -13.53
N ARG B 219 -14.21 16.10 -12.32
CA ARG B 219 -15.16 15.48 -11.40
C ARG B 219 -14.93 16.09 -10.02
N PRO B 220 -15.57 17.22 -9.72
CA PRO B 220 -15.30 17.89 -8.44
C PRO B 220 -16.00 17.25 -7.25
N GLN B 221 -16.89 16.28 -7.48
CA GLN B 221 -17.66 15.71 -6.37
C GLN B 221 -16.76 14.96 -5.40
N ASP B 222 -15.78 14.22 -5.92
CA ASP B 222 -14.90 13.39 -5.10
C ASP B 222 -13.66 14.14 -4.61
N LEU B 223 -13.59 15.46 -4.84
CA LEU B 223 -12.38 16.19 -4.47
C LEU B 223 -12.15 16.13 -2.97
N ASP B 224 -13.03 16.77 -2.18
CA ASP B 224 -12.90 16.75 -0.74
C ASP B 224 -14.12 17.43 -0.09
N SER B 225 -14.08 17.57 1.24
CA SER B 225 -15.08 18.34 1.95
C SER B 225 -14.41 19.58 2.55
N ALA B 226 -13.17 19.42 3.04
CA ALA B 226 -12.43 20.56 3.56
C ALA B 226 -11.75 21.32 2.43
N ILE B 227 -10.99 20.62 1.59
CA ILE B 227 -10.33 21.28 0.47
C ILE B 227 -11.36 21.83 -0.51
N MET B 228 -12.56 21.25 -0.54
CA MET B 228 -13.62 21.81 -1.36
C MET B 228 -13.95 23.23 -0.93
N ARG B 229 -13.97 23.47 0.38
CA ARG B 229 -14.17 24.81 0.92
C ARG B 229 -12.93 25.67 0.84
N ARG B 230 -11.74 25.06 0.89
CA ARG B 230 -10.50 25.85 0.85
C ARG B 230 -10.40 26.65 -0.45
N MET B 231 -11.20 26.30 -1.45
CA MET B 231 -11.31 27.07 -2.68
C MET B 231 -12.69 27.73 -2.71
N PRO B 232 -12.86 28.89 -2.08
CA PRO B 232 -14.21 29.48 -2.02
C PRO B 232 -14.75 29.87 -3.38
N THR B 233 -13.88 30.02 -4.38
CA THR B 233 -14.26 30.43 -5.72
C THR B 233 -14.17 29.23 -6.66
N ARG B 234 -15.33 28.78 -7.14
CA ARG B 234 -15.41 27.71 -8.11
C ARG B 234 -16.14 28.22 -9.34
N PHE B 235 -15.47 28.14 -10.49
CA PHE B 235 -16.00 28.62 -11.76
C PHE B 235 -16.49 27.44 -12.59
N HIS B 236 -17.77 27.46 -12.94
CA HIS B 236 -18.34 26.41 -13.77
C HIS B 236 -17.93 26.59 -15.22
N ILE B 237 -17.42 25.51 -15.81
CA ILE B 237 -17.05 25.50 -17.22
C ILE B 237 -17.91 24.44 -17.92
N ASN B 238 -19.05 24.87 -18.44
CA ASN B 238 -20.02 23.93 -18.99
C ASN B 238 -19.72 23.64 -20.45
N GLN B 239 -20.33 22.56 -20.94
CA GLN B 239 -20.20 22.23 -22.36
C GLN B 239 -20.76 23.38 -23.19
N PRO B 240 -20.07 23.79 -24.26
CA PRO B 240 -20.56 24.93 -25.05
C PRO B 240 -21.98 24.71 -25.53
N ALA B 241 -22.80 25.75 -25.38
CA ALA B 241 -24.17 25.75 -25.88
C ALA B 241 -24.17 26.19 -27.34
N LEU B 242 -25.37 26.47 -27.88
CA LEU B 242 -25.48 26.84 -29.28
C LEU B 242 -24.63 28.07 -29.60
N LYS B 243 -24.88 29.17 -28.91
CA LYS B 243 -24.12 30.40 -29.17
C LYS B 243 -22.65 30.21 -28.84
N GLN B 244 -22.36 29.55 -27.71
CA GLN B 244 -20.97 29.30 -27.35
C GLN B 244 -20.29 28.43 -28.39
N ARG B 245 -20.98 27.41 -28.89
CA ARG B 245 -20.41 26.56 -29.94
C ARG B 245 -20.11 27.38 -31.19
N GLU B 246 -21.08 28.20 -31.62
CA GLU B 246 -20.86 29.04 -32.79
C GLU B 246 -19.65 29.94 -32.60
N ALA B 247 -19.51 30.54 -31.41
CA ALA B 247 -18.40 31.45 -31.18
C ALA B 247 -17.06 30.73 -31.19
N ILE B 248 -17.00 29.58 -30.52
CA ILE B 248 -15.72 28.85 -30.47
C ILE B 248 -15.35 28.35 -31.85
N LEU B 249 -16.33 28.00 -32.68
CA LEU B 249 -15.99 27.55 -34.02
C LEU B 249 -15.57 28.73 -34.90
N LYS B 250 -16.25 29.86 -34.76
CA LYS B 250 -15.83 31.06 -35.47
C LYS B 250 -14.38 31.39 -35.14
N LEU B 251 -14.00 31.23 -33.88
CA LEU B 251 -12.62 31.52 -33.49
C LEU B 251 -11.64 30.59 -34.20
N ILE B 252 -11.94 29.29 -34.20
CA ILE B 252 -11.03 28.32 -34.80
C ILE B 252 -10.79 28.63 -36.26
N LEU B 253 -11.86 28.94 -37.00
CA LEU B 253 -11.76 29.25 -38.42
C LEU B 253 -11.53 30.73 -38.68
N LYS B 254 -11.06 31.48 -37.67
CA LYS B 254 -10.80 32.90 -37.88
C LYS B 254 -9.66 33.11 -38.87
N ASN B 255 -8.57 32.34 -38.73
CA ASN B 255 -7.40 32.50 -39.57
C ASN B 255 -7.35 31.50 -40.72
N GLU B 256 -8.12 30.43 -40.67
CA GLU B 256 -8.13 29.44 -41.74
C GLU B 256 -9.03 29.90 -42.88
N ASN B 257 -8.72 29.42 -44.08
CA ASN B 257 -9.45 29.78 -45.28
C ASN B 257 -10.62 28.83 -45.49
N VAL B 258 -11.79 29.39 -45.80
CA VAL B 258 -12.99 28.62 -46.08
C VAL B 258 -13.75 29.29 -47.21
N ASP B 259 -14.54 28.49 -47.93
CA ASP B 259 -15.32 29.04 -49.02
C ASP B 259 -16.32 30.06 -48.51
N ARG B 260 -16.80 30.92 -49.40
CA ARG B 260 -17.62 32.05 -49.01
C ARG B 260 -19.03 31.60 -48.66
N HIS B 261 -19.80 32.53 -48.09
CA HIS B 261 -21.17 32.29 -47.65
C HIS B 261 -21.32 30.93 -46.99
N VAL B 262 -20.50 30.70 -45.96
CA VAL B 262 -20.58 29.49 -45.13
C VAL B 262 -21.33 29.87 -43.87
N ASP B 263 -22.54 29.32 -43.71
CA ASP B 263 -23.37 29.62 -42.55
C ASP B 263 -22.80 28.92 -41.33
N LEU B 264 -21.95 29.63 -40.59
CA LEU B 264 -21.29 29.02 -39.44
C LEU B 264 -22.31 28.61 -38.38
N LEU B 265 -23.32 29.45 -38.15
CA LEU B 265 -24.34 29.12 -37.16
C LEU B 265 -25.07 27.83 -37.52
N GLU B 266 -25.24 27.57 -38.82
CA GLU B 266 -26.02 26.42 -39.25
C GLU B 266 -25.48 25.12 -38.67
N VAL B 267 -24.16 24.99 -38.59
CA VAL B 267 -23.56 23.76 -38.07
C VAL B 267 -23.73 23.61 -36.56
N ALA B 268 -23.96 24.72 -35.85
CA ALA B 268 -24.12 24.63 -34.40
C ALA B 268 -25.22 23.65 -34.02
N GLN B 269 -26.29 23.59 -34.82
CA GLN B 269 -27.36 22.65 -34.54
C GLN B 269 -26.93 21.22 -34.82
N GLU B 270 -26.15 21.00 -35.87
CA GLU B 270 -25.69 19.66 -36.19
C GLU B 270 -24.86 19.09 -35.06
N THR B 271 -23.98 19.91 -34.47
CA THR B 271 -23.15 19.49 -33.35
C THR B 271 -23.81 19.91 -32.04
N ASP B 272 -24.90 19.20 -31.72
CA ASP B 272 -25.70 19.57 -30.54
C ASP B 272 -24.90 19.36 -29.26
N GLY B 273 -24.41 18.15 -29.03
CA GLY B 273 -23.70 17.81 -27.81
C GLY B 273 -22.19 17.82 -27.90
N PHE B 274 -21.62 18.39 -28.95
CA PHE B 274 -20.16 18.40 -29.10
C PHE B 274 -19.53 19.36 -28.10
N SER B 275 -18.33 19.04 -27.66
CA SER B 275 -17.54 19.96 -26.85
C SER B 275 -16.61 20.77 -27.74
N GLY B 276 -15.77 21.59 -27.09
CA GLY B 276 -14.83 22.40 -27.84
C GLY B 276 -13.85 21.56 -28.65
N SER B 277 -13.22 20.58 -28.01
CA SER B 277 -12.27 19.73 -28.71
C SER B 277 -12.94 18.90 -29.80
N ASP B 278 -14.19 18.48 -29.59
CA ASP B 278 -14.89 17.74 -30.62
C ASP B 278 -15.06 18.59 -31.88
N LEU B 279 -15.45 19.85 -31.70
CA LEU B 279 -15.59 20.75 -32.84
C LEU B 279 -14.23 21.01 -33.49
N LYS B 280 -13.20 21.20 -32.67
CA LYS B 280 -11.85 21.37 -33.20
C LYS B 280 -11.47 20.21 -34.10
N GLU B 281 -11.68 18.98 -33.64
CA GLU B 281 -11.33 17.80 -34.42
C GLU B 281 -12.20 17.70 -35.67
N MET B 282 -13.49 18.03 -35.54
CA MET B 282 -14.38 18.00 -36.69
C MET B 282 -13.87 18.91 -37.80
N CYS B 283 -13.46 20.12 -37.45
CA CYS B 283 -12.97 21.05 -38.47
C CYS B 283 -11.58 20.64 -38.98
N ARG B 284 -10.73 20.12 -38.10
CA ARG B 284 -9.40 19.72 -38.52
C ARG B 284 -9.45 18.55 -39.51
N ASP B 285 -10.33 17.58 -39.26
CA ASP B 285 -10.41 16.45 -40.17
C ASP B 285 -10.94 16.88 -41.53
N ALA B 286 -11.82 17.88 -41.56
CA ALA B 286 -12.31 18.39 -42.83
C ALA B 286 -11.20 19.11 -43.60
N ALA B 287 -10.41 19.93 -42.89
CA ALA B 287 -9.27 20.57 -43.54
C ALA B 287 -8.29 19.53 -44.06
N LEU B 288 -8.09 18.46 -43.30
CA LEU B 288 -7.19 17.39 -43.76
C LEU B 288 -7.76 16.68 -44.97
N LEU B 289 -9.08 16.46 -45.00
CA LEU B 289 -9.71 15.90 -46.17
C LEU B 289 -9.47 16.78 -47.39
N CYS B 290 -9.59 18.09 -47.21
CA CYS B 290 -9.32 19.01 -48.32
C CYS B 290 -7.89 18.86 -48.82
N VAL B 291 -6.91 18.94 -47.90
CA VAL B 291 -5.51 18.88 -48.32
C VAL B 291 -5.19 17.51 -48.93
N ARG B 292 -5.90 16.46 -48.52
CA ARG B 292 -5.72 15.16 -49.14
C ARG B 292 -6.30 15.13 -50.54
N GLU B 293 -7.48 15.75 -50.72
CA GLU B 293 -8.04 15.87 -52.05
C GLU B 293 -7.07 16.60 -52.98
N TYR B 294 -6.36 17.60 -52.45
CA TYR B 294 -5.33 18.26 -53.24
C TYR B 294 -4.30 17.25 -53.74
N VAL B 295 -3.72 16.48 -52.83
CA VAL B 295 -2.74 15.46 -53.19
C VAL B 295 -3.45 14.15 -53.49
N ILE B 308 -4.99 23.10 -50.35
CA ILE B 308 -4.92 24.36 -51.08
C ILE B 308 -6.28 24.69 -51.70
N ARG B 309 -7.33 24.06 -51.18
CA ARG B 309 -8.69 24.27 -51.64
C ARG B 309 -9.53 24.84 -50.50
N PRO B 310 -10.38 25.84 -50.76
CA PRO B 310 -11.22 26.37 -49.70
C PRO B 310 -12.29 25.37 -49.28
N VAL B 311 -12.58 25.35 -47.97
CA VAL B 311 -13.59 24.44 -47.45
C VAL B 311 -14.97 24.86 -47.90
N GLN B 312 -15.68 23.93 -48.55
CA GLN B 312 -16.98 24.20 -49.16
C GLN B 312 -18.14 23.92 -48.21
N GLN B 313 -17.85 23.59 -46.95
CA GLN B 313 -18.87 23.35 -45.92
C GLN B 313 -19.54 22.00 -46.09
N GLN B 314 -19.25 21.30 -47.19
CA GLN B 314 -19.73 19.93 -47.33
C GLN B 314 -18.79 18.96 -46.63
N ASP B 315 -17.49 19.24 -46.67
CA ASP B 315 -16.55 18.46 -45.88
C ASP B 315 -16.85 18.61 -44.39
N LEU B 316 -17.35 19.77 -43.98
CA LEU B 316 -17.73 19.95 -42.58
C LEU B 316 -18.90 19.04 -42.21
N HIS B 317 -19.90 18.94 -43.09
CA HIS B 317 -21.03 18.06 -42.81
C HIS B 317 -20.61 16.60 -42.81
N ARG B 318 -19.73 16.22 -43.74
CA ARG B 318 -19.21 14.86 -43.74
C ARG B 318 -18.43 14.57 -42.46
N ALA B 319 -17.67 15.56 -41.98
CA ALA B 319 -16.94 15.40 -40.73
C ALA B 319 -17.89 15.24 -39.56
N ILE B 320 -18.98 16.01 -39.55
CA ILE B 320 -19.98 15.85 -38.50
C ILE B 320 -20.55 14.45 -38.51
N GLU B 321 -20.91 13.97 -39.70
CA GLU B 321 -21.50 12.63 -39.81
C GLU B 321 -20.51 11.55 -39.38
N LYS B 322 -19.24 11.74 -39.71
CA LYS B 322 -18.22 10.75 -39.33
C LYS B 322 -17.97 10.79 -37.83
N MET B 323 -17.99 11.98 -37.23
CA MET B 323 -17.68 12.10 -35.81
C MET B 323 -18.86 11.67 -34.96
N LYS B 324 -20.08 11.74 -35.50
CA LYS B 324 -21.24 11.30 -34.75
C LYS B 324 -21.14 9.83 -34.37
N LYS B 325 -20.52 9.02 -35.23
CA LYS B 325 -20.40 7.60 -34.94
C LYS B 325 -19.30 7.35 -33.92
N SER B 326 -18.16 8.02 -34.07
CA SER B 326 -17.06 7.84 -33.12
C SER B 326 -17.45 8.32 -31.73
N LYS B 327 -18.20 9.43 -31.65
CA LYS B 327 -18.65 9.92 -30.36
C LYS B 327 -19.55 8.90 -29.67
N ASP B 328 -20.39 8.21 -30.45
CA ASP B 328 -21.27 7.16 -29.92
C ASP B 328 -20.52 5.83 -29.84
N ALA B 329 -19.38 5.88 -29.15
CA ALA B 329 -18.54 4.69 -29.02
C ALA B 329 -19.09 3.75 -27.95
N ALA B 330 -19.49 4.31 -26.81
CA ALA B 330 -19.98 3.47 -25.71
C ALA B 330 -21.27 2.75 -26.10
N PHE B 331 -22.16 3.45 -26.81
CA PHE B 331 -23.44 2.87 -27.22
C PHE B 331 -23.51 2.76 -28.74
N PRO C 23 30.08 12.60 8.17
CA PRO C 23 29.37 13.74 8.75
C PRO C 23 28.21 14.21 7.88
N THR C 24 27.12 13.46 7.89
CA THR C 24 25.94 13.81 7.12
C THR C 24 24.88 14.44 8.03
N ARG C 25 23.81 14.94 7.43
CA ARG C 25 22.76 15.64 8.16
C ARG C 25 23.37 16.79 8.98
N LYS C 26 24.06 17.69 8.29
CA LYS C 26 24.62 18.89 8.89
C LYS C 26 23.85 20.14 8.52
N GLN C 27 22.66 19.99 7.95
CA GLN C 27 21.76 21.11 7.74
C GLN C 27 21.22 21.66 9.05
N LYS C 28 21.56 21.03 10.19
CA LYS C 28 21.06 21.50 11.48
C LYS C 28 21.63 22.87 11.83
N VAL C 29 22.58 23.37 11.03
CA VAL C 29 23.15 24.69 11.31
C VAL C 29 22.14 25.78 10.99
N GLU C 30 21.46 25.69 9.85
CA GLU C 30 20.48 26.70 9.48
C GLU C 30 19.29 26.66 10.43
N ALA C 31 18.76 25.46 10.70
CA ALA C 31 17.66 25.33 11.65
C ALA C 31 18.10 25.80 13.03
N GLN C 32 19.34 25.53 13.42
CA GLN C 32 19.85 25.98 14.70
C GLN C 32 19.83 27.49 14.78
N LYS C 33 20.37 28.17 13.77
CA LYS C 33 20.36 29.63 13.76
C LYS C 33 18.94 30.17 13.82
N GLN C 34 18.05 29.67 12.96
CA GLN C 34 16.69 30.16 12.93
C GLN C 34 16.00 29.99 14.28
N ALA C 35 16.09 28.78 14.84
CA ALA C 35 15.44 28.50 16.12
C ALA C 35 16.03 29.33 17.23
N GLU C 36 17.35 29.53 17.24
CA GLU C 36 17.97 30.35 18.26
C GLU C 36 17.48 31.78 18.20
N LYS C 37 17.42 32.36 16.99
CA LYS C 37 16.94 33.72 16.86
C LYS C 37 15.48 33.83 17.30
N LEU C 38 14.64 32.87 16.87
CA LEU C 38 13.23 32.91 17.24
C LEU C 38 13.04 32.77 18.75
N MET C 39 13.82 31.88 19.37
CA MET C 39 13.68 31.64 20.81
C MET C 39 14.20 32.83 21.61
N LYS C 40 15.22 33.51 21.09
CA LYS C 40 15.68 34.74 21.74
C LYS C 40 14.66 35.86 21.57
N GLN C 41 13.97 35.89 20.43
CA GLN C 41 12.95 36.91 20.21
C GLN C 41 11.76 36.70 21.14
N ILE C 42 11.27 35.46 21.24
CA ILE C 42 10.09 35.21 22.07
C ILE C 42 10.38 35.55 23.52
N GLY C 43 11.63 35.41 23.95
CA GLY C 43 12.01 35.74 25.31
C GLY C 43 12.04 34.53 26.23
N VAL C 44 13.24 34.07 26.58
CA VAL C 44 13.41 32.91 27.45
C VAL C 44 14.69 33.08 28.24
N LYS C 45 14.89 32.18 29.20
CA LYS C 45 16.15 32.11 29.93
C LYS C 45 17.16 31.28 29.13
N ASN C 46 18.36 31.15 29.69
CA ASN C 46 19.44 30.45 29.01
C ASN C 46 19.27 28.94 29.10
N VAL C 47 18.20 28.41 28.51
CA VAL C 47 18.00 26.97 28.48
C VAL C 47 18.91 26.35 27.43
N LYS C 48 19.45 25.17 27.73
CA LYS C 48 20.44 24.52 26.87
C LYS C 48 19.72 23.50 25.99
N LEU C 49 19.74 23.74 24.68
CA LEU C 49 19.20 22.84 23.68
C LEU C 49 20.27 22.61 22.62
N SER C 50 20.64 21.34 22.42
CA SER C 50 21.86 21.07 21.65
C SER C 50 21.62 20.83 20.16
N GLU C 51 20.93 19.74 19.81
CA GLU C 51 20.81 19.34 18.40
C GLU C 51 19.37 19.24 17.95
N TYR C 52 18.54 18.44 18.62
CA TYR C 52 17.22 18.11 18.06
C TYR C 52 16.14 19.00 18.65
N GLU C 53 16.17 19.22 19.96
CA GLU C 53 15.30 20.22 20.55
C GLU C 53 15.46 21.55 19.83
N MET C 54 16.69 21.87 19.41
CA MET C 54 16.91 23.07 18.61
C MET C 54 16.21 22.95 17.26
N SER C 55 16.33 21.79 16.61
CA SER C 55 15.68 21.60 15.31
C SER C 55 14.18 21.84 15.41
N ILE C 56 13.57 21.41 16.52
CA ILE C 56 12.14 21.64 16.69
C ILE C 56 11.84 23.06 17.14
N ALA C 57 12.77 23.72 17.84
CA ALA C 57 12.51 25.06 18.35
C ALA C 57 12.30 26.05 17.21
N ALA C 58 12.73 25.70 16.00
CA ALA C 58 12.52 26.58 14.85
C ALA C 58 11.05 26.78 14.54
N HIS C 59 10.17 25.97 15.14
CA HIS C 59 8.74 26.02 14.86
C HIS C 59 7.96 26.83 15.88
N LEU C 60 8.61 27.38 16.89
CA LEU C 60 7.89 28.19 17.89
C LEU C 60 7.22 29.37 17.22
N VAL C 61 5.95 29.58 17.57
CA VAL C 61 5.15 30.67 17.03
C VAL C 61 5.15 31.80 18.05
N ASP C 62 5.54 32.99 17.61
CA ASP C 62 5.61 34.13 18.51
C ASP C 62 4.20 34.70 18.72
N PRO C 63 3.81 35.04 19.95
CA PRO C 63 2.44 35.53 20.16
C PRO C 63 2.13 36.82 19.42
N LEU C 64 3.11 37.72 19.29
CA LEU C 64 2.82 39.01 18.66
C LEU C 64 2.47 38.86 17.19
N ASN C 65 2.95 37.79 16.54
CA ASN C 65 2.64 37.59 15.13
C ASN C 65 1.14 37.34 14.93
N MET C 66 0.51 36.62 15.87
CA MET C 66 -0.91 36.34 15.76
C MET C 66 -1.71 37.63 15.88
N HIS C 67 -2.63 37.83 14.94
CA HIS C 67 -3.47 39.02 14.90
C HIS C 67 -4.91 38.75 15.29
N VAL C 68 -5.20 37.58 15.85
CA VAL C 68 -6.55 37.18 16.23
C VAL C 68 -6.59 37.02 17.75
N THR C 69 -7.73 37.39 18.34
CA THR C 69 -7.95 37.28 19.77
C THR C 69 -9.34 36.70 20.02
N TRP C 70 -9.71 36.62 21.31
CA TRP C 70 -11.01 36.09 21.66
C TRP C 70 -12.15 36.90 21.06
N SER C 71 -11.93 38.20 20.80
CA SER C 71 -12.98 39.01 20.20
C SER C 71 -13.19 38.64 18.74
N ASP C 72 -12.12 38.32 18.01
CA ASP C 72 -12.25 37.92 16.62
C ASP C 72 -13.05 36.63 16.49
N ILE C 73 -12.97 35.76 17.48
CA ILE C 73 -13.79 34.55 17.50
C ILE C 73 -15.15 34.88 18.06
N ALA C 74 -16.20 34.61 17.28
CA ALA C 74 -17.56 34.87 17.70
C ALA C 74 -18.45 33.72 17.28
N GLY C 75 -19.74 33.85 17.60
CA GLY C 75 -20.73 32.84 17.30
C GLY C 75 -20.79 31.71 18.31
N LEU C 76 -19.64 31.32 18.88
CA LEU C 76 -19.57 30.26 19.88
C LEU C 76 -19.00 30.86 21.16
N ASP C 77 -19.84 30.95 22.19
CA ASP C 77 -19.44 31.52 23.48
C ASP C 77 -19.28 30.48 24.57
N ASP C 78 -20.21 29.54 24.69
CA ASP C 78 -20.10 28.52 25.73
C ASP C 78 -18.81 27.72 25.57
N VAL C 79 -18.48 27.34 24.34
CA VAL C 79 -17.23 26.62 24.10
C VAL C 79 -16.04 27.50 24.43
N ILE C 80 -16.10 28.77 24.06
CA ILE C 80 -14.99 29.67 24.31
C ILE C 80 -14.80 29.87 25.82
N THR C 81 -15.90 30.01 26.56
CA THR C 81 -15.80 30.17 28.00
C THR C 81 -15.28 28.91 28.66
N ASP C 82 -15.74 27.74 28.21
CA ASP C 82 -15.26 26.48 28.77
C ASP C 82 -13.76 26.33 28.54
N LEU C 83 -13.29 26.69 27.33
CA LEU C 83 -11.86 26.59 27.05
C LEU C 83 -11.07 27.62 27.83
N LYS C 84 -11.63 28.81 28.04
CA LYS C 84 -10.95 29.84 28.82
C LYS C 84 -10.87 29.50 30.30
N ASP C 85 -11.81 28.72 30.81
CA ASP C 85 -11.87 28.39 32.23
C ASP C 85 -11.15 27.09 32.57
N THR C 86 -11.26 26.07 31.72
CA THR C 86 -10.74 24.75 32.09
C THR C 86 -9.28 24.58 31.70
N VAL C 87 -8.89 25.10 30.53
CA VAL C 87 -7.58 24.79 29.97
C VAL C 87 -6.54 25.88 30.19
N ILE C 88 -6.94 27.13 30.38
CA ILE C 88 -6.00 28.24 30.50
C ILE C 88 -5.94 28.81 31.91
N LEU C 89 -7.08 28.92 32.60
CA LEU C 89 -7.05 29.43 33.97
C LEU C 89 -6.09 28.65 34.86
N PRO C 90 -5.99 27.32 34.77
CA PRO C 90 -4.99 26.62 35.58
C PRO C 90 -3.57 27.12 35.34
N ILE C 91 -3.26 27.53 34.11
CA ILE C 91 -1.94 28.08 33.84
C ILE C 91 -1.77 29.43 34.51
N LYS C 92 -2.87 30.17 34.67
CA LYS C 92 -2.81 31.47 35.32
C LYS C 92 -2.93 31.34 36.83
N LYS C 93 -3.88 30.54 37.29
CA LYS C 93 -4.11 30.34 38.73
C LYS C 93 -3.28 29.17 39.26
N LYS C 94 -1.96 29.36 39.23
CA LYS C 94 -1.05 28.32 39.71
C LYS C 94 -1.01 28.29 41.23
N HIS C 95 -1.34 29.41 41.88
CA HIS C 95 -1.28 29.51 43.32
C HIS C 95 -2.42 28.74 43.99
N LEU C 96 -3.37 28.26 43.21
CA LEU C 96 -4.57 27.63 43.74
C LEU C 96 -4.63 26.13 43.53
N PHE C 97 -3.80 25.58 42.64
CA PHE C 97 -3.89 24.17 42.27
C PHE C 97 -2.68 23.35 42.69
N GLU C 98 -1.69 23.97 43.33
CA GLU C 98 -0.59 23.19 43.89
C GLU C 98 -1.06 22.36 45.09
N ASN C 99 -2.14 22.79 45.74
CA ASN C 99 -2.65 22.05 46.88
C ASN C 99 -3.42 20.81 46.44
N SER C 100 -4.24 20.93 45.39
CA SER C 100 -5.07 19.84 44.91
C SER C 100 -4.38 19.17 43.72
N ARG C 101 -4.23 17.85 43.80
CA ARG C 101 -3.61 17.11 42.70
C ARG C 101 -4.58 16.90 41.56
N LEU C 102 -5.85 16.68 41.86
CA LEU C 102 -6.86 16.36 40.86
C LEU C 102 -7.34 17.59 40.09
N LEU C 103 -6.89 18.79 40.44
CA LEU C 103 -7.35 20.02 39.82
C LEU C 103 -6.32 20.63 38.87
N GLN C 104 -5.35 19.84 38.41
CA GLN C 104 -4.35 20.33 37.47
C GLN C 104 -4.97 20.34 36.07
N PRO C 105 -4.33 21.00 35.11
CA PRO C 105 -4.91 21.11 33.77
C PRO C 105 -4.88 19.79 33.05
N PRO C 106 -5.77 19.57 32.08
CA PRO C 106 -5.81 18.29 31.39
C PRO C 106 -4.64 18.14 30.43
N LYS C 107 -4.13 16.92 30.33
CA LYS C 107 -2.98 16.62 29.47
C LYS C 107 -3.49 16.37 28.06
N GLY C 108 -4.03 17.41 27.43
CA GLY C 108 -4.50 17.31 26.06
C GLY C 108 -5.97 17.61 25.89
N VAL C 109 -6.27 18.52 24.97
CA VAL C 109 -7.64 18.88 24.63
C VAL C 109 -7.72 19.09 23.12
N LEU C 110 -8.67 18.43 22.47
CA LEU C 110 -8.78 18.45 21.02
C LEU C 110 -10.14 19.01 20.61
N LEU C 111 -10.18 19.60 19.43
CA LEU C 111 -11.39 20.19 18.87
C LEU C 111 -11.75 19.44 17.59
N TYR C 112 -13.03 19.07 17.47
CA TYR C 112 -13.50 18.25 16.37
C TYR C 112 -14.84 18.78 15.86
N GLY C 113 -15.21 18.32 14.67
CA GLY C 113 -16.42 18.75 14.02
C GLY C 113 -16.27 18.81 12.51
N PRO C 114 -17.16 19.51 11.83
CA PRO C 114 -17.07 19.64 10.38
C PRO C 114 -15.98 20.62 9.97
N PRO C 115 -15.49 20.52 8.74
CA PRO C 115 -14.37 21.38 8.33
C PRO C 115 -14.74 22.85 8.36
N GLY C 116 -13.99 23.63 9.15
CA GLY C 116 -14.12 25.06 9.21
C GLY C 116 -14.62 25.50 10.56
N CYS C 117 -15.25 26.68 10.56
CA CYS C 117 -15.90 27.26 11.74
C CYS C 117 -15.01 27.25 12.98
N GLY C 118 -13.77 27.72 12.86
CA GLY C 118 -13.00 28.16 14.01
C GLY C 118 -12.03 27.15 14.60
N LYS C 119 -11.97 25.92 14.07
CA LYS C 119 -11.07 24.93 14.66
C LYS C 119 -9.63 25.43 14.66
N THR C 120 -9.10 25.78 13.49
CA THR C 120 -7.74 26.29 13.37
C THR C 120 -7.64 27.76 13.81
N LEU C 121 -8.76 28.41 14.06
CA LEU C 121 -8.77 29.80 14.51
C LEU C 121 -8.79 29.93 16.03
N ILE C 122 -9.46 29.01 16.73
CA ILE C 122 -9.45 29.05 18.19
C ILE C 122 -8.03 28.85 18.71
N ALA C 123 -7.27 27.96 18.08
CA ALA C 123 -5.88 27.76 18.48
C ALA C 123 -5.03 28.98 18.16
N LYS C 124 -5.31 29.63 17.02
CA LYS C 124 -4.60 30.86 16.67
C LYS C 124 -4.85 31.93 17.72
N ALA C 125 -6.08 32.02 18.23
CA ALA C 125 -6.38 32.99 19.27
C ALA C 125 -5.74 32.59 20.59
N THR C 126 -5.73 31.29 20.89
CA THR C 126 -5.11 30.81 22.13
C THR C 126 -3.63 31.16 22.16
N ALA C 127 -2.92 30.95 21.05
CA ALA C 127 -1.49 31.23 21.00
C ALA C 127 -1.18 32.62 21.49
N LYS C 128 -2.08 33.58 21.22
CA LYS C 128 -1.84 34.96 21.63
C LYS C 128 -2.36 35.20 23.04
N GLU C 129 -3.54 34.66 23.37
CA GLU C 129 -4.21 35.07 24.59
C GLU C 129 -3.67 34.34 25.82
N ALA C 130 -3.36 33.05 25.68
CA ALA C 130 -3.00 32.23 26.83
C ALA C 130 -1.57 32.49 27.32
N GLY C 131 -0.78 33.26 26.58
CA GLY C 131 0.55 33.64 27.06
C GLY C 131 1.45 32.47 27.36
N CYS C 132 1.27 31.37 26.65
CA CYS C 132 2.13 30.19 26.80
C CYS C 132 3.30 30.24 25.82
N ARG C 133 3.97 29.10 25.64
CA ARG C 133 5.14 28.98 24.77
C ARG C 133 4.72 28.15 23.56
N PHE C 134 3.53 28.47 23.04
CA PHE C 134 2.93 27.78 21.91
C PHE C 134 3.97 27.36 20.88
N ILE C 135 3.91 26.10 20.46
CA ILE C 135 4.81 25.54 19.46
C ILE C 135 3.96 24.75 18.47
N ASN C 136 4.07 25.09 17.19
CA ASN C 136 3.36 24.37 16.14
C ASN C 136 4.22 23.22 15.65
N LEU C 137 3.73 21.99 15.84
CA LEU C 137 4.56 20.82 15.56
C LEU C 137 4.88 20.70 14.07
N GLN C 138 3.88 20.90 13.22
CA GLN C 138 4.09 20.73 11.78
C GLN C 138 4.66 19.33 11.51
N PRO C 139 3.83 18.28 11.60
CA PRO C 139 4.34 16.91 11.53
C PRO C 139 5.43 16.67 10.49
N SER C 140 5.40 17.43 9.39
CA SER C 140 6.38 17.23 8.33
C SER C 140 7.81 17.28 8.85
N THR C 141 8.11 18.20 9.78
CA THR C 141 9.47 18.32 10.26
C THR C 141 9.93 17.08 11.01
N LEU C 142 8.99 16.32 11.57
CA LEU C 142 9.37 15.12 12.31
C LEU C 142 9.96 14.05 11.39
N THR C 143 9.29 13.78 10.28
CA THR C 143 9.74 12.76 9.36
C THR C 143 11.09 13.14 8.75
N ASP C 144 11.98 12.16 8.66
CA ASP C 144 13.31 12.36 8.11
C ASP C 144 13.74 11.12 7.35
N LYS C 145 14.45 11.33 6.23
CA LYS C 145 14.88 10.20 5.41
C LYS C 145 15.90 9.34 6.14
N TRP C 146 16.81 9.97 6.87
CA TRP C 146 17.86 9.23 7.55
C TRP C 146 17.26 8.30 8.61
N TYR C 147 18.03 7.28 8.98
CA TYR C 147 17.55 6.23 9.86
C TYR C 147 17.60 6.68 11.31
N GLY C 148 16.45 6.60 12.00
CA GLY C 148 16.39 6.85 13.42
C GLY C 148 16.19 8.30 13.82
N GLU C 149 16.25 9.24 12.87
CA GLU C 149 16.11 10.64 13.22
C GLU C 149 14.68 10.97 13.63
N SER C 150 13.69 10.32 13.01
CA SER C 150 12.30 10.63 13.31
C SER C 150 11.98 10.38 14.78
N GLN C 151 12.40 9.23 15.30
CA GLN C 151 12.13 8.90 16.70
C GLN C 151 12.82 9.87 17.64
N LYS C 152 14.07 10.24 17.33
CA LYS C 152 14.81 11.15 18.19
C LYS C 152 14.16 12.54 18.19
N LEU C 153 13.66 12.99 17.04
CA LEU C 153 12.96 14.26 17.00
C LEU C 153 11.63 14.20 17.75
N ALA C 154 10.92 13.07 17.62
CA ALA C 154 9.70 12.89 18.41
C ALA C 154 10.00 12.99 19.91
N ALA C 155 11.11 12.42 20.34
CA ALA C 155 11.51 12.55 21.74
C ALA C 155 11.84 13.99 22.08
N ALA C 156 12.66 14.64 21.25
CA ALA C 156 13.08 16.01 21.52
C ALA C 156 11.89 16.94 21.62
N VAL C 157 10.80 16.64 20.90
CA VAL C 157 9.60 17.47 20.99
C VAL C 157 9.14 17.58 22.44
N PHE C 158 8.81 16.44 23.05
CA PHE C 158 8.33 16.45 24.43
C PHE C 158 9.43 16.89 25.40
N SER C 159 10.69 16.57 25.08
CA SER C 159 11.79 17.04 25.91
C SER C 159 11.78 18.56 26.03
N LEU C 160 11.73 19.24 24.89
CA LEU C 160 11.66 20.70 24.90
C LEU C 160 10.38 21.18 25.57
N ALA C 161 9.26 20.51 25.29
CA ALA C 161 8.00 20.90 25.92
C ALA C 161 8.13 20.95 27.43
N ILE C 162 8.72 19.92 28.03
CA ILE C 162 8.89 19.93 29.49
C ILE C 162 10.04 20.85 29.89
N LYS C 163 10.94 21.15 28.95
CA LYS C 163 12.08 22.01 29.24
C LYS C 163 11.64 23.45 29.44
N LEU C 164 10.66 23.91 28.67
CA LEU C 164 10.21 25.30 28.75
C LEU C 164 8.71 25.34 29.04
N GLN C 165 8.27 24.54 30.00
CA GLN C 165 6.89 24.60 30.43
C GLN C 165 6.62 25.92 31.16
N PRO C 166 5.37 26.41 31.15
CA PRO C 166 4.19 25.81 30.51
C PRO C 166 4.11 26.11 29.02
N SER C 167 4.00 25.07 28.21
CA SER C 167 3.94 25.20 26.76
C SER C 167 2.75 24.42 26.23
N ILE C 168 2.34 24.76 25.01
CA ILE C 168 1.25 24.09 24.31
C ILE C 168 1.76 23.66 22.94
N ILE C 169 1.63 22.37 22.65
CA ILE C 169 1.98 21.81 21.35
C ILE C 169 0.70 21.66 20.54
N PHE C 170 0.72 22.18 19.31
CA PHE C 170 -0.42 22.12 18.42
C PHE C 170 -0.06 21.30 17.19
N ILE C 171 -0.95 20.40 16.81
CA ILE C 171 -0.78 19.52 15.66
C ILE C 171 -2.03 19.62 14.81
N ASP C 172 -1.95 20.37 13.73
CA ASP C 172 -3.08 20.46 12.81
C ASP C 172 -3.26 19.15 12.06
N GLN C 173 -4.51 18.73 11.92
CA GLN C 173 -4.84 17.44 11.31
C GLN C 173 -4.19 16.29 12.08
N ILE C 174 -4.61 16.15 13.33
CA ILE C 174 -4.07 15.11 14.19
C ILE C 174 -4.36 13.73 13.61
N ASP C 175 -5.58 13.55 13.10
CA ASP C 175 -5.98 12.24 12.61
C ASP C 175 -5.11 11.76 11.45
N SER C 176 -4.78 12.65 10.51
CA SER C 176 -3.95 12.26 9.38
C SER C 176 -2.57 11.83 9.85
N PHE C 177 -2.02 12.51 10.86
CA PHE C 177 -0.70 12.17 11.38
C PHE C 177 -0.78 10.94 12.27
N LEU C 178 -1.56 11.03 13.36
CA LEU C 178 -1.67 9.94 14.33
C LEU C 178 -2.89 9.09 14.00
N ARG C 179 -2.80 8.41 12.86
CA ARG C 179 -3.88 7.54 12.42
C ARG C 179 -3.87 6.22 13.20
N ASN C 180 -4.89 5.41 12.97
CA ASN C 180 -5.00 4.13 13.65
C ASN C 180 -3.79 3.26 13.33
N ARG C 181 -3.29 2.58 14.35
CA ARG C 181 -2.16 1.67 14.15
C ARG C 181 -2.59 0.49 13.28
N SER C 182 -1.82 0.26 12.21
CA SER C 182 -2.12 -0.83 11.28
C SER C 182 -0.83 -1.54 10.93
N SER C 183 -0.96 -2.61 10.14
CA SER C 183 0.21 -3.37 9.72
C SER C 183 0.92 -2.68 8.56
N SER C 184 0.18 -1.92 7.75
CA SER C 184 0.73 -1.28 6.57
C SER C 184 1.18 0.16 6.88
N ASP C 185 2.20 0.25 7.74
CA ASP C 185 2.82 1.52 8.08
C ASP C 185 4.32 1.32 8.25
N HIS C 186 5.09 2.31 7.81
CA HIS C 186 6.54 2.21 7.91
C HIS C 186 6.96 2.02 9.36
N GLU C 187 8.01 1.22 9.57
CA GLU C 187 8.44 0.92 10.92
C GLU C 187 8.80 2.19 11.69
N ALA C 188 9.44 3.14 11.02
CA ALA C 188 9.82 4.38 11.70
C ALA C 188 8.59 5.18 12.12
N THR C 189 7.60 5.31 11.23
CA THR C 189 6.40 6.07 11.56
C THR C 189 5.67 5.44 12.74
N ALA C 190 5.48 4.12 12.72
CA ALA C 190 4.78 3.46 13.82
C ALA C 190 5.58 3.56 15.11
N MET C 191 6.89 3.44 15.03
CA MET C 191 7.73 3.54 16.22
C MET C 191 7.61 4.93 16.83
N MET C 192 7.63 5.97 16.00
CA MET C 192 7.49 7.32 16.51
C MET C 192 6.09 7.57 17.06
N LYS C 193 5.08 7.01 16.42
CA LYS C 193 3.71 7.18 16.91
C LYS C 193 3.52 6.50 18.27
N ALA C 194 4.20 5.37 18.48
CA ALA C 194 4.13 4.70 19.77
C ALA C 194 4.98 5.43 20.82
N GLN C 195 6.10 6.01 20.38
CA GLN C 195 6.92 6.80 21.30
C GLN C 195 6.16 8.02 21.79
N PHE C 196 5.37 8.65 20.91
CA PHE C 196 4.49 9.73 21.35
C PHE C 196 3.58 9.26 22.48
N MET C 197 2.90 8.13 22.27
CA MET C 197 2.00 7.59 23.29
C MET C 197 2.74 7.33 24.60
N SER C 198 3.94 6.77 24.51
CA SER C 198 4.68 6.39 25.72
C SER C 198 5.21 7.63 26.46
N LEU C 199 5.63 8.66 25.73
CA LEU C 199 6.22 9.82 26.37
C LEU C 199 5.15 10.78 26.87
N TRP C 200 3.95 10.73 26.29
CA TRP C 200 2.91 11.69 26.66
C TRP C 200 2.34 11.39 28.03
N ASP C 201 1.92 10.15 28.27
CA ASP C 201 1.28 9.80 29.54
C ASP C 201 1.82 8.49 30.11
N GLY C 202 2.97 8.02 29.63
CA GLY C 202 3.47 6.71 30.03
C GLY C 202 4.23 6.71 31.34
N LEU C 203 5.43 6.11 31.34
CA LEU C 203 6.14 5.82 32.57
C LEU C 203 6.47 7.09 33.35
N ASP C 204 7.32 7.93 32.78
CA ASP C 204 7.85 9.12 33.47
C ASP C 204 7.17 10.35 32.87
N THR C 205 6.12 10.81 33.52
CA THR C 205 5.35 11.97 33.06
C THR C 205 4.29 12.29 34.09
N ASP C 206 3.54 13.36 33.85
CA ASP C 206 2.39 13.74 34.68
C ASP C 206 2.78 13.86 36.14
N HIS C 207 3.86 14.59 36.42
CA HIS C 207 4.15 14.95 37.81
C HIS C 207 3.49 16.31 38.07
N SER C 208 3.97 17.37 37.42
CA SER C 208 3.08 18.47 37.05
C SER C 208 3.22 18.75 35.55
N CYS C 209 4.42 19.18 35.15
CA CYS C 209 4.91 19.30 33.78
C CYS C 209 4.10 20.26 32.92
N GLN C 210 2.93 20.69 33.39
CA GLN C 210 2.12 21.73 32.74
C GLN C 210 2.20 21.65 31.20
N VAL C 211 2.19 20.43 30.66
CA VAL C 211 2.29 20.23 29.22
C VAL C 211 0.98 19.64 28.71
N ILE C 212 0.33 20.34 27.79
CA ILE C 212 -0.95 19.93 27.24
C ILE C 212 -0.81 19.97 25.72
N VAL C 213 -1.14 18.85 25.07
CA VAL C 213 -1.05 18.71 23.62
C VAL C 213 -2.44 18.77 23.03
N MET C 214 -2.71 19.81 22.23
CA MET C 214 -4.01 19.99 21.60
C MET C 214 -3.85 19.86 20.10
N GLY C 215 -4.92 19.39 19.44
CA GLY C 215 -4.92 19.22 18.01
C GLY C 215 -6.29 19.52 17.43
N ALA C 216 -6.28 19.84 16.15
CA ALA C 216 -7.50 20.15 15.40
C ALA C 216 -7.67 19.15 14.28
N THR C 217 -8.93 18.75 14.05
CA THR C 217 -9.24 17.78 13.02
C THR C 217 -10.71 17.94 12.62
N ASN C 218 -11.04 17.34 11.49
CA ASN C 218 -12.41 17.33 10.98
C ASN C 218 -12.95 15.93 10.76
N ARG C 219 -12.13 14.90 10.92
CA ARG C 219 -12.56 13.51 10.84
C ARG C 219 -12.11 12.79 12.11
N PRO C 220 -12.74 13.09 13.24
CA PRO C 220 -12.25 12.53 14.51
C PRO C 220 -12.44 11.04 14.63
N GLN C 221 -13.39 10.46 13.87
CA GLN C 221 -13.69 9.05 14.04
C GLN C 221 -12.50 8.16 13.70
N ASP C 222 -11.69 8.56 12.73
CA ASP C 222 -10.53 7.79 12.32
C ASP C 222 -9.25 8.21 13.06
N LEU C 223 -9.37 8.93 14.17
CA LEU C 223 -8.20 9.36 14.91
C LEU C 223 -7.41 8.17 15.42
N ASP C 224 -7.98 7.42 16.35
CA ASP C 224 -7.30 6.27 16.94
C ASP C 224 -8.24 5.62 17.93
N SER C 225 -7.82 4.46 18.45
CA SER C 225 -8.62 3.76 19.46
C SER C 225 -8.36 4.32 20.84
N ALA C 226 -7.12 4.77 21.11
CA ALA C 226 -6.73 5.24 22.43
C ALA C 226 -6.16 6.64 22.47
N ILE C 227 -5.54 7.12 21.39
CA ILE C 227 -5.03 8.49 21.39
C ILE C 227 -6.17 9.47 21.64
N MET C 228 -7.40 9.09 21.26
CA MET C 228 -8.56 9.90 21.61
C MET C 228 -8.67 10.05 23.13
N ARG C 229 -8.37 8.99 23.87
CA ARG C 229 -8.34 9.09 25.33
C ARG C 229 -7.18 9.95 25.81
N ARG C 230 -6.05 9.94 25.11
CA ARG C 230 -4.93 10.79 25.50
C ARG C 230 -5.33 12.25 25.52
N MET C 231 -6.37 12.61 24.79
CA MET C 231 -6.98 13.94 24.86
C MET C 231 -8.38 13.79 25.45
N PRO C 232 -8.51 13.65 26.77
CA PRO C 232 -9.84 13.37 27.35
C PRO C 232 -10.87 14.44 27.05
N THR C 233 -10.57 15.69 27.40
CA THR C 233 -11.49 16.78 27.11
C THR C 233 -11.48 17.09 25.62
N ARG C 234 -12.66 17.14 25.02
CA ARG C 234 -12.80 17.44 23.60
C ARG C 234 -13.94 18.41 23.41
N PHE C 235 -13.76 19.34 22.48
CA PHE C 235 -14.77 20.35 22.17
C PHE C 235 -15.28 20.14 20.74
N HIS C 236 -16.60 20.11 20.59
CA HIS C 236 -17.24 19.94 19.30
C HIS C 236 -17.68 21.30 18.79
N ILE C 237 -17.14 21.71 17.64
CA ILE C 237 -17.52 22.96 17.01
C ILE C 237 -18.67 22.68 16.05
N ASN C 238 -19.89 22.96 16.50
CA ASN C 238 -21.07 22.62 15.71
C ASN C 238 -21.07 23.35 14.38
N GLN C 239 -21.72 22.75 13.40
CA GLN C 239 -21.93 23.41 12.13
C GLN C 239 -22.78 24.66 12.36
N PRO C 240 -22.42 25.82 11.80
CA PRO C 240 -23.13 27.04 12.17
C PRO C 240 -24.63 26.93 11.96
N ALA C 241 -25.38 27.08 13.05
CA ALA C 241 -26.83 27.19 12.98
C ALA C 241 -27.22 28.66 12.80
N LEU C 242 -28.52 28.94 12.94
CA LEU C 242 -29.04 30.24 12.53
C LEU C 242 -28.45 31.39 13.36
N LYS C 243 -28.65 31.35 14.68
CA LYS C 243 -28.31 32.50 15.50
C LYS C 243 -26.82 32.79 15.50
N GLN C 244 -25.99 31.77 15.70
CA GLN C 244 -24.55 31.98 15.69
C GLN C 244 -24.08 32.39 14.29
N ARG C 245 -24.79 31.93 13.25
CA ARG C 245 -24.46 32.38 11.90
C ARG C 245 -24.68 33.88 11.77
N GLU C 246 -25.83 34.36 12.23
CA GLU C 246 -26.09 35.81 12.19
C GLU C 246 -25.05 36.56 13.01
N ALA C 247 -24.67 36.02 14.17
CA ALA C 247 -23.69 36.69 15.02
C ALA C 247 -22.33 36.78 14.33
N ILE C 248 -21.88 35.68 13.73
CA ILE C 248 -20.57 35.68 13.09
C ILE C 248 -20.59 36.55 11.85
N LEU C 249 -21.74 36.66 11.18
CA LEU C 249 -21.84 37.53 10.01
C LEU C 249 -21.80 38.99 10.43
N LYS C 250 -22.50 39.34 11.51
CA LYS C 250 -22.41 40.69 12.05
C LYS C 250 -20.99 41.00 12.49
N LEU C 251 -20.27 40.00 13.00
CA LEU C 251 -18.86 40.19 13.34
C LEU C 251 -18.08 40.71 12.15
N ILE C 252 -18.19 40.03 11.00
CA ILE C 252 -17.45 40.44 9.81
C ILE C 252 -17.97 41.79 9.33
N LEU C 253 -19.27 42.03 9.44
CA LEU C 253 -19.88 43.26 8.94
C LEU C 253 -19.94 44.32 10.05
N LYS C 254 -18.76 44.69 10.53
CA LYS C 254 -18.62 45.78 11.49
C LYS C 254 -17.62 46.85 11.07
N ASN C 255 -16.55 46.48 10.36
CA ASN C 255 -15.54 47.43 9.92
C ASN C 255 -15.78 47.95 8.51
N GLU C 256 -16.50 47.20 7.68
CA GLU C 256 -16.69 47.58 6.29
C GLU C 256 -17.73 48.70 6.17
N ASN C 257 -17.92 49.17 4.93
CA ASN C 257 -18.79 50.30 4.68
C ASN C 257 -20.24 49.86 4.49
N VAL C 258 -20.59 48.67 4.98
CA VAL C 258 -21.97 48.21 4.91
C VAL C 258 -22.88 49.25 5.57
N ASP C 259 -23.98 49.57 4.89
CA ASP C 259 -24.88 50.60 5.37
C ASP C 259 -25.86 50.04 6.40
N ARG C 260 -26.81 50.89 6.79
CA ARG C 260 -27.82 50.50 7.76
C ARG C 260 -28.98 49.77 7.08
N HIS C 261 -29.97 49.40 7.88
CA HIS C 261 -31.19 48.75 7.41
C HIS C 261 -30.93 47.42 6.73
N VAL C 262 -29.78 46.80 6.99
CA VAL C 262 -29.46 45.48 6.47
C VAL C 262 -30.02 44.46 7.44
N ASP C 263 -31.02 43.71 7.01
CA ASP C 263 -31.67 42.71 7.87
C ASP C 263 -30.73 41.53 8.02
N LEU C 264 -29.81 41.64 8.99
CA LEU C 264 -28.81 40.60 9.18
C LEU C 264 -29.46 39.25 9.45
N LEU C 265 -30.55 39.24 10.22
CA LEU C 265 -31.19 37.98 10.57
C LEU C 265 -31.67 37.24 9.33
N GLU C 266 -32.31 37.95 8.39
CA GLU C 266 -32.84 37.30 7.21
C GLU C 266 -31.72 36.73 6.34
N VAL C 267 -30.70 37.53 6.06
CA VAL C 267 -29.59 37.07 5.23
C VAL C 267 -28.90 35.88 5.89
N ALA C 268 -28.79 35.88 7.22
CA ALA C 268 -28.18 34.76 7.91
C ALA C 268 -29.07 33.52 7.82
N GLN C 269 -30.39 33.71 7.85
CA GLN C 269 -31.31 32.58 7.75
C GLN C 269 -31.28 31.97 6.36
N GLU C 270 -31.09 32.78 5.32
CA GLU C 270 -31.05 32.27 3.97
C GLU C 270 -29.93 31.24 3.79
N THR C 271 -28.77 31.50 4.38
CA THR C 271 -27.62 30.62 4.27
C THR C 271 -27.66 29.58 5.40
N ASP C 272 -28.33 28.46 5.10
CA ASP C 272 -28.54 27.44 6.12
C ASP C 272 -27.33 26.53 6.23
N GLY C 273 -26.98 25.83 5.15
CA GLY C 273 -25.88 24.87 5.23
C GLY C 273 -24.52 25.53 5.26
N PHE C 274 -24.47 26.83 4.96
CA PHE C 274 -23.20 27.55 4.91
C PHE C 274 -22.42 27.37 6.20
N SER C 275 -21.10 27.29 6.08
CA SER C 275 -20.20 27.31 7.21
C SER C 275 -19.75 28.75 7.48
N GLY C 276 -18.76 28.91 8.34
CA GLY C 276 -18.23 30.24 8.61
C GLY C 276 -17.42 30.79 7.46
N SER C 277 -16.48 29.99 6.95
CA SER C 277 -15.68 30.42 5.81
C SER C 277 -16.54 30.68 4.58
N ASP C 278 -17.61 29.92 4.39
CA ASP C 278 -18.53 30.19 3.29
C ASP C 278 -19.23 31.53 3.42
N LEU C 279 -19.67 31.89 4.63
CA LEU C 279 -20.26 33.20 4.85
C LEU C 279 -19.23 34.30 4.61
N LYS C 280 -17.99 34.08 5.06
CA LYS C 280 -16.93 35.05 4.80
C LYS C 280 -16.71 35.24 3.30
N GLU C 281 -16.68 34.13 2.55
CA GLU C 281 -16.51 34.23 1.10
C GLU C 281 -17.68 34.94 0.46
N MET C 282 -18.90 34.67 0.92
CA MET C 282 -20.06 35.36 0.38
C MET C 282 -19.96 36.86 0.60
N CYS C 283 -19.60 37.28 1.81
CA CYS C 283 -19.47 38.71 2.09
C CYS C 283 -18.37 39.33 1.25
N ARG C 284 -17.24 38.63 1.12
CA ARG C 284 -16.15 39.14 0.31
C ARG C 284 -16.57 39.30 -1.16
N ASP C 285 -17.29 38.31 -1.69
CA ASP C 285 -17.74 38.39 -3.08
C ASP C 285 -18.74 39.52 -3.26
N ALA C 286 -19.61 39.74 -2.29
CA ALA C 286 -20.54 40.86 -2.37
C ALA C 286 -19.79 42.19 -2.38
N ALA C 287 -18.78 42.32 -1.51
CA ALA C 287 -18.00 43.56 -1.48
C ALA C 287 -17.26 43.76 -2.80
N LEU C 288 -16.73 42.69 -3.38
CA LEU C 288 -16.02 42.83 -4.65
C LEU C 288 -16.98 43.19 -5.77
N LEU C 289 -18.15 42.58 -5.80
CA LEU C 289 -19.17 42.96 -6.76
C LEU C 289 -19.51 44.45 -6.62
N CYS C 290 -19.63 44.92 -5.38
CA CYS C 290 -19.92 46.33 -5.15
C CYS C 290 -18.81 47.22 -5.69
N VAL C 291 -17.55 46.84 -5.44
CA VAL C 291 -16.43 47.67 -5.89
C VAL C 291 -16.20 47.57 -7.40
N ARG C 292 -16.78 46.57 -8.06
CA ARG C 292 -16.71 46.51 -9.51
C ARG C 292 -17.25 47.79 -10.15
N GLU C 293 -18.38 48.30 -9.63
CA GLU C 293 -18.96 49.50 -10.19
C GLU C 293 -17.97 50.66 -10.17
N TYR C 294 -17.22 50.80 -9.07
CA TYR C 294 -16.25 51.88 -8.99
C TYR C 294 -15.04 51.62 -9.88
N VAL C 295 -14.54 50.37 -9.88
CA VAL C 295 -13.32 50.07 -10.64
C VAL C 295 -13.60 50.19 -12.14
N ASN C 296 -14.86 50.04 -12.55
CA ASN C 296 -15.19 50.18 -13.96
C ASN C 296 -14.91 51.60 -14.46
N SER C 297 -15.41 52.60 -13.75
CA SER C 297 -15.21 53.99 -14.14
C SER C 297 -13.72 54.34 -14.12
N ILE C 308 -16.35 52.11 -3.58
CA ILE C 308 -16.82 53.12 -2.65
C ILE C 308 -18.34 53.24 -2.74
N ARG C 309 -19.04 52.27 -2.15
CA ARG C 309 -20.50 52.24 -2.17
C ARG C 309 -21.00 51.22 -1.16
N PRO C 310 -22.10 51.49 -0.47
CA PRO C 310 -22.57 50.54 0.55
C PRO C 310 -23.21 49.30 -0.06
N VAL C 311 -23.15 48.20 0.69
CA VAL C 311 -23.76 46.93 0.30
C VAL C 311 -25.17 46.88 0.90
N GLN C 312 -26.18 47.29 0.12
CA GLN C 312 -27.53 47.48 0.63
C GLN C 312 -28.36 46.20 0.44
N GLN C 313 -27.78 45.08 0.87
CA GLN C 313 -28.51 43.82 1.02
C GLN C 313 -28.97 43.24 -0.32
N GLN C 314 -28.76 43.97 -1.43
CA GLN C 314 -29.20 43.48 -2.73
C GLN C 314 -28.10 42.69 -3.42
N ASP C 315 -26.95 43.33 -3.64
CA ASP C 315 -25.79 42.59 -4.13
C ASP C 315 -25.46 41.43 -3.20
N LEU C 316 -25.70 41.60 -1.90
CA LEU C 316 -25.45 40.52 -0.94
C LEU C 316 -26.38 39.34 -1.20
N HIS C 317 -27.69 39.61 -1.25
CA HIS C 317 -28.66 38.54 -1.47
C HIS C 317 -28.46 37.88 -2.83
N ARG C 318 -27.94 38.63 -3.79
CA ARG C 318 -27.71 38.06 -5.12
C ARG C 318 -26.44 37.22 -5.16
N ALA C 319 -25.39 37.65 -4.44
CA ALA C 319 -24.20 36.82 -4.32
C ALA C 319 -24.48 35.56 -3.52
N ILE C 320 -25.48 35.60 -2.64
CA ILE C 320 -25.90 34.39 -1.95
C ILE C 320 -26.34 33.35 -2.97
N GLU C 321 -27.04 33.78 -4.03
CA GLU C 321 -27.48 32.83 -5.04
C GLU C 321 -26.30 32.25 -5.81
N LYS C 322 -25.31 33.09 -6.12
CA LYS C 322 -24.12 32.59 -6.81
C LYS C 322 -23.38 31.59 -5.94
N MET C 323 -23.23 31.88 -4.64
CA MET C 323 -22.55 30.95 -3.74
C MET C 323 -23.35 29.66 -3.57
N LYS C 324 -24.68 29.75 -3.64
CA LYS C 324 -25.50 28.54 -3.57
C LYS C 324 -25.28 27.68 -4.82
N LYS C 325 -25.36 28.29 -6.00
CA LYS C 325 -25.08 27.56 -7.23
C LYS C 325 -23.69 26.94 -7.18
N SER C 326 -22.73 27.65 -6.57
CA SER C 326 -21.37 27.15 -6.49
C SER C 326 -21.28 25.98 -5.52
N LYS C 327 -22.06 26.00 -4.44
CA LYS C 327 -22.03 24.91 -3.48
C LYS C 327 -22.61 23.64 -4.07
N ASP C 328 -23.72 23.75 -4.79
CA ASP C 328 -24.37 22.59 -5.40
C ASP C 328 -23.61 22.15 -6.65
N ALA C 329 -22.39 21.66 -6.42
CA ALA C 329 -21.52 21.20 -7.50
C ALA C 329 -21.08 19.75 -7.34
N ALA C 330 -21.09 19.20 -6.13
CA ALA C 330 -20.67 17.82 -5.94
C ALA C 330 -21.76 16.85 -6.41
N PHE C 331 -22.93 17.37 -6.77
CA PHE C 331 -24.04 16.54 -7.24
C PHE C 331 -24.43 16.91 -8.66
N LYS D 26 17.94 -1.26 -6.76
CA LYS D 26 17.72 -0.69 -8.07
C LYS D 26 18.26 -1.62 -9.16
N GLN D 27 17.44 -1.89 -10.16
CA GLN D 27 17.81 -2.75 -11.28
C GLN D 27 18.00 -1.96 -12.57
N LYS D 28 18.03 -0.63 -12.50
CA LYS D 28 18.08 0.18 -13.70
C LYS D 28 19.45 0.16 -14.37
N VAL D 29 20.48 -0.37 -13.70
CA VAL D 29 21.80 -0.45 -14.32
C VAL D 29 21.79 -1.44 -15.48
N GLU D 30 21.31 -2.66 -15.21
CA GLU D 30 21.23 -3.66 -16.28
C GLU D 30 20.21 -3.25 -17.33
N ALA D 31 19.13 -2.59 -16.91
CA ALA D 31 18.15 -2.10 -17.88
C ALA D 31 18.76 -1.07 -18.82
N GLN D 32 19.55 -0.15 -18.27
CA GLN D 32 20.25 0.83 -19.12
C GLN D 32 21.24 0.15 -20.05
N LYS D 33 22.03 -0.78 -19.51
CA LYS D 33 22.97 -1.52 -20.35
C LYS D 33 22.25 -2.19 -21.52
N GLN D 34 21.11 -2.84 -21.24
CA GLN D 34 20.36 -3.51 -22.30
C GLN D 34 19.81 -2.49 -23.30
N ALA D 35 19.11 -1.47 -22.82
CA ALA D 35 18.48 -0.51 -23.71
C ALA D 35 19.50 0.30 -24.50
N GLU D 36 20.77 0.28 -24.10
CA GLU D 36 21.78 0.96 -24.89
C GLU D 36 21.78 0.45 -26.33
N LYS D 37 22.17 -0.82 -26.50
CA LYS D 37 22.26 -1.39 -27.84
C LYS D 37 20.99 -1.13 -28.63
N LEU D 38 19.84 -1.23 -27.96
CA LEU D 38 18.57 -1.03 -28.65
C LEU D 38 18.44 0.40 -29.17
N MET D 39 18.53 1.38 -28.27
CA MET D 39 18.34 2.77 -28.68
C MET D 39 19.34 3.16 -29.77
N LYS D 40 20.63 2.97 -29.53
CA LYS D 40 21.59 3.38 -30.56
C LYS D 40 21.41 2.58 -31.85
N GLN D 41 20.91 1.34 -31.74
CA GLN D 41 20.70 0.51 -32.92
C GLN D 41 19.59 1.07 -33.81
N ILE D 42 18.77 1.98 -33.28
CA ILE D 42 17.56 2.40 -33.99
C ILE D 42 17.85 3.66 -34.80
N GLY D 43 19.12 3.98 -34.99
CA GLY D 43 19.46 5.17 -35.75
C GLY D 43 18.92 6.44 -35.15
N VAL D 44 19.45 6.85 -34.00
CA VAL D 44 18.87 7.94 -33.23
C VAL D 44 19.74 9.18 -33.31
N LYS D 45 19.19 10.29 -32.83
CA LYS D 45 19.98 11.47 -32.55
C LYS D 45 20.42 11.44 -31.09
N ASN D 46 21.64 11.88 -30.83
CA ASN D 46 22.21 11.76 -29.50
C ASN D 46 21.35 12.49 -28.47
N VAL D 47 20.99 11.79 -27.40
CA VAL D 47 20.22 12.36 -26.31
C VAL D 47 20.64 11.67 -25.02
N LYS D 48 20.52 12.39 -23.91
CA LYS D 48 20.89 11.87 -22.59
C LYS D 48 19.64 11.60 -21.79
N LEU D 49 19.51 10.37 -21.30
CA LEU D 49 18.37 9.94 -20.49
C LEU D 49 18.85 9.59 -19.09
N SER D 50 18.36 10.32 -18.09
CA SER D 50 18.96 10.23 -16.76
C SER D 50 18.82 8.83 -16.17
N GLU D 51 17.61 8.46 -15.76
CA GLU D 51 17.38 7.11 -15.25
C GLU D 51 16.11 6.47 -15.78
N TYR D 52 15.04 7.26 -15.91
CA TYR D 52 13.72 6.67 -16.13
C TYR D 52 13.40 6.59 -17.62
N GLU D 53 13.64 7.67 -18.36
CA GLU D 53 13.51 7.59 -19.81
C GLU D 53 14.38 6.46 -20.36
N MET D 54 15.53 6.22 -19.74
CA MET D 54 16.35 5.06 -20.10
C MET D 54 15.59 3.76 -19.85
N SER D 55 14.95 3.65 -18.68
CA SER D 55 14.21 2.44 -18.35
C SER D 55 13.11 2.18 -19.37
N ILE D 56 12.44 3.24 -19.84
CA ILE D 56 11.36 3.06 -20.79
C ILE D 56 11.91 2.82 -22.20
N ALA D 57 13.13 3.28 -22.48
CA ALA D 57 13.71 3.09 -23.80
C ALA D 57 13.91 1.61 -24.11
N ALA D 58 13.94 0.76 -23.09
CA ALA D 58 14.08 -0.68 -23.30
C ALA D 58 12.88 -1.29 -24.01
N HIS D 59 11.81 -0.53 -24.21
CA HIS D 59 10.61 -1.04 -24.87
C HIS D 59 10.56 -0.66 -26.35
N LEU D 60 11.56 0.04 -26.87
CA LEU D 60 11.58 0.38 -28.29
C LEU D 60 11.54 -0.90 -29.13
N VAL D 61 10.75 -0.86 -30.20
CA VAL D 61 10.62 -1.97 -31.12
C VAL D 61 11.26 -1.57 -32.44
N ASP D 62 12.28 -2.31 -32.86
CA ASP D 62 12.96 -2.00 -34.10
C ASP D 62 12.05 -2.29 -35.29
N PRO D 63 12.08 -1.44 -36.32
CA PRO D 63 11.20 -1.69 -37.48
C PRO D 63 11.52 -2.99 -38.19
N LEU D 64 12.80 -3.38 -38.26
CA LEU D 64 13.15 -4.60 -38.97
C LEU D 64 12.60 -5.83 -38.26
N ASN D 65 12.47 -5.76 -36.93
CA ASN D 65 11.90 -6.88 -36.19
C ASN D 65 10.48 -7.18 -36.64
N MET D 66 9.74 -6.15 -37.02
CA MET D 66 8.37 -6.36 -37.47
C MET D 66 8.35 -6.94 -38.89
N HIS D 67 7.37 -7.78 -39.16
CA HIS D 67 7.18 -8.42 -40.45
C HIS D 67 5.74 -8.27 -40.92
N VAL D 68 5.20 -7.07 -40.77
CA VAL D 68 3.82 -6.78 -41.13
C VAL D 68 3.78 -5.47 -41.90
N THR D 69 3.09 -5.48 -43.03
CA THR D 69 2.99 -4.32 -43.91
C THR D 69 1.53 -4.05 -44.24
N TRP D 70 1.29 -3.02 -45.04
CA TRP D 70 -0.07 -2.69 -45.44
C TRP D 70 -0.68 -3.80 -46.28
N SER D 71 0.14 -4.52 -47.04
CA SER D 71 -0.39 -5.57 -47.91
C SER D 71 -0.87 -6.77 -47.09
N ASP D 72 -0.30 -6.96 -45.90
CA ASP D 72 -0.68 -8.08 -45.05
C ASP D 72 -2.07 -7.89 -44.45
N ILE D 73 -2.69 -6.74 -44.71
CA ILE D 73 -4.04 -6.44 -44.23
C ILE D 73 -4.97 -6.40 -45.43
N ALA D 74 -6.09 -7.12 -45.31
CA ALA D 74 -7.12 -7.14 -46.35
C ALA D 74 -8.48 -7.06 -45.70
N GLY D 75 -9.51 -6.85 -46.52
CA GLY D 75 -10.88 -6.77 -46.06
C GLY D 75 -11.33 -5.39 -45.64
N LEU D 76 -10.41 -4.55 -45.16
CA LEU D 76 -10.76 -3.19 -44.76
C LEU D 76 -9.76 -2.22 -45.38
N ASP D 77 -10.04 -1.79 -46.60
CA ASP D 77 -9.20 -0.83 -47.30
C ASP D 77 -9.58 0.62 -47.01
N ASP D 78 -10.85 0.91 -46.74
CA ASP D 78 -11.25 2.26 -46.39
C ASP D 78 -10.65 2.68 -45.05
N VAL D 79 -10.64 1.77 -44.08
CA VAL D 79 -10.18 2.11 -42.74
C VAL D 79 -8.68 2.38 -42.75
N ILE D 80 -7.90 1.52 -43.41
CA ILE D 80 -6.46 1.70 -43.44
C ILE D 80 -6.09 2.92 -44.28
N THR D 81 -6.85 3.17 -45.35
CA THR D 81 -6.61 4.37 -46.15
C THR D 81 -6.87 5.63 -45.33
N ASP D 82 -7.95 5.64 -44.55
CA ASP D 82 -8.20 6.79 -43.66
C ASP D 82 -7.10 6.90 -42.61
N LEU D 83 -6.65 5.77 -42.06
CA LEU D 83 -5.58 5.79 -41.08
C LEU D 83 -4.35 6.48 -41.65
N LYS D 84 -3.90 6.05 -42.84
CA LYS D 84 -2.74 6.70 -43.44
C LYS D 84 -3.03 8.18 -43.70
N ASP D 85 -4.14 8.48 -44.39
CA ASP D 85 -4.46 9.86 -44.74
C ASP D 85 -4.41 10.77 -43.51
N THR D 86 -4.82 10.27 -42.35
CA THR D 86 -4.90 11.11 -41.17
C THR D 86 -3.59 11.17 -40.39
N VAL D 87 -2.88 10.05 -40.27
CA VAL D 87 -1.74 10.00 -39.36
C VAL D 87 -0.42 10.19 -40.12
N ILE D 88 -0.26 9.52 -41.26
CA ILE D 88 1.00 9.58 -41.98
C ILE D 88 1.11 10.83 -42.84
N LEU D 89 -0.01 11.35 -43.34
CA LEU D 89 0.05 12.54 -44.18
C LEU D 89 0.58 13.76 -43.45
N PRO D 90 0.24 13.98 -42.17
CA PRO D 90 0.93 15.05 -41.43
C PRO D 90 2.37 14.72 -41.12
N ILE D 91 2.67 13.47 -40.77
CA ILE D 91 4.04 13.08 -40.46
C ILE D 91 4.92 13.23 -41.69
N LYS D 92 4.57 12.54 -42.77
CA LYS D 92 5.29 12.68 -44.02
C LYS D 92 4.87 13.94 -44.74
N LYS D 93 5.81 14.53 -45.49
CA LYS D 93 5.58 15.78 -46.19
C LYS D 93 5.12 16.87 -45.22
N LYS D 94 5.84 16.96 -44.10
CA LYS D 94 5.52 17.94 -43.07
C LYS D 94 5.79 19.37 -43.53
N HIS D 95 6.54 19.56 -44.61
CA HIS D 95 6.88 20.90 -45.07
C HIS D 95 5.68 21.69 -45.59
N LEU D 96 4.50 21.08 -45.64
CA LEU D 96 3.31 21.74 -46.15
C LEU D 96 2.33 22.16 -45.07
N PHE D 97 2.65 21.91 -43.80
CA PHE D 97 1.74 22.20 -42.70
C PHE D 97 2.32 23.13 -41.64
N GLU D 98 3.62 23.42 -41.69
CA GLU D 98 4.20 24.36 -40.74
C GLU D 98 3.56 25.74 -40.86
N ASN D 99 3.06 26.09 -42.05
CA ASN D 99 2.40 27.38 -42.25
C ASN D 99 1.02 27.45 -41.63
N SER D 100 0.44 26.30 -41.25
CA SER D 100 -0.89 26.25 -40.67
C SER D 100 -0.82 25.64 -39.27
N ARG D 101 -1.49 26.29 -38.32
CA ARG D 101 -1.54 25.81 -36.95
C ARG D 101 -2.65 24.79 -36.72
N LEU D 102 -3.53 24.60 -37.68
CA LEU D 102 -4.65 23.68 -37.54
C LEU D 102 -4.37 22.28 -38.08
N LEU D 103 -3.37 22.13 -38.94
CA LEU D 103 -3.08 20.85 -39.59
C LEU D 103 -1.86 20.23 -38.92
N GLN D 104 -2.11 19.48 -37.86
CA GLN D 104 -1.10 18.72 -37.14
C GLN D 104 -1.58 17.29 -36.99
N PRO D 105 -0.67 16.35 -36.76
CA PRO D 105 -1.08 14.96 -36.56
C PRO D 105 -2.02 14.83 -35.39
N PRO D 106 -2.99 13.92 -35.45
CA PRO D 106 -3.98 13.84 -34.37
C PRO D 106 -3.43 13.11 -33.16
N LYS D 107 -3.55 13.75 -32.00
CA LYS D 107 -3.09 13.18 -30.75
C LYS D 107 -4.10 12.15 -30.27
N GLY D 108 -3.62 10.94 -29.98
CA GLY D 108 -4.49 9.89 -29.47
C GLY D 108 -5.47 9.33 -30.49
N VAL D 109 -4.96 8.62 -31.48
CA VAL D 109 -5.79 7.91 -32.43
C VAL D 109 -5.96 6.47 -31.94
N LEU D 110 -7.20 6.05 -31.72
CA LEU D 110 -7.49 4.73 -31.19
C LEU D 110 -8.43 3.99 -32.14
N LEU D 111 -8.38 2.66 -32.08
CA LEU D 111 -9.14 1.79 -32.97
C LEU D 111 -9.92 0.80 -32.11
N TYR D 112 -11.24 0.98 -32.05
CA TYR D 112 -12.08 0.12 -31.25
C TYR D 112 -12.81 -0.91 -32.12
N GLY D 113 -13.50 -1.84 -31.47
CA GLY D 113 -14.27 -2.84 -32.16
C GLY D 113 -14.30 -4.16 -31.43
N PRO D 114 -14.93 -5.18 -32.02
CA PRO D 114 -14.99 -6.48 -31.38
C PRO D 114 -13.60 -7.08 -31.25
N PRO D 115 -13.45 -8.12 -30.43
CA PRO D 115 -12.11 -8.69 -30.23
C PRO D 115 -11.53 -9.26 -31.51
N GLY D 116 -10.24 -9.05 -31.70
CA GLY D 116 -9.54 -9.59 -32.85
C GLY D 116 -9.67 -8.74 -34.09
N CYS D 117 -9.43 -9.39 -35.22
CA CYS D 117 -9.61 -8.81 -36.55
C CYS D 117 -8.88 -7.49 -36.71
N GLY D 118 -7.55 -7.55 -36.55
CA GLY D 118 -6.69 -6.51 -37.10
C GLY D 118 -6.04 -5.52 -36.15
N LYS D 119 -6.71 -5.19 -35.04
CA LYS D 119 -6.28 -4.07 -34.21
C LYS D 119 -4.78 -4.08 -33.94
N THR D 120 -4.29 -5.13 -33.28
CA THR D 120 -2.86 -5.20 -33.00
C THR D 120 -2.05 -5.31 -34.28
N LEU D 121 -2.60 -5.99 -35.29
CA LEU D 121 -1.91 -6.09 -36.57
C LEU D 121 -1.84 -4.73 -37.26
N ILE D 122 -2.91 -3.92 -37.14
CA ILE D 122 -2.88 -2.57 -37.69
C ILE D 122 -1.85 -1.73 -36.95
N ALA D 123 -1.75 -1.90 -35.62
CA ALA D 123 -0.74 -1.19 -34.87
C ALA D 123 0.66 -1.56 -35.33
N LYS D 124 0.90 -2.86 -35.55
CA LYS D 124 2.21 -3.29 -36.03
C LYS D 124 2.50 -2.76 -37.42
N ALA D 125 1.48 -2.71 -38.28
CA ALA D 125 1.66 -2.15 -39.61
C ALA D 125 2.05 -0.68 -39.53
N THR D 126 1.35 0.09 -38.69
CA THR D 126 1.73 1.48 -38.48
C THR D 126 3.16 1.58 -37.96
N ALA D 127 3.53 0.71 -37.02
CA ALA D 127 4.87 0.76 -36.46
C ALA D 127 5.93 0.53 -37.54
N LYS D 128 5.68 -0.43 -38.44
CA LYS D 128 6.71 -0.79 -39.41
C LYS D 128 6.76 0.21 -40.56
N GLU D 129 5.61 0.56 -41.13
CA GLU D 129 5.54 1.34 -42.36
C GLU D 129 5.37 2.84 -42.13
N ALA D 130 5.49 3.30 -40.88
CA ALA D 130 5.43 4.72 -40.58
C ALA D 130 6.73 5.24 -39.97
N GLY D 131 7.70 4.36 -39.73
CA GLY D 131 8.93 4.81 -39.10
C GLY D 131 8.65 5.47 -37.77
N CYS D 132 9.10 6.71 -37.63
CA CYS D 132 8.85 7.53 -36.45
C CYS D 132 9.02 6.75 -35.15
N ARG D 133 9.95 5.80 -35.14
CA ARG D 133 10.36 5.07 -33.94
C ARG D 133 9.17 4.72 -33.05
N PHE D 134 8.24 3.95 -33.60
CA PHE D 134 7.11 3.45 -32.81
C PHE D 134 7.62 2.67 -31.61
N ILE D 135 6.98 2.88 -30.46
CA ILE D 135 7.37 2.24 -29.21
C ILE D 135 6.12 1.63 -28.58
N ASN D 136 6.29 0.48 -27.94
CA ASN D 136 5.20 -0.11 -27.17
C ASN D 136 5.32 0.28 -25.71
N LEU D 137 4.17 0.36 -25.03
CA LEU D 137 4.18 0.83 -23.64
C LEU D 137 4.36 -0.33 -22.66
N GLN D 138 3.70 -1.46 -22.91
CA GLN D 138 3.75 -2.58 -21.97
C GLN D 138 3.33 -2.09 -20.59
N PRO D 139 2.04 -1.82 -20.37
CA PRO D 139 1.64 -1.14 -19.12
C PRO D 139 2.08 -1.84 -17.85
N SER D 140 2.57 -3.08 -17.93
CA SER D 140 2.98 -3.78 -16.72
C SER D 140 4.27 -3.19 -16.14
N THR D 141 5.15 -2.65 -16.98
CA THR D 141 6.44 -2.18 -16.49
C THR D 141 6.28 -0.98 -15.56
N LEU D 142 5.21 -0.21 -15.72
CA LEU D 142 5.04 1.00 -14.93
C LEU D 142 4.88 0.68 -13.45
N THR D 143 4.07 -0.32 -13.12
CA THR D 143 3.79 -0.63 -11.73
C THR D 143 5.06 -1.02 -10.99
N ASP D 144 5.24 -0.43 -9.80
CA ASP D 144 6.39 -0.73 -8.96
C ASP D 144 5.97 -0.58 -7.51
N LYS D 145 6.52 -1.46 -6.66
CA LYS D 145 6.11 -1.47 -5.26
C LYS D 145 6.65 -0.24 -4.52
N TRP D 146 7.84 0.21 -4.87
CA TRP D 146 8.42 1.36 -4.19
C TRP D 146 7.58 2.61 -4.45
N TYR D 147 7.42 3.43 -3.41
CA TYR D 147 6.58 4.60 -3.51
C TYR D 147 7.17 5.61 -4.49
N GLY D 148 6.30 6.34 -5.19
CA GLY D 148 6.71 7.36 -6.11
C GLY D 148 7.40 6.87 -7.37
N GLU D 149 7.48 5.55 -7.56
CA GLU D 149 8.16 5.02 -8.74
C GLU D 149 7.29 5.09 -9.98
N SER D 150 6.05 4.60 -9.88
CA SER D 150 5.17 4.52 -11.04
C SER D 150 4.83 5.90 -11.58
N GLN D 151 4.46 6.81 -10.68
CA GLN D 151 4.06 8.15 -11.10
C GLN D 151 5.21 8.86 -11.82
N LYS D 152 6.43 8.74 -11.28
CA LYS D 152 7.56 9.41 -11.89
C LYS D 152 8.05 8.68 -13.15
N LEU D 153 7.74 7.38 -13.25
CA LEU D 153 8.12 6.64 -14.45
C LEU D 153 7.21 6.98 -15.62
N ALA D 154 5.92 7.15 -15.37
CA ALA D 154 4.99 7.44 -16.45
C ALA D 154 5.36 8.75 -17.14
N ALA D 155 5.90 9.72 -16.38
CA ALA D 155 6.33 10.97 -17.01
C ALA D 155 7.51 10.74 -17.93
N ALA D 156 8.35 9.75 -17.62
CA ALA D 156 9.50 9.47 -18.48
C ALA D 156 9.05 9.03 -19.87
N VAL D 157 7.86 8.42 -19.96
CA VAL D 157 7.33 8.03 -21.26
C VAL D 157 7.23 9.25 -22.16
N PHE D 158 6.46 10.26 -21.73
CA PHE D 158 6.30 11.46 -22.54
C PHE D 158 7.62 12.21 -22.69
N SER D 159 8.46 12.18 -21.65
CA SER D 159 9.76 12.83 -21.75
C SER D 159 10.55 12.26 -22.92
N LEU D 160 10.73 10.94 -22.96
CA LEU D 160 11.45 10.31 -24.05
C LEU D 160 10.73 10.55 -25.39
N ALA D 161 9.40 10.51 -25.37
CA ALA D 161 8.65 10.67 -26.61
C ALA D 161 8.95 12.02 -27.26
N ILE D 162 8.91 13.09 -26.47
CA ILE D 162 9.23 14.40 -27.02
C ILE D 162 10.72 14.57 -27.20
N LYS D 163 11.52 13.72 -26.55
CA LYS D 163 12.96 13.77 -26.69
C LYS D 163 13.40 13.26 -28.06
N LEU D 164 12.71 12.24 -28.57
CA LEU D 164 13.08 11.65 -29.85
C LEU D 164 11.92 11.66 -30.84
N GLN D 165 11.10 12.72 -30.82
CA GLN D 165 9.98 12.84 -31.74
C GLN D 165 10.50 12.85 -33.17
N PRO D 166 9.66 12.49 -34.16
CA PRO D 166 8.27 12.03 -34.02
C PRO D 166 8.17 10.60 -33.51
N SER D 167 7.39 10.40 -32.45
CA SER D 167 7.28 9.11 -31.80
C SER D 167 5.83 8.71 -31.63
N ILE D 168 5.61 7.43 -31.35
CA ILE D 168 4.28 6.89 -31.07
C ILE D 168 4.35 6.06 -29.79
N ILE D 169 3.35 6.21 -28.94
CA ILE D 169 3.21 5.44 -27.72
C ILE D 169 1.97 4.58 -27.85
N PHE D 170 2.14 3.27 -27.71
CA PHE D 170 1.07 2.30 -27.94
C PHE D 170 0.69 1.67 -26.60
N ILE D 171 -0.49 2.01 -26.10
CA ILE D 171 -1.02 1.41 -24.89
C ILE D 171 -1.84 0.18 -25.25
N ASP D 172 -1.17 -0.96 -25.40
CA ASP D 172 -1.86 -2.19 -25.74
C ASP D 172 -2.85 -2.56 -24.65
N GLN D 173 -4.07 -2.89 -25.06
CA GLN D 173 -5.16 -3.21 -24.13
C GLN D 173 -5.33 -2.09 -23.11
N ILE D 174 -5.66 -0.91 -23.64
CA ILE D 174 -5.78 0.31 -22.84
C ILE D 174 -7.06 0.26 -22.02
N ASP D 175 -7.90 -0.75 -22.25
CA ASP D 175 -9.14 -0.87 -21.49
C ASP D 175 -8.87 -0.97 -20.00
N SER D 176 -7.87 -1.77 -19.62
CA SER D 176 -7.59 -1.98 -18.21
C SER D 176 -6.73 -0.87 -17.63
N PHE D 177 -5.73 -0.42 -18.39
CA PHE D 177 -4.80 0.57 -17.87
C PHE D 177 -5.52 1.85 -17.48
N LEU D 178 -6.24 2.47 -18.42
CA LEU D 178 -6.97 3.70 -18.18
C LEU D 178 -8.47 3.40 -18.20
N ARG D 179 -9.00 3.02 -17.04
CA ARG D 179 -10.41 2.70 -16.92
C ARG D 179 -11.19 3.94 -16.46
N ASN D 180 -12.51 3.78 -16.41
CA ASN D 180 -13.37 4.84 -15.91
C ASN D 180 -13.05 5.13 -14.46
N ARG D 181 -12.66 6.37 -14.17
CA ARG D 181 -12.26 6.73 -12.82
C ARG D 181 -13.39 6.46 -11.83
N SER D 182 -13.11 5.66 -10.82
CA SER D 182 -14.05 5.33 -9.77
C SER D 182 -13.53 5.86 -8.43
N SER D 183 -14.46 6.03 -7.49
CA SER D 183 -14.09 6.57 -6.18
C SER D 183 -13.14 5.64 -5.45
N SER D 184 -13.32 4.32 -5.60
CA SER D 184 -12.52 3.32 -4.91
C SER D 184 -11.43 2.84 -5.85
N ASP D 185 -10.19 3.21 -5.56
CA ASP D 185 -9.05 2.77 -6.35
C ASP D 185 -7.77 3.10 -5.58
N HIS D 186 -6.74 2.29 -5.81
CA HIS D 186 -5.46 2.48 -5.15
C HIS D 186 -4.94 3.89 -5.39
N GLU D 187 -4.23 4.45 -4.41
CA GLU D 187 -3.69 5.80 -4.56
C GLU D 187 -2.73 5.88 -5.74
N ALA D 188 -2.15 4.74 -6.12
CA ALA D 188 -1.18 4.75 -7.21
C ALA D 188 -1.87 4.88 -8.56
N THR D 189 -2.91 4.09 -8.80
CA THR D 189 -3.52 4.05 -10.13
C THR D 189 -4.23 5.37 -10.46
N ALA D 190 -4.94 5.94 -9.48
CA ALA D 190 -5.62 7.21 -9.73
C ALA D 190 -4.63 8.30 -10.11
N MET D 191 -3.58 8.48 -9.31
CA MET D 191 -2.55 9.46 -9.65
C MET D 191 -1.90 9.13 -10.97
N MET D 192 -1.70 7.85 -11.26
CA MET D 192 -1.10 7.44 -12.52
C MET D 192 -1.90 7.97 -13.70
N LYS D 193 -3.19 7.63 -13.74
CA LYS D 193 -4.02 8.03 -14.89
C LYS D 193 -4.24 9.53 -14.91
N ALA D 194 -4.30 10.17 -13.74
CA ALA D 194 -4.45 11.62 -13.70
C ALA D 194 -3.23 12.31 -14.29
N GLN D 195 -2.03 11.85 -13.91
CA GLN D 195 -0.82 12.41 -14.49
C GLN D 195 -0.73 12.11 -15.97
N PHE D 196 -1.21 10.93 -16.39
CA PHE D 196 -1.30 10.63 -17.81
C PHE D 196 -2.10 11.70 -18.55
N MET D 197 -3.34 11.92 -18.11
CA MET D 197 -4.20 12.91 -18.75
C MET D 197 -3.56 14.30 -18.72
N SER D 198 -2.94 14.66 -17.58
CA SER D 198 -2.36 15.99 -17.46
C SER D 198 -1.18 16.18 -18.40
N LEU D 199 -0.25 15.22 -18.45
CA LEU D 199 0.90 15.35 -19.33
C LEU D 199 0.49 15.29 -20.79
N TRP D 200 -0.64 14.63 -21.08
CA TRP D 200 -1.10 14.54 -22.46
C TRP D 200 -1.38 15.91 -23.05
N ASP D 201 -2.36 16.64 -22.50
CA ASP D 201 -2.79 17.92 -23.05
C ASP D 201 -2.98 18.91 -21.90
N GLY D 202 -2.03 18.93 -20.97
CA GLY D 202 -2.08 19.78 -19.81
C GLY D 202 -1.60 21.19 -20.09
N LEU D 203 -0.78 21.70 -19.17
CA LEU D 203 -0.38 23.11 -19.23
C LEU D 203 0.69 23.35 -20.28
N ASP D 204 1.76 22.56 -20.27
CA ASP D 204 2.89 22.74 -21.18
C ASP D 204 2.93 21.52 -22.11
N THR D 205 2.13 21.57 -23.17
CA THR D 205 2.08 20.51 -24.17
C THR D 205 1.19 20.96 -25.32
N ASP D 206 0.87 20.04 -26.23
CA ASP D 206 -0.02 20.33 -27.35
C ASP D 206 0.60 21.36 -28.30
N HIS D 207 1.79 21.02 -28.82
CA HIS D 207 2.46 21.83 -29.82
C HIS D 207 3.06 20.91 -30.87
N SER D 208 3.99 21.40 -31.68
CA SER D 208 4.52 20.67 -32.81
C SER D 208 5.50 19.58 -32.41
N CYS D 209 5.47 19.15 -31.14
CA CYS D 209 6.29 18.01 -30.72
C CYS D 209 5.96 16.76 -31.54
N GLN D 210 4.73 16.66 -32.04
CA GLN D 210 4.26 15.59 -32.92
C GLN D 210 4.03 14.27 -32.19
N VAL D 211 4.15 14.23 -30.87
CA VAL D 211 3.89 12.99 -30.14
C VAL D 211 2.46 12.56 -30.37
N ILE D 212 2.27 11.28 -30.70
CA ILE D 212 0.95 10.75 -31.01
C ILE D 212 0.76 9.39 -30.35
N VAL D 213 -0.06 9.35 -29.30
CA VAL D 213 -0.40 8.08 -28.65
C VAL D 213 -1.46 7.38 -29.46
N MET D 214 -1.53 6.05 -29.31
CA MET D 214 -2.58 5.26 -29.94
C MET D 214 -2.87 4.04 -29.09
N GLY D 215 -4.16 3.73 -28.92
CA GLY D 215 -4.56 2.59 -28.13
C GLY D 215 -5.52 1.71 -28.92
N ALA D 216 -5.49 0.43 -28.60
CA ALA D 216 -6.29 -0.59 -29.25
C ALA D 216 -7.11 -1.32 -28.19
N THR D 217 -8.28 -0.78 -27.90
CA THR D 217 -9.18 -1.41 -26.93
C THR D 217 -10.18 -2.31 -27.63
N ASN D 218 -10.44 -3.46 -27.02
CA ASN D 218 -11.45 -4.38 -27.52
C ASN D 218 -12.85 -3.99 -27.09
N ARG D 219 -12.99 -3.15 -26.08
CA ARG D 219 -14.31 -2.70 -25.61
C ARG D 219 -14.21 -1.21 -25.30
N PRO D 220 -14.94 -0.36 -26.03
CA PRO D 220 -14.95 1.08 -25.71
C PRO D 220 -16.01 1.50 -24.69
N GLN D 221 -16.65 0.54 -24.02
CA GLN D 221 -17.76 0.88 -23.13
C GLN D 221 -17.28 1.71 -21.94
N ASP D 222 -16.21 1.27 -21.27
CA ASP D 222 -15.78 1.86 -20.01
C ASP D 222 -14.29 2.22 -20.08
N LEU D 223 -13.89 2.85 -21.17
CA LEU D 223 -12.52 3.35 -21.27
C LEU D 223 -12.32 4.56 -20.37
N ASP D 224 -13.02 5.66 -20.68
CA ASP D 224 -13.00 6.85 -19.83
C ASP D 224 -14.01 7.87 -20.34
N SER D 225 -14.04 9.04 -19.71
CA SER D 225 -14.85 10.15 -20.18
C SER D 225 -13.94 11.28 -20.69
N ALA D 226 -12.87 11.56 -19.95
CA ALA D 226 -11.92 12.57 -20.38
C ALA D 226 -10.91 11.99 -21.36
N ILE D 227 -10.46 10.75 -21.11
CA ILE D 227 -9.49 10.11 -22.02
C ILE D 227 -10.12 9.88 -23.38
N MET D 228 -11.45 9.69 -23.43
CA MET D 228 -12.13 9.53 -24.71
C MET D 228 -12.01 10.80 -25.53
N ARG D 229 -12.39 11.94 -24.94
CA ARG D 229 -12.15 13.23 -25.59
C ARG D 229 -10.69 13.43 -25.93
N ARG D 230 -9.78 12.89 -25.11
CA ARG D 230 -8.35 13.01 -25.40
C ARG D 230 -8.00 12.37 -26.74
N MET D 231 -8.80 11.41 -27.18
CA MET D 231 -8.57 10.73 -28.45
C MET D 231 -9.63 11.18 -29.45
N PRO D 232 -9.39 12.22 -30.25
CA PRO D 232 -10.42 12.69 -31.18
C PRO D 232 -10.70 11.70 -32.29
N THR D 233 -9.65 11.22 -32.94
CA THR D 233 -9.81 10.28 -34.06
C THR D 233 -10.14 8.89 -33.52
N ARG D 234 -11.10 8.23 -34.15
CA ARG D 234 -11.57 6.92 -33.72
C ARG D 234 -11.84 6.06 -34.94
N PHE D 235 -11.12 4.93 -35.04
CA PHE D 235 -11.34 3.98 -36.11
C PHE D 235 -12.16 2.80 -35.61
N HIS D 236 -12.95 2.22 -36.52
CA HIS D 236 -13.86 1.14 -36.20
C HIS D 236 -13.43 -0.13 -36.96
N ILE D 237 -12.67 -0.97 -36.27
CA ILE D 237 -12.33 -2.27 -36.83
C ILE D 237 -13.44 -3.26 -36.49
N ASN D 238 -14.13 -3.74 -37.52
CA ASN D 238 -15.34 -4.53 -37.36
C ASN D 238 -15.10 -5.97 -37.78
N GLN D 239 -16.02 -6.83 -37.40
CA GLN D 239 -15.98 -8.21 -37.84
C GLN D 239 -16.06 -8.26 -39.36
N PRO D 240 -15.08 -8.85 -40.04
CA PRO D 240 -15.08 -8.82 -41.52
C PRO D 240 -16.41 -9.30 -42.08
N ALA D 241 -16.95 -8.52 -43.02
CA ALA D 241 -18.20 -8.84 -43.67
C ALA D 241 -17.97 -9.90 -44.75
N LEU D 242 -19.00 -10.13 -45.56
CA LEU D 242 -18.90 -11.17 -46.59
C LEU D 242 -17.75 -10.89 -47.54
N LYS D 243 -17.69 -9.68 -48.09
CA LYS D 243 -16.61 -9.33 -49.01
C LYS D 243 -15.26 -9.32 -48.29
N GLN D 244 -15.24 -8.74 -47.09
CA GLN D 244 -14.00 -8.68 -46.31
C GLN D 244 -13.51 -10.09 -45.97
N ARG D 245 -14.43 -11.00 -45.70
CA ARG D 245 -14.03 -12.37 -45.38
C ARG D 245 -13.43 -13.07 -46.59
N GLU D 246 -14.03 -12.88 -47.77
CA GLU D 246 -13.43 -13.41 -48.99
C GLU D 246 -12.05 -12.82 -49.21
N ALA D 247 -11.88 -11.53 -48.92
CA ALA D 247 -10.58 -10.90 -49.11
C ALA D 247 -9.53 -11.50 -48.18
N ILE D 248 -9.85 -11.63 -46.89
CA ILE D 248 -8.87 -12.18 -45.95
C ILE D 248 -8.59 -13.64 -46.28
N LEU D 249 -9.60 -14.37 -46.74
CA LEU D 249 -9.38 -15.76 -47.13
C LEU D 249 -8.42 -15.83 -48.32
N LYS D 250 -8.63 -14.97 -49.32
CA LYS D 250 -7.68 -14.89 -50.43
C LYS D 250 -6.28 -14.62 -49.92
N LEU D 251 -6.13 -13.64 -49.04
CA LEU D 251 -4.79 -13.28 -48.56
C LEU D 251 -4.15 -14.43 -47.79
N ILE D 252 -4.95 -15.21 -47.06
CA ILE D 252 -4.40 -16.22 -46.15
C ILE D 252 -3.61 -17.26 -46.92
N LEU D 253 -4.19 -17.80 -47.99
CA LEU D 253 -3.65 -18.96 -48.68
C LEU D 253 -2.79 -18.60 -49.89
N LYS D 254 -2.29 -17.37 -49.97
CA LYS D 254 -1.44 -17.00 -51.09
C LYS D 254 -0.15 -17.81 -51.09
N ASN D 255 0.51 -17.92 -49.93
CA ASN D 255 1.75 -18.67 -49.86
C ASN D 255 1.48 -20.17 -49.97
N GLU D 256 0.33 -20.63 -49.48
CA GLU D 256 0.00 -22.05 -49.54
C GLU D 256 -0.53 -22.41 -50.92
N ASN D 257 -0.38 -23.69 -51.27
CA ASN D 257 -0.82 -24.20 -52.57
C ASN D 257 -2.27 -24.65 -52.44
N VAL D 258 -3.19 -23.73 -52.78
CA VAL D 258 -4.61 -24.05 -52.75
C VAL D 258 -4.96 -24.80 -54.04
N ASP D 259 -6.02 -25.62 -53.95
CA ASP D 259 -6.44 -26.39 -55.11
C ASP D 259 -6.96 -25.47 -56.20
N ARG D 260 -7.34 -26.07 -57.33
CA ARG D 260 -7.94 -25.29 -58.40
C ARG D 260 -9.46 -25.43 -58.35
N HIS D 261 -10.15 -24.36 -58.75
CA HIS D 261 -11.62 -24.33 -58.74
C HIS D 261 -12.17 -24.37 -57.32
N VAL D 262 -11.47 -23.70 -56.41
CA VAL D 262 -11.93 -23.56 -55.03
C VAL D 262 -12.47 -22.15 -54.86
N ASP D 263 -13.80 -22.03 -54.76
CA ASP D 263 -14.46 -20.74 -54.68
C ASP D 263 -14.36 -20.21 -53.25
N LEU D 264 -13.46 -19.25 -53.03
CA LEU D 264 -13.35 -18.64 -51.71
C LEU D 264 -14.66 -17.96 -51.31
N LEU D 265 -15.34 -17.35 -52.28
CA LEU D 265 -16.62 -16.71 -51.99
C LEU D 265 -17.64 -17.71 -51.47
N GLU D 266 -17.58 -18.95 -51.96
CA GLU D 266 -18.52 -19.97 -51.50
C GLU D 266 -18.34 -20.26 -50.02
N VAL D 267 -17.09 -20.37 -49.57
CA VAL D 267 -16.85 -20.69 -48.16
C VAL D 267 -17.03 -19.45 -47.31
N ALA D 268 -16.87 -18.27 -47.90
CA ALA D 268 -17.09 -17.04 -47.13
C ALA D 268 -18.52 -16.97 -46.58
N GLN D 269 -19.49 -17.50 -47.33
CA GLN D 269 -20.86 -17.50 -46.86
C GLN D 269 -21.05 -18.40 -45.65
N GLU D 270 -20.51 -19.62 -45.72
CA GLU D 270 -20.66 -20.55 -44.61
C GLU D 270 -20.05 -19.99 -43.33
N THR D 271 -18.92 -19.29 -43.44
CA THR D 271 -18.23 -18.70 -42.29
C THR D 271 -18.77 -17.30 -42.09
N ASP D 272 -19.96 -17.22 -41.49
CA ASP D 272 -20.65 -15.93 -41.37
C ASP D 272 -20.16 -15.15 -40.15
N GLY D 273 -20.35 -15.71 -38.95
CA GLY D 273 -20.09 -14.95 -37.75
C GLY D 273 -18.63 -14.87 -37.38
N PHE D 274 -17.82 -15.78 -37.92
CA PHE D 274 -16.42 -15.85 -37.54
C PHE D 274 -15.69 -14.54 -37.80
N SER D 275 -14.69 -14.26 -36.98
CA SER D 275 -13.82 -13.12 -37.17
C SER D 275 -12.62 -13.54 -38.01
N GLY D 276 -11.58 -12.70 -38.06
CA GLY D 276 -10.42 -13.02 -38.89
C GLY D 276 -9.53 -14.07 -38.27
N SER D 277 -9.29 -13.98 -36.96
CA SER D 277 -8.34 -14.88 -36.31
C SER D 277 -8.87 -16.31 -36.29
N ASP D 278 -10.13 -16.49 -35.90
CA ASP D 278 -10.72 -17.82 -35.90
C ASP D 278 -10.80 -18.37 -37.32
N LEU D 279 -10.92 -17.49 -38.30
CA LEU D 279 -10.91 -17.94 -39.70
C LEU D 279 -9.53 -18.45 -40.09
N LYS D 280 -8.48 -17.72 -39.74
CA LYS D 280 -7.12 -18.20 -39.94
C LYS D 280 -6.93 -19.55 -39.25
N GLU D 281 -7.49 -19.70 -38.03
CA GLU D 281 -7.43 -20.96 -37.33
C GLU D 281 -8.06 -22.08 -38.15
N MET D 282 -9.32 -21.90 -38.56
CA MET D 282 -10.01 -22.91 -39.35
C MET D 282 -9.22 -23.25 -40.61
N CYS D 283 -8.62 -22.24 -41.23
CA CYS D 283 -7.82 -22.50 -42.44
C CYS D 283 -6.63 -23.39 -42.13
N ARG D 284 -5.88 -23.05 -41.06
CA ARG D 284 -4.76 -23.89 -40.68
C ARG D 284 -5.22 -25.32 -40.36
N ASP D 285 -6.36 -25.45 -39.69
CA ASP D 285 -6.86 -26.77 -39.30
C ASP D 285 -7.20 -27.60 -40.53
N ALA D 286 -7.90 -26.99 -41.49
CA ALA D 286 -8.25 -27.70 -42.71
C ALA D 286 -7.02 -28.03 -43.54
N ALA D 287 -6.00 -27.16 -43.50
CA ALA D 287 -4.78 -27.43 -44.25
C ALA D 287 -4.00 -28.59 -43.63
N LEU D 288 -3.98 -28.66 -42.30
CA LEU D 288 -3.27 -29.75 -41.63
C LEU D 288 -3.82 -31.11 -41.99
N LEU D 289 -5.07 -31.18 -42.47
CA LEU D 289 -5.64 -32.47 -42.84
C LEU D 289 -4.91 -33.07 -44.05
N CYS D 290 -4.55 -32.22 -45.01
CA CYS D 290 -3.79 -32.71 -46.16
C CYS D 290 -2.47 -33.35 -45.71
N VAL D 291 -1.84 -32.77 -44.68
CA VAL D 291 -0.64 -33.38 -44.13
C VAL D 291 -1.00 -34.68 -43.41
N ARG D 292 -2.15 -34.71 -42.74
CA ARG D 292 -2.58 -35.93 -42.07
C ARG D 292 -2.68 -37.09 -43.05
N GLU D 293 -3.28 -36.84 -44.22
CA GLU D 293 -3.41 -37.89 -45.24
C GLU D 293 -2.07 -38.33 -45.79
N TYR D 294 -0.99 -37.60 -45.54
CA TYR D 294 0.34 -37.93 -46.03
C TYR D 294 1.23 -38.56 -44.96
N VAL D 295 1.11 -38.12 -43.71
CA VAL D 295 1.93 -38.65 -42.63
C VAL D 295 1.57 -40.10 -42.37
N ILE D 308 -0.37 -34.85 -49.41
CA ILE D 308 0.37 -33.65 -49.77
C ILE D 308 -0.34 -32.94 -50.92
N ARG D 309 -1.65 -33.14 -51.02
CA ARG D 309 -2.47 -32.54 -52.06
C ARG D 309 -3.17 -31.30 -51.53
N PRO D 310 -3.58 -30.38 -52.42
CA PRO D 310 -4.27 -29.18 -51.94
C PRO D 310 -5.67 -29.50 -51.44
N VAL D 311 -6.34 -28.47 -50.93
CA VAL D 311 -7.68 -28.62 -50.37
C VAL D 311 -8.72 -28.37 -51.45
N GLN D 312 -9.46 -29.42 -51.83
CA GLN D 312 -10.44 -29.32 -52.91
C GLN D 312 -11.82 -28.99 -52.34
N GLN D 313 -11.85 -27.94 -51.51
CA GLN D 313 -13.11 -27.34 -51.08
C GLN D 313 -13.94 -28.23 -50.15
N GLN D 314 -13.47 -29.45 -49.90
CA GLN D 314 -14.24 -30.37 -49.06
C GLN D 314 -13.69 -30.39 -47.63
N ASP D 315 -12.37 -30.52 -47.50
CA ASP D 315 -11.77 -30.47 -46.17
C ASP D 315 -12.05 -29.12 -45.52
N LEU D 316 -12.06 -28.05 -46.31
CA LEU D 316 -12.44 -26.74 -45.79
C LEU D 316 -13.84 -26.79 -45.18
N HIS D 317 -14.79 -27.39 -45.90
CA HIS D 317 -16.17 -27.43 -45.41
C HIS D 317 -16.27 -28.25 -44.13
N ARG D 318 -15.64 -29.42 -44.10
CA ARG D 318 -15.68 -30.25 -42.90
C ARG D 318 -15.04 -29.54 -41.71
N ALA D 319 -13.90 -28.89 -41.95
CA ALA D 319 -13.21 -28.20 -40.87
C ALA D 319 -14.01 -27.02 -40.35
N ILE D 320 -14.65 -26.26 -41.24
CA ILE D 320 -15.44 -25.12 -40.78
C ILE D 320 -16.69 -25.61 -40.05
N GLU D 321 -17.26 -26.75 -40.45
CA GLU D 321 -18.38 -27.31 -39.71
C GLU D 321 -17.94 -27.68 -38.30
N LYS D 322 -16.82 -28.39 -38.18
CA LYS D 322 -16.33 -28.78 -36.86
C LYS D 322 -16.00 -27.54 -36.02
N MET D 323 -15.43 -26.52 -36.64
CA MET D 323 -15.07 -25.32 -35.89
C MET D 323 -16.31 -24.56 -35.45
N LYS D 324 -17.36 -24.54 -36.28
CA LYS D 324 -18.61 -23.93 -35.88
C LYS D 324 -19.21 -24.66 -34.69
N LYS D 325 -19.21 -26.00 -34.73
CA LYS D 325 -19.72 -26.76 -33.60
C LYS D 325 -18.90 -26.48 -32.35
N SER D 326 -17.59 -26.37 -32.48
CA SER D 326 -16.75 -26.10 -31.31
C SER D 326 -16.98 -24.70 -30.77
N LYS D 327 -17.23 -23.73 -31.65
CA LYS D 327 -17.48 -22.37 -31.20
C LYS D 327 -18.82 -22.26 -30.49
N ASP D 328 -19.86 -22.87 -31.05
CA ASP D 328 -21.17 -22.87 -30.44
C ASP D 328 -21.31 -23.89 -29.32
N ALA D 329 -20.28 -24.69 -29.07
CA ALA D 329 -20.36 -25.69 -28.00
C ALA D 329 -20.37 -25.02 -26.63
N ALA D 330 -19.67 -23.89 -26.50
CA ALA D 330 -19.63 -23.20 -25.21
C ALA D 330 -21.03 -22.85 -24.72
N PHE D 331 -21.89 -22.40 -25.63
CA PHE D 331 -23.26 -22.05 -25.27
C PHE D 331 -24.09 -21.80 -26.52
N LYS E 26 29.31 17.05 22.36
CA LYS E 26 29.60 15.64 22.15
C LYS E 26 28.61 14.78 22.93
N GLN E 27 28.08 13.74 22.27
CA GLN E 27 27.11 12.88 22.92
C GLN E 27 27.72 12.17 24.12
N LYS E 28 28.97 11.72 24.00
CA LYS E 28 29.56 10.91 25.05
C LYS E 28 29.78 11.71 26.33
N VAL E 29 29.97 13.02 26.22
CA VAL E 29 30.16 13.83 27.43
C VAL E 29 28.86 13.92 28.22
N GLU E 30 27.74 14.18 27.53
CA GLU E 30 26.45 14.21 28.21
C GLU E 30 26.11 12.83 28.77
N ALA E 31 26.40 11.78 28.01
CA ALA E 31 26.24 10.43 28.54
C ALA E 31 27.03 10.25 29.83
N GLN E 32 28.30 10.65 29.82
CA GLN E 32 29.11 10.60 31.04
C GLN E 32 28.39 11.27 32.20
N LYS E 33 28.08 12.56 32.05
CA LYS E 33 27.46 13.29 33.15
C LYS E 33 26.22 12.55 33.65
N GLN E 34 25.26 12.30 32.75
CA GLN E 34 23.95 11.79 33.18
C GLN E 34 24.06 10.40 33.77
N ALA E 35 24.72 9.48 33.06
CA ALA E 35 24.79 8.09 33.51
C ALA E 35 25.70 7.91 34.72
N GLU E 36 26.66 8.80 34.95
CA GLU E 36 27.46 8.71 36.17
C GLU E 36 26.68 9.28 37.35
N LYS E 37 25.93 10.35 37.13
CA LYS E 37 25.09 10.87 38.21
C LYS E 37 24.04 9.85 38.62
N LEU E 38 23.27 9.33 37.66
CA LEU E 38 22.15 8.45 37.98
C LEU E 38 22.61 7.10 38.53
N MET E 39 23.63 6.50 37.92
CA MET E 39 24.10 5.20 38.41
C MET E 39 24.59 5.30 39.84
N LYS E 40 25.26 6.40 40.19
CA LYS E 40 25.73 6.58 41.56
C LYS E 40 24.58 6.95 42.49
N GLN E 41 23.55 7.61 41.96
CA GLN E 41 22.41 7.98 42.78
C GLN E 41 21.52 6.80 43.11
N ILE E 42 21.44 5.81 42.23
CA ILE E 42 20.58 4.65 42.45
C ILE E 42 21.27 3.59 43.32
N GLY E 43 22.51 3.85 43.73
CA GLY E 43 23.17 2.99 44.70
C GLY E 43 23.54 1.61 44.17
N VAL E 44 24.28 1.55 43.07
CA VAL E 44 24.82 0.31 42.55
C VAL E 44 26.34 0.36 42.67
N LYS E 45 26.93 -0.72 43.16
CA LYS E 45 28.38 -0.77 43.33
C LYS E 45 29.07 -0.62 41.98
N ASN E 46 30.23 0.01 41.99
CA ASN E 46 30.93 0.36 40.76
C ASN E 46 31.20 -0.87 39.91
N VAL E 47 30.79 -0.81 38.65
CA VAL E 47 31.08 -1.83 37.65
C VAL E 47 31.58 -1.14 36.39
N LYS E 48 32.20 -1.91 35.50
CA LYS E 48 32.79 -1.36 34.29
C LYS E 48 31.76 -1.39 33.17
N LEU E 49 31.12 -0.24 32.93
CA LEU E 49 30.20 -0.05 31.81
C LEU E 49 30.97 0.77 30.77
N SER E 50 31.65 0.06 29.86
CA SER E 50 32.69 0.72 29.07
C SER E 50 32.12 1.84 28.20
N GLU E 51 31.37 1.47 27.16
CA GLU E 51 30.87 2.48 26.22
C GLU E 51 29.36 2.47 26.06
N TYR E 52 28.79 1.31 25.71
CA TYR E 52 27.40 1.28 25.24
C TYR E 52 26.44 0.86 26.35
N GLU E 53 26.82 -0.17 27.12
CA GLU E 53 26.07 -0.43 28.35
C GLU E 53 25.92 0.84 29.17
N MET E 54 26.99 1.64 29.23
CA MET E 54 26.92 2.93 29.90
C MET E 54 25.93 3.85 29.21
N SER E 55 25.94 3.90 27.88
CA SER E 55 25.03 4.78 27.16
C SER E 55 23.58 4.44 27.47
N ILE E 56 23.25 3.15 27.54
CA ILE E 56 21.88 2.73 27.84
C ILE E 56 21.56 2.85 29.32
N ALA E 57 22.56 2.85 30.20
CA ALA E 57 22.31 3.02 31.63
C ALA E 57 21.62 4.35 31.90
N ALA E 58 21.80 5.33 31.01
CA ALA E 58 21.19 6.64 31.22
C ALA E 58 19.67 6.53 31.37
N HIS E 59 19.05 5.54 30.75
CA HIS E 59 17.60 5.39 30.83
C HIS E 59 17.14 4.79 32.15
N LEU E 60 18.06 4.44 33.05
CA LEU E 60 17.66 3.91 34.34
C LEU E 60 16.73 4.88 35.05
N VAL E 61 15.69 4.34 35.67
CA VAL E 61 14.69 5.13 36.38
C VAL E 61 14.98 5.03 37.87
N ASP E 62 14.95 6.18 38.54
CA ASP E 62 15.24 6.21 39.97
C ASP E 62 14.06 5.64 40.75
N PRO E 63 14.29 4.71 41.68
CA PRO E 63 13.14 4.17 42.44
C PRO E 63 12.42 5.20 43.27
N LEU E 64 13.09 6.32 43.59
CA LEU E 64 12.48 7.32 44.46
C LEU E 64 11.61 8.29 43.68
N ASN E 65 11.99 8.60 42.44
CA ASN E 65 11.29 9.62 41.66
C ASN E 65 9.81 9.31 41.54
N MET E 66 9.47 8.21 40.87
CA MET E 66 8.06 7.86 40.69
C MET E 66 7.48 7.34 42.00
N HIS E 67 6.29 7.82 42.34
CA HIS E 67 5.63 7.50 43.61
C HIS E 67 4.20 7.04 43.31
N VAL E 68 4.05 5.73 43.07
CA VAL E 68 2.75 5.11 42.88
C VAL E 68 2.77 3.76 43.58
N THR E 69 2.10 3.68 44.73
CA THR E 69 2.09 2.46 45.53
C THR E 69 0.98 1.53 45.07
N TRP E 70 0.96 0.32 45.62
CA TRP E 70 -0.09 -0.63 45.28
C TRP E 70 -1.47 -0.10 45.66
N SER E 71 -1.53 0.72 46.72
CA SER E 71 -2.80 1.30 47.12
C SER E 71 -3.36 2.18 46.01
N ASP E 72 -2.49 2.79 45.20
CA ASP E 72 -2.97 3.62 44.10
C ASP E 72 -3.71 2.78 43.06
N ILE E 73 -3.35 1.50 42.94
CA ILE E 73 -4.07 0.61 42.04
C ILE E 73 -5.31 0.08 42.75
N ALA E 74 -6.47 0.28 42.13
CA ALA E 74 -7.75 -0.11 42.72
C ALA E 74 -8.55 -0.89 41.68
N GLY E 75 -9.64 -1.50 42.15
CA GLY E 75 -10.50 -2.28 41.28
C GLY E 75 -9.93 -3.66 41.00
N LEU E 76 -8.81 -3.70 40.27
CA LEU E 76 -8.15 -4.96 39.92
C LEU E 76 -7.19 -5.34 41.04
N ASP E 77 -7.77 -5.93 42.09
CA ASP E 77 -6.96 -6.35 43.24
C ASP E 77 -6.37 -7.73 43.02
N ASP E 78 -7.16 -8.67 42.49
CA ASP E 78 -6.65 -10.02 42.28
C ASP E 78 -5.52 -10.04 41.26
N VAL E 79 -5.66 -9.27 40.18
CA VAL E 79 -4.61 -9.26 39.16
C VAL E 79 -3.32 -8.69 39.73
N ILE E 80 -3.41 -7.60 40.50
CA ILE E 80 -2.20 -6.99 41.04
C ILE E 80 -1.57 -7.89 42.09
N THR E 81 -2.39 -8.61 42.87
CA THR E 81 -1.83 -9.56 43.83
C THR E 81 -1.10 -10.69 43.12
N ASP E 82 -1.70 -11.22 42.05
CA ASP E 82 -1.05 -12.28 41.28
C ASP E 82 0.28 -11.80 40.70
N LEU E 83 0.28 -10.61 40.11
CA LEU E 83 1.52 -10.04 39.58
C LEU E 83 2.57 -9.89 40.67
N LYS E 84 2.19 -9.21 41.76
CA LYS E 84 3.08 -9.02 42.90
C LYS E 84 3.73 -10.34 43.30
N ASP E 85 2.92 -11.33 43.64
CA ASP E 85 3.49 -12.62 44.02
C ASP E 85 4.41 -13.15 42.93
N THR E 86 3.85 -13.43 41.75
CA THR E 86 4.56 -14.20 40.74
C THR E 86 5.88 -13.54 40.35
N VAL E 87 5.98 -12.22 40.44
CA VAL E 87 7.18 -11.51 40.00
C VAL E 87 8.13 -11.23 41.15
N ILE E 88 7.63 -10.71 42.28
CA ILE E 88 8.53 -10.33 43.37
C ILE E 88 9.05 -11.56 44.09
N LEU E 89 8.18 -12.52 44.43
CA LEU E 89 8.63 -13.65 45.25
C LEU E 89 9.79 -14.40 44.62
N PRO E 90 9.85 -14.60 43.29
CA PRO E 90 11.09 -15.18 42.72
C PRO E 90 12.30 -14.28 42.93
N ILE E 91 12.10 -12.97 43.00
CA ILE E 91 13.22 -12.06 43.20
C ILE E 91 13.54 -11.90 44.69
N LYS E 92 12.54 -11.49 45.47
CA LYS E 92 12.68 -11.33 46.92
C LYS E 92 12.31 -12.65 47.58
N LYS E 93 13.04 -13.01 48.64
CA LYS E 93 12.97 -14.35 49.22
C LYS E 93 13.54 -15.36 48.25
N LYS E 94 14.47 -14.92 47.39
CA LYS E 94 15.05 -15.81 46.39
C LYS E 94 15.81 -16.96 47.04
N HIS E 95 16.27 -16.79 48.29
CA HIS E 95 17.03 -17.84 48.94
C HIS E 95 16.20 -19.12 49.08
N LEU E 96 14.90 -18.98 49.33
CA LEU E 96 14.04 -20.15 49.43
C LEU E 96 13.94 -20.87 48.09
N PHE E 97 14.14 -20.13 46.99
CA PHE E 97 13.98 -20.68 45.64
C PHE E 97 15.31 -21.07 45.00
N GLU E 98 16.43 -20.85 45.69
CA GLU E 98 17.73 -21.13 45.08
C GLU E 98 17.90 -22.63 44.80
N ASN E 99 17.42 -23.47 45.71
CA ASN E 99 17.59 -24.91 45.52
C ASN E 99 16.80 -25.40 44.30
N SER E 100 15.68 -24.76 44.01
CA SER E 100 14.86 -25.17 42.87
C SER E 100 15.47 -24.64 41.58
N ARG E 101 15.45 -25.47 40.55
CA ARG E 101 15.98 -25.10 39.23
C ARG E 101 14.89 -24.55 38.31
N LEU E 102 13.62 -24.70 38.66
CA LEU E 102 12.53 -24.28 37.80
C LEU E 102 11.79 -23.05 38.31
N LEU E 103 11.71 -22.84 39.62
CA LEU E 103 10.95 -21.72 40.20
C LEU E 103 11.88 -20.51 40.31
N GLN E 104 11.96 -19.75 39.22
CA GLN E 104 12.77 -18.55 39.12
C GLN E 104 11.95 -17.48 38.42
N PRO E 105 12.32 -16.21 38.58
CA PRO E 105 11.53 -15.12 37.97
C PRO E 105 11.37 -15.34 36.47
N PRO E 106 10.20 -15.03 35.92
CA PRO E 106 9.97 -15.29 34.49
C PRO E 106 10.92 -14.48 33.61
N LYS E 107 11.28 -15.07 32.47
CA LYS E 107 12.05 -14.38 31.44
C LYS E 107 11.08 -13.77 30.43
N GLY E 108 10.13 -13.00 30.95
CA GLY E 108 9.13 -12.36 30.11
C GLY E 108 7.76 -12.24 30.76
N VAL E 109 7.18 -11.04 30.68
CA VAL E 109 5.85 -10.77 31.19
C VAL E 109 5.19 -9.77 30.27
N LEU E 110 3.86 -9.82 30.17
CA LEU E 110 3.12 -8.94 29.28
C LEU E 110 1.77 -8.61 29.89
N LEU E 111 1.48 -7.32 30.01
CA LEU E 111 0.19 -6.85 30.54
C LEU E 111 -0.53 -6.11 29.42
N TYR E 112 -1.58 -6.73 28.89
CA TYR E 112 -2.34 -6.20 27.78
C TYR E 112 -3.80 -5.97 28.19
N GLY E 113 -4.60 -5.58 27.22
CA GLY E 113 -5.99 -5.26 27.44
C GLY E 113 -6.36 -3.95 26.79
N PRO E 114 -7.59 -3.48 27.04
CA PRO E 114 -8.00 -2.18 26.51
C PRO E 114 -7.06 -1.08 26.96
N PRO E 115 -7.10 0.08 26.32
CA PRO E 115 -6.17 1.15 26.68
C PRO E 115 -6.46 1.71 28.07
N GLY E 116 -5.41 2.23 28.69
CA GLY E 116 -5.56 2.81 30.01
C GLY E 116 -5.79 1.73 31.07
N CYS E 117 -6.61 2.10 32.06
CA CYS E 117 -7.04 1.20 33.12
C CYS E 117 -5.90 0.37 33.72
N GLY E 118 -4.80 1.02 34.10
CA GLY E 118 -3.84 0.45 35.03
C GLY E 118 -2.60 -0.15 34.42
N LYS E 119 -2.52 -0.28 33.09
CA LYS E 119 -1.38 -0.97 32.49
C LYS E 119 -0.07 -0.25 32.81
N THR E 120 0.09 0.98 32.31
CA THR E 120 1.31 1.73 32.63
C THR E 120 1.31 2.16 34.08
N LEU E 121 0.13 2.26 34.70
CA LEU E 121 0.08 2.51 36.15
C LEU E 121 0.72 1.36 36.90
N ILE E 122 0.37 0.12 36.54
CA ILE E 122 1.00 -1.04 37.16
C ILE E 122 2.49 -1.05 36.86
N ALA E 123 2.88 -0.72 35.63
CA ALA E 123 4.30 -0.68 35.29
C ALA E 123 5.04 0.32 36.18
N LYS E 124 4.46 1.50 36.38
CA LYS E 124 5.08 2.51 37.25
C LYS E 124 5.17 2.00 38.69
N ALA E 125 4.08 1.45 39.21
CA ALA E 125 4.07 1.01 40.60
C ALA E 125 5.09 -0.10 40.84
N THR E 126 5.20 -1.05 39.92
CA THR E 126 6.14 -2.15 40.08
C THR E 126 7.57 -1.63 40.20
N ALA E 127 7.91 -0.59 39.46
CA ALA E 127 9.26 -0.06 39.48
C ALA E 127 9.70 0.43 40.84
N LYS E 128 8.76 0.68 41.76
CA LYS E 128 9.08 1.20 43.09
C LYS E 128 9.10 0.10 44.14
N GLU E 129 7.97 -0.60 44.33
CA GLU E 129 7.86 -1.62 45.37
C GLU E 129 8.18 -3.01 44.83
N ALA E 130 9.32 -3.15 44.17
CA ALA E 130 9.76 -4.45 43.67
C ALA E 130 11.27 -4.67 43.75
N GLY E 131 12.03 -3.73 44.30
CA GLY E 131 13.47 -3.81 44.14
C GLY E 131 13.81 -3.97 42.68
N CYS E 132 14.70 -4.92 42.38
CA CYS E 132 14.91 -5.34 41.00
C CYS E 132 15.15 -4.14 40.09
N ARG E 133 16.29 -3.47 40.26
CA ARG E 133 16.54 -2.16 39.66
C ARG E 133 15.89 -2.03 38.29
N PHE E 134 15.09 -0.98 38.12
CA PHE E 134 14.23 -0.85 36.95
C PHE E 134 14.91 -0.02 35.88
N ILE E 135 14.88 -0.51 34.64
CA ILE E 135 15.51 0.16 33.50
C ILE E 135 14.48 0.22 32.38
N ASN E 136 13.98 1.42 32.09
CA ASN E 136 13.13 1.60 30.92
C ASN E 136 13.99 1.54 29.66
N LEU E 137 13.41 1.03 28.57
CA LEU E 137 14.19 0.81 27.36
C LEU E 137 14.11 2.01 26.41
N GLN E 138 12.94 2.62 26.27
CA GLN E 138 12.78 3.75 25.37
C GLN E 138 13.27 3.37 23.99
N PRO E 139 12.52 2.55 23.24
CA PRO E 139 13.03 2.03 21.96
C PRO E 139 13.70 3.07 21.07
N SER E 140 13.31 4.34 21.18
CA SER E 140 13.87 5.36 20.30
C SER E 140 15.40 5.38 20.36
N THR E 141 15.96 5.26 21.56
CA THR E 141 17.41 5.32 21.70
C THR E 141 18.09 4.17 20.98
N LEU E 142 17.42 3.03 20.85
CA LEU E 142 18.03 1.87 20.21
C LEU E 142 18.36 2.15 18.75
N THR E 143 17.52 2.92 18.07
CA THR E 143 17.77 3.25 16.68
C THR E 143 18.85 4.32 16.58
N ASP E 144 19.64 4.23 15.50
CA ASP E 144 20.73 5.16 15.28
C ASP E 144 21.06 5.17 13.79
N LYS E 145 21.28 6.37 13.23
CA LYS E 145 21.57 6.48 11.81
C LYS E 145 22.93 5.88 11.47
N TRP E 146 23.88 5.93 12.39
CA TRP E 146 25.19 5.37 12.13
C TRP E 146 25.09 3.86 11.96
N TYR E 147 26.14 3.28 11.39
CA TYR E 147 26.16 1.85 11.07
C TYR E 147 26.61 1.06 12.29
N GLY E 148 25.87 0.00 12.62
CA GLY E 148 26.22 -0.89 13.70
C GLY E 148 25.82 -0.43 15.08
N GLU E 149 25.38 0.82 15.24
CA GLU E 149 25.02 1.30 16.58
C GLU E 149 23.80 0.58 17.11
N SER E 150 22.82 0.29 16.24
CA SER E 150 21.56 -0.28 16.71
C SER E 150 21.76 -1.67 17.30
N GLN E 151 22.46 -2.55 16.58
CA GLN E 151 22.67 -3.91 17.05
C GLN E 151 23.54 -3.92 18.30
N LYS E 152 24.59 -3.09 18.32
CA LYS E 152 25.44 -3.03 19.50
C LYS E 152 24.66 -2.54 20.72
N LEU E 153 23.77 -1.57 20.54
CA LEU E 153 22.96 -1.10 21.65
C LEU E 153 21.99 -2.16 22.11
N ALA E 154 21.35 -2.86 21.16
CA ALA E 154 20.44 -3.95 21.51
C ALA E 154 21.15 -5.03 22.31
N ALA E 155 22.41 -5.33 21.99
CA ALA E 155 23.16 -6.30 22.77
C ALA E 155 23.56 -5.73 24.13
N ALA E 156 23.96 -4.46 24.16
CA ALA E 156 24.37 -3.84 25.41
C ALA E 156 23.23 -3.77 26.40
N VAL E 157 21.99 -3.70 25.92
CA VAL E 157 20.85 -3.71 26.83
C VAL E 157 20.87 -4.97 27.70
N PHE E 158 20.87 -6.14 27.04
CA PHE E 158 20.87 -7.39 27.79
C PHE E 158 22.18 -7.58 28.54
N SER E 159 23.28 -7.04 28.01
CA SER E 159 24.54 -7.10 28.74
C SER E 159 24.42 -6.40 30.08
N LEU E 160 23.92 -5.16 30.09
CA LEU E 160 23.76 -4.41 31.32
C LEU E 160 22.75 -5.07 32.25
N ALA E 161 21.66 -5.61 31.67
CA ALA E 161 20.61 -6.21 32.50
C ALA E 161 21.19 -7.28 33.41
N ILE E 162 22.09 -8.12 32.88
CA ILE E 162 22.70 -9.15 33.73
C ILE E 162 23.91 -8.59 34.46
N LYS E 163 24.51 -7.50 33.94
CA LYS E 163 25.60 -6.87 34.65
C LYS E 163 25.16 -6.38 36.03
N LEU E 164 23.94 -5.84 36.13
CA LEU E 164 23.37 -5.44 37.42
C LEU E 164 22.00 -6.11 37.58
N GLN E 165 22.02 -7.34 38.09
CA GLN E 165 20.80 -8.09 38.35
C GLN E 165 20.51 -8.12 39.84
N PRO E 166 19.24 -8.31 40.23
CA PRO E 166 18.08 -8.47 39.35
C PRO E 166 17.60 -7.15 38.76
N SER E 167 17.16 -7.16 37.50
CA SER E 167 16.77 -5.94 36.80
C SER E 167 15.53 -6.21 35.95
N ILE E 168 14.62 -5.23 35.92
CA ILE E 168 13.45 -5.33 35.06
C ILE E 168 13.64 -4.44 33.83
N ILE E 169 13.29 -4.98 32.67
CA ILE E 169 13.31 -4.25 31.42
C ILE E 169 11.87 -3.99 31.00
N PHE E 170 11.58 -2.76 30.57
CA PHE E 170 10.24 -2.34 30.23
C PHE E 170 10.24 -1.73 28.83
N ILE E 171 9.27 -2.12 28.02
CA ILE E 171 9.10 -1.60 26.67
C ILE E 171 7.63 -1.24 26.51
N ASP E 172 7.32 0.05 26.63
CA ASP E 172 5.95 0.50 26.44
C ASP E 172 5.58 0.42 24.96
N GLN E 173 4.36 -0.02 24.71
CA GLN E 173 3.89 -0.26 23.34
C GLN E 173 4.82 -1.24 22.62
N ILE E 174 5.01 -2.40 23.25
CA ILE E 174 5.89 -3.42 22.70
C ILE E 174 5.41 -3.87 21.33
N ASP E 175 4.11 -3.81 21.09
CA ASP E 175 3.57 -4.25 19.79
C ASP E 175 4.10 -3.39 18.66
N SER E 176 4.25 -2.08 18.90
CA SER E 176 4.74 -1.19 17.85
C SER E 176 6.23 -1.35 17.63
N PHE E 177 7.02 -1.34 18.71
CA PHE E 177 8.45 -1.55 18.59
C PHE E 177 8.75 -2.91 17.99
N LEU E 178 8.27 -3.98 18.64
CA LEU E 178 8.46 -5.34 18.14
C LEU E 178 7.23 -5.76 17.35
N ARG E 179 7.06 -5.12 16.20
CA ARG E 179 5.92 -5.41 15.33
C ARG E 179 6.13 -6.74 14.61
N ASN E 180 5.03 -7.30 14.11
CA ASN E 180 5.10 -8.57 13.38
C ASN E 180 6.13 -8.49 12.26
N ARG E 181 7.06 -9.44 12.26
CA ARG E 181 8.11 -9.43 11.26
C ARG E 181 7.52 -9.55 9.85
N SER E 182 8.01 -8.72 8.95
CA SER E 182 7.55 -8.71 7.56
C SER E 182 8.72 -8.42 6.65
N SER E 183 8.43 -8.28 5.35
CA SER E 183 9.47 -7.97 4.39
C SER E 183 9.74 -6.47 4.34
N SER E 184 8.75 -5.65 4.69
CA SER E 184 8.87 -4.20 4.63
C SER E 184 9.40 -3.64 5.96
N ASP E 185 10.69 -3.89 6.20
CA ASP E 185 11.36 -3.38 7.38
C ASP E 185 12.83 -3.15 7.04
N HIS E 186 13.41 -2.09 7.60
CA HIS E 186 14.81 -1.78 7.35
C HIS E 186 15.70 -2.95 7.78
N GLU E 187 16.82 -3.11 7.09
CA GLU E 187 17.69 -4.26 7.35
C GLU E 187 18.21 -4.24 8.78
N ALA E 188 18.49 -3.06 9.32
CA ALA E 188 19.00 -2.98 10.68
C ALA E 188 17.89 -3.23 11.70
N THR E 189 16.69 -2.73 11.43
CA THR E 189 15.58 -2.96 12.34
C THR E 189 15.19 -4.44 12.35
N ALA E 190 15.40 -5.13 11.23
CA ALA E 190 15.14 -6.56 11.18
C ALA E 190 16.31 -7.38 11.71
N MET E 191 17.52 -6.83 11.70
CA MET E 191 18.66 -7.53 12.30
C MET E 191 18.59 -7.47 13.82
N MET E 192 18.22 -6.30 14.36
CA MET E 192 18.01 -6.19 15.80
C MET E 192 16.91 -7.12 16.29
N LYS E 193 15.97 -7.49 15.43
CA LYS E 193 14.96 -8.48 15.82
C LYS E 193 15.62 -9.81 16.18
N ALA E 194 16.42 -10.36 15.27
CA ALA E 194 17.13 -11.61 15.55
C ALA E 194 18.09 -11.43 16.71
N GLN E 195 18.73 -10.27 16.80
CA GLN E 195 19.61 -9.99 17.93
C GLN E 195 18.87 -10.16 19.26
N PHE E 196 17.76 -9.44 19.41
CA PHE E 196 16.94 -9.54 20.61
C PHE E 196 16.50 -10.97 20.86
N MET E 197 16.01 -11.65 19.83
CA MET E 197 15.47 -12.99 20.01
C MET E 197 16.56 -13.96 20.47
N SER E 198 17.76 -13.83 19.93
CA SER E 198 18.84 -14.76 20.29
C SER E 198 19.41 -14.44 21.66
N LEU E 199 19.41 -13.15 22.04
CA LEU E 199 20.05 -12.78 23.30
C LEU E 199 19.09 -12.88 24.47
N TRP E 200 17.78 -12.91 24.21
CA TRP E 200 16.81 -12.95 25.29
C TRP E 200 16.88 -14.28 26.04
N ASP E 201 16.60 -15.39 25.34
CA ASP E 201 16.59 -16.70 25.97
C ASP E 201 17.32 -17.74 25.13
N GLY E 202 18.39 -17.35 24.44
CA GLY E 202 19.06 -18.24 23.52
C GLY E 202 20.19 -19.05 24.13
N LEU E 203 21.41 -18.83 23.63
CA LEU E 203 22.51 -19.71 23.97
C LEU E 203 23.20 -19.31 25.27
N ASP E 204 23.25 -18.01 25.56
CA ASP E 204 24.07 -17.47 26.65
C ASP E 204 23.17 -16.73 27.64
N THR E 205 22.07 -17.36 28.04
CA THR E 205 21.15 -16.72 28.98
C THR E 205 20.30 -17.81 29.65
N ASP E 206 19.47 -17.39 30.60
CA ASP E 206 18.47 -18.27 31.23
C ASP E 206 19.13 -19.31 32.12
N HIS E 207 20.17 -18.91 32.85
CA HIS E 207 20.77 -19.83 33.82
C HIS E 207 20.64 -19.32 35.26
N SER E 208 21.24 -18.17 35.57
CA SER E 208 21.17 -17.57 36.91
C SER E 208 21.11 -16.05 36.80
N CYS E 209 20.33 -15.54 35.85
CA CYS E 209 20.31 -14.11 35.57
C CYS E 209 19.13 -13.37 36.18
N GLN E 210 17.97 -14.00 36.33
CA GLN E 210 16.79 -13.35 36.92
C GLN E 210 16.49 -12.01 36.27
N VAL E 211 16.68 -11.94 34.96
CA VAL E 211 16.37 -10.73 34.19
C VAL E 211 14.97 -10.88 33.61
N ILE E 212 13.99 -10.22 34.22
CA ILE E 212 12.62 -10.31 33.74
C ILE E 212 12.33 -9.13 32.84
N VAL E 213 11.76 -9.41 31.67
CA VAL E 213 11.45 -8.40 30.66
C VAL E 213 9.94 -8.28 30.58
N MET E 214 9.40 -7.19 31.12
CA MET E 214 7.95 -6.98 31.14
C MET E 214 7.60 -5.94 30.08
N GLY E 215 6.42 -6.12 29.47
CA GLY E 215 5.98 -5.23 28.41
C GLY E 215 4.50 -4.93 28.54
N ALA E 216 4.13 -3.81 27.93
CA ALA E 216 2.75 -3.34 27.89
C ALA E 216 2.39 -2.96 26.46
N THR E 217 1.16 -3.25 26.05
CA THR E 217 0.70 -2.97 24.70
C THR E 217 -0.80 -2.72 24.72
N ASN E 218 -1.23 -1.74 23.92
CA ASN E 218 -2.66 -1.47 23.80
C ASN E 218 -3.35 -2.53 22.97
N ARG E 219 -2.71 -2.98 21.89
CA ARG E 219 -3.28 -3.96 20.98
C ARG E 219 -2.41 -5.21 20.97
N PRO E 220 -2.93 -6.36 21.41
CA PRO E 220 -2.14 -7.60 21.35
C PRO E 220 -2.23 -8.35 20.03
N GLN E 221 -2.95 -7.81 19.05
CA GLN E 221 -3.20 -8.55 17.82
C GLN E 221 -1.90 -8.82 17.06
N ASP E 222 -1.11 -7.78 16.83
CA ASP E 222 0.08 -7.86 15.96
C ASP E 222 1.36 -7.80 16.78
N LEU E 223 1.36 -8.38 17.98
CA LEU E 223 2.58 -8.39 18.78
C LEU E 223 3.69 -9.16 18.08
N ASP E 224 3.53 -10.48 17.96
CA ASP E 224 4.49 -11.32 17.25
C ASP E 224 4.02 -12.78 17.28
N SER E 225 4.78 -13.66 16.65
CA SER E 225 4.57 -15.10 16.80
C SER E 225 5.69 -15.68 17.66
N ALA E 226 6.89 -15.09 17.56
CA ALA E 226 8.01 -15.53 18.38
C ALA E 226 8.05 -14.78 19.70
N ILE E 227 8.14 -13.45 19.64
CA ILE E 227 8.21 -12.64 20.86
C ILE E 227 7.00 -12.93 21.76
N MET E 228 5.85 -13.22 21.15
CA MET E 228 4.67 -13.56 21.94
C MET E 228 4.94 -14.75 22.86
N ARG E 229 5.80 -15.67 22.41
CA ARG E 229 6.11 -16.85 23.22
C ARG E 229 7.02 -16.50 24.38
N ARG E 230 7.98 -15.59 24.16
CA ARG E 230 8.92 -15.22 25.21
C ARG E 230 8.27 -14.47 26.36
N MET E 231 7.00 -14.08 26.22
CA MET E 231 6.26 -13.42 27.29
C MET E 231 5.04 -14.27 27.62
N PRO E 232 5.22 -15.45 28.22
CA PRO E 232 4.07 -16.34 28.44
C PRO E 232 3.06 -15.79 29.43
N THR E 233 3.52 -15.38 30.60
CA THR E 233 2.62 -14.84 31.60
C THR E 233 1.95 -13.57 31.09
N ARG E 234 0.63 -13.57 31.07
CA ARG E 234 -0.15 -12.46 30.51
C ARG E 234 -1.29 -12.12 31.46
N PHE E 235 -1.22 -10.93 32.05
CA PHE E 235 -2.27 -10.41 32.91
C PHE E 235 -3.10 -9.42 32.11
N HIS E 236 -4.37 -9.74 31.89
CA HIS E 236 -5.27 -8.92 31.10
C HIS E 236 -6.12 -8.08 32.04
N ILE E 237 -6.10 -6.77 31.83
CA ILE E 237 -6.84 -5.82 32.66
C ILE E 237 -8.06 -5.37 31.87
N ASN E 238 -9.22 -5.95 32.20
CA ASN E 238 -10.44 -5.64 31.48
C ASN E 238 -10.83 -4.17 31.68
N GLN E 239 -11.73 -3.71 30.82
CA GLN E 239 -12.34 -2.40 31.04
C GLN E 239 -13.08 -2.41 32.36
N PRO E 240 -12.80 -1.48 33.28
CA PRO E 240 -13.39 -1.56 34.61
C PRO E 240 -14.89 -1.79 34.56
N ALA E 241 -15.33 -2.84 35.28
CA ALA E 241 -16.74 -3.17 35.38
C ALA E 241 -17.39 -2.34 36.48
N LEU E 242 -18.64 -2.68 36.82
CA LEU E 242 -19.41 -1.87 37.75
C LEU E 242 -18.72 -1.77 39.11
N LYS E 243 -18.37 -2.91 39.71
CA LYS E 243 -17.76 -2.88 41.04
C LYS E 243 -16.37 -2.27 40.98
N GLN E 244 -15.57 -2.65 39.98
CA GLN E 244 -14.23 -2.09 39.86
C GLN E 244 -14.30 -0.59 39.53
N ARG E 245 -15.30 -0.19 38.75
CA ARG E 245 -15.49 1.24 38.49
C ARG E 245 -15.83 1.99 39.77
N GLU E 246 -16.73 1.43 40.58
CA GLU E 246 -17.07 2.06 41.84
C GLU E 246 -15.84 2.20 42.72
N ALA E 247 -15.03 1.14 42.81
CA ALA E 247 -13.83 1.20 43.64
C ALA E 247 -12.85 2.25 43.13
N ILE E 248 -12.56 2.25 41.83
CA ILE E 248 -11.58 3.19 41.29
C ILE E 248 -12.09 4.61 41.44
N LEU E 249 -13.40 4.81 41.33
CA LEU E 249 -13.96 6.16 41.47
C LEU E 249 -13.89 6.62 42.92
N LYS E 250 -14.20 5.74 43.87
CA LYS E 250 -14.03 6.08 45.28
C LYS E 250 -12.57 6.41 45.58
N LEU E 251 -11.64 5.74 44.91
CA LEU E 251 -10.23 5.99 45.15
C LEU E 251 -9.85 7.43 44.82
N ILE E 252 -10.27 7.92 43.65
CA ILE E 252 -9.86 9.24 43.20
C ILE E 252 -10.37 10.31 44.16
N LEU E 253 -11.64 10.22 44.55
CA LEU E 253 -12.25 11.21 45.45
C LEU E 253 -11.84 10.90 46.89
N LYS E 254 -10.54 11.02 47.14
CA LYS E 254 -9.97 10.74 48.46
C LYS E 254 -9.34 11.99 49.04
N ASN E 255 -8.48 12.70 48.29
CA ASN E 255 -7.79 13.85 48.85
C ASN E 255 -8.67 15.09 48.83
N GLU E 256 -9.39 15.31 47.74
CA GLU E 256 -10.23 16.50 47.62
C GLU E 256 -11.44 16.40 48.55
N ASN E 257 -12.11 17.54 48.72
CA ASN E 257 -13.23 17.65 49.66
C ASN E 257 -14.54 17.29 48.95
N VAL E 258 -14.75 15.98 48.79
CA VAL E 258 -15.99 15.49 48.22
C VAL E 258 -17.10 15.55 49.28
N ASP E 259 -18.28 15.97 48.88
CA ASP E 259 -19.39 16.08 49.81
C ASP E 259 -19.92 14.69 50.17
N ARG E 260 -20.11 14.47 51.46
CA ARG E 260 -20.62 13.19 51.94
C ARG E 260 -22.05 12.98 51.44
N HIS E 261 -22.54 11.75 51.60
CA HIS E 261 -23.83 11.26 51.12
C HIS E 261 -23.79 11.02 49.61
N VAL E 262 -22.69 11.33 48.93
CA VAL E 262 -22.59 11.07 47.50
C VAL E 262 -22.54 9.56 47.28
N ASP E 263 -23.44 9.05 46.44
CA ASP E 263 -23.52 7.62 46.15
C ASP E 263 -22.60 7.33 44.97
N LEU E 264 -21.43 6.76 45.28
CA LEU E 264 -20.49 6.40 44.22
C LEU E 264 -21.07 5.30 43.33
N LEU E 265 -21.84 4.38 43.92
CA LEU E 265 -22.45 3.31 43.14
C LEU E 265 -23.41 3.88 42.11
N GLU E 266 -24.09 4.97 42.44
CA GLU E 266 -25.01 5.59 41.48
C GLU E 266 -24.28 6.00 40.21
N VAL E 267 -23.24 6.83 40.36
CA VAL E 267 -22.47 7.26 39.20
C VAL E 267 -21.83 6.06 38.51
N ALA E 268 -21.39 5.07 39.28
CA ALA E 268 -20.83 3.87 38.68
C ALA E 268 -21.83 3.19 37.76
N GLN E 269 -23.11 3.21 38.12
CA GLN E 269 -24.14 2.62 37.27
C GLN E 269 -24.19 3.30 35.91
N GLU E 270 -24.11 4.64 35.91
CA GLU E 270 -24.22 5.40 34.67
C GLU E 270 -22.90 5.51 33.90
N THR E 271 -21.78 5.11 34.51
CA THR E 271 -20.48 5.17 33.86
C THR E 271 -20.07 3.82 33.29
N ASP E 272 -21.02 3.05 32.75
CA ASP E 272 -20.72 1.71 32.25
C ASP E 272 -19.58 1.73 31.25
N GLY E 273 -19.74 2.44 30.14
CA GLY E 273 -18.73 2.42 29.10
C GLY E 273 -17.48 3.21 29.45
N PHE E 274 -17.53 3.98 30.54
CA PHE E 274 -16.40 4.84 30.89
C PHE E 274 -15.18 4.00 31.27
N SER E 275 -14.01 4.53 30.94
CA SER E 275 -12.76 3.89 31.30
C SER E 275 -12.13 4.59 32.51
N GLY E 276 -10.99 4.05 32.95
CA GLY E 276 -10.34 4.60 34.13
C GLY E 276 -9.91 6.05 33.95
N SER E 277 -9.11 6.31 32.91
CA SER E 277 -8.69 7.68 32.65
C SER E 277 -9.88 8.58 32.34
N ASP E 278 -10.93 8.01 31.74
CA ASP E 278 -12.13 8.78 31.49
C ASP E 278 -12.80 9.21 32.79
N LEU E 279 -12.86 8.31 33.77
CA LEU E 279 -13.41 8.68 35.08
C LEU E 279 -12.51 9.69 35.78
N LYS E 280 -11.19 9.54 35.63
CA LYS E 280 -10.25 10.53 36.15
C LYS E 280 -10.56 11.91 35.60
N GLU E 281 -10.73 12.02 34.28
CA GLU E 281 -11.03 13.31 33.68
C GLU E 281 -12.41 13.81 34.08
N MET E 282 -13.36 12.90 34.28
CA MET E 282 -14.68 13.32 34.73
C MET E 282 -14.61 13.96 36.11
N CYS E 283 -13.90 13.32 37.04
CA CYS E 283 -13.67 13.92 38.35
C CYS E 283 -12.93 15.24 38.23
N ARG E 284 -11.94 15.31 37.34
CA ARG E 284 -11.22 16.56 37.13
C ARG E 284 -12.15 17.67 36.66
N ASP E 285 -13.03 17.37 35.71
CA ASP E 285 -13.96 18.36 35.19
C ASP E 285 -14.93 18.82 36.27
N ALA E 286 -15.43 17.87 37.07
CA ALA E 286 -16.31 18.25 38.17
C ALA E 286 -15.59 19.16 39.16
N ALA E 287 -14.35 18.82 39.52
CA ALA E 287 -13.61 19.64 40.46
C ALA E 287 -13.32 21.03 39.90
N LEU E 288 -13.01 21.10 38.60
CA LEU E 288 -12.71 22.40 37.99
C LEU E 288 -13.97 23.25 37.86
N LEU E 289 -15.11 22.60 37.62
CA LEU E 289 -16.37 23.33 37.62
C LEU E 289 -16.69 23.86 39.01
N CYS E 290 -16.43 23.06 40.04
CA CYS E 290 -16.61 23.55 41.41
C CYS E 290 -15.68 24.74 41.69
N VAL E 291 -14.43 24.64 41.25
CA VAL E 291 -13.47 25.72 41.49
C VAL E 291 -13.86 26.97 40.71
N ARG E 292 -14.55 26.80 39.57
CA ARG E 292 -15.00 27.95 38.80
C ARG E 292 -15.84 28.88 39.65
N GLU E 293 -16.57 28.33 40.63
CA GLU E 293 -17.33 29.14 41.58
C GLU E 293 -16.47 29.64 42.74
N TYR E 294 -15.35 30.29 42.42
CA TYR E 294 -14.44 30.82 43.44
C TYR E 294 -15.18 31.66 44.46
N ILE E 308 -13.89 26.87 46.15
CA ILE E 308 -13.97 26.47 47.55
C ILE E 308 -15.36 25.91 47.84
N ARG E 309 -15.75 24.90 47.07
CA ARG E 309 -17.04 24.26 47.22
C ARG E 309 -16.88 22.75 47.10
N PRO E 310 -17.62 21.97 47.92
CA PRO E 310 -17.54 20.51 47.80
C PRO E 310 -18.47 19.98 46.72
N VAL E 311 -18.06 18.88 46.07
CA VAL E 311 -18.88 18.30 45.01
C VAL E 311 -20.02 17.50 45.64
N GLN E 312 -21.26 17.84 45.25
CA GLN E 312 -22.45 17.30 45.89
C GLN E 312 -23.22 16.42 44.88
N GLN E 313 -22.46 15.76 44.00
CA GLN E 313 -22.99 14.77 43.07
C GLN E 313 -23.76 15.41 41.92
N GLN E 314 -23.93 16.73 41.96
CA GLN E 314 -24.63 17.40 40.87
C GLN E 314 -23.67 17.83 39.76
N ASP E 315 -22.51 18.34 40.14
CA ASP E 315 -21.49 18.63 39.14
C ASP E 315 -20.92 17.34 38.54
N LEU E 316 -20.83 16.30 39.36
CA LEU E 316 -20.52 14.98 38.81
C LEU E 316 -21.55 14.56 37.78
N HIS E 317 -22.83 14.85 38.05
CA HIS E 317 -23.88 14.55 37.08
C HIS E 317 -23.72 15.37 35.82
N ARG E 318 -23.36 16.65 35.95
CA ARG E 318 -23.10 17.48 34.78
C ARG E 318 -21.99 16.87 33.92
N ALA E 319 -20.88 16.51 34.57
CA ALA E 319 -19.75 15.96 33.83
C ALA E 319 -20.10 14.63 33.16
N ILE E 320 -20.79 13.75 33.88
CA ILE E 320 -21.11 12.44 33.32
C ILE E 320 -22.12 12.60 32.18
N GLU E 321 -23.04 13.56 32.28
CA GLU E 321 -23.95 13.83 31.18
C GLU E 321 -23.19 14.34 29.96
N LYS E 322 -22.27 15.28 30.18
CA LYS E 322 -21.45 15.78 29.08
C LYS E 322 -20.72 14.64 28.38
N MET E 323 -20.07 13.78 29.15
CA MET E 323 -19.30 12.70 28.56
C MET E 323 -20.18 11.65 27.90
N LYS E 324 -21.37 11.39 28.46
CA LYS E 324 -22.30 10.47 27.82
C LYS E 324 -22.76 11.03 26.47
N LYS E 325 -22.97 12.34 26.41
CA LYS E 325 -23.33 12.96 25.14
C LYS E 325 -22.18 12.91 24.15
N SER E 326 -20.95 13.07 24.64
CA SER E 326 -19.78 13.23 23.79
C SER E 326 -18.96 11.96 23.66
N LYS E 327 -19.18 10.96 24.51
CA LYS E 327 -18.35 9.75 24.48
C LYS E 327 -18.23 9.21 23.06
N ASP E 328 -19.31 9.28 22.28
CA ASP E 328 -19.29 8.80 20.90
C ASP E 328 -18.69 9.88 19.99
N ALA E 329 -17.42 10.19 20.26
CA ALA E 329 -16.71 11.15 19.44
C ALA E 329 -16.65 10.69 17.98
N ALA E 330 -16.42 9.40 17.77
CA ALA E 330 -16.41 8.86 16.42
C ALA E 330 -17.83 8.73 15.87
N PHE E 331 -18.78 8.38 16.73
CA PHE E 331 -20.16 8.16 16.32
C PHE E 331 -21.07 9.24 16.87
N LEU F 49 45.90 -16.34 13.90
CA LEU F 49 44.87 -15.44 14.38
C LEU F 49 45.44 -14.05 14.67
N SER F 50 45.56 -13.23 13.62
CA SER F 50 46.25 -11.96 13.77
C SER F 50 45.33 -10.87 14.32
N GLU F 51 44.33 -10.46 13.55
CA GLU F 51 43.42 -9.40 14.00
C GLU F 51 41.96 -9.86 14.07
N TYR F 52 41.44 -10.39 12.96
CA TYR F 52 40.01 -10.65 12.86
C TYR F 52 39.65 -12.03 13.40
N GLU F 53 40.48 -13.03 13.12
CA GLU F 53 40.23 -14.36 13.65
C GLU F 53 40.11 -14.32 15.17
N MET F 54 40.89 -13.46 15.81
CA MET F 54 40.77 -13.28 17.26
C MET F 54 39.43 -12.64 17.61
N SER F 55 39.02 -11.62 16.84
CA SER F 55 37.74 -10.98 17.09
C SER F 55 36.59 -11.96 17.00
N ILE F 56 36.72 -12.99 16.15
CA ILE F 56 35.68 -13.99 16.01
C ILE F 56 35.79 -15.05 17.11
N ALA F 57 37.01 -15.54 17.37
CA ALA F 57 37.21 -16.49 18.45
C ALA F 57 36.75 -15.94 19.79
N ALA F 58 36.69 -14.60 19.91
CA ALA F 58 36.12 -13.99 21.11
C ALA F 58 34.72 -14.50 21.41
N HIS F 59 34.02 -15.06 20.42
CA HIS F 59 32.71 -15.66 20.62
C HIS F 59 32.77 -17.16 20.83
N LEU F 60 33.98 -17.72 21.00
CA LEU F 60 34.13 -19.15 21.15
C LEU F 60 33.64 -19.62 22.52
N VAL F 61 32.39 -20.05 22.59
CA VAL F 61 31.80 -20.55 23.83
C VAL F 61 32.55 -21.83 24.20
N ASP F 62 32.55 -22.17 25.48
CA ASP F 62 33.29 -23.33 25.95
C ASP F 62 32.35 -24.51 26.20
N PRO F 63 32.83 -25.76 26.03
CA PRO F 63 31.98 -26.90 26.37
C PRO F 63 31.47 -26.87 27.80
N LEU F 64 32.31 -26.48 28.76
CA LEU F 64 31.89 -26.51 30.17
C LEU F 64 30.70 -25.57 30.40
N ASN F 65 30.49 -24.60 29.51
CA ASN F 65 29.39 -23.67 29.68
C ASN F 65 28.06 -24.33 29.34
N MET F 66 28.06 -25.27 28.40
CA MET F 66 26.83 -25.94 28.02
C MET F 66 26.26 -26.73 29.18
N HIS F 67 24.95 -26.65 29.36
CA HIS F 67 24.26 -27.29 30.48
C HIS F 67 23.20 -28.28 30.03
N VAL F 68 23.17 -28.64 28.75
CA VAL F 68 22.11 -29.46 28.18
C VAL F 68 22.68 -30.84 27.82
N THR F 69 21.77 -31.80 27.67
CA THR F 69 22.13 -33.15 27.26
C THR F 69 20.96 -33.72 26.48
N TRP F 70 21.11 -34.97 26.03
CA TRP F 70 20.07 -35.60 25.21
C TRP F 70 18.79 -35.82 26.01
N SER F 71 18.90 -36.16 27.29
CA SER F 71 17.71 -36.40 28.10
C SER F 71 16.84 -35.15 28.19
N ASP F 72 17.45 -33.97 28.07
CA ASP F 72 16.70 -32.73 28.13
C ASP F 72 15.74 -32.57 26.96
N ILE F 73 16.02 -33.21 25.82
CA ILE F 73 15.09 -33.20 24.69
C ILE F 73 14.13 -34.36 24.88
N ALA F 74 13.07 -34.15 25.66
CA ALA F 74 12.14 -35.22 25.98
C ALA F 74 11.00 -35.25 24.96
N GLY F 75 10.66 -36.44 24.50
CA GLY F 75 9.62 -36.63 23.52
C GLY F 75 10.04 -36.45 22.08
N LEU F 76 11.00 -35.55 21.82
CA LEU F 76 11.48 -35.29 20.46
C LEU F 76 12.78 -36.06 20.24
N ASP F 77 12.87 -37.25 20.83
CA ASP F 77 14.07 -38.06 20.73
C ASP F 77 14.23 -38.70 19.35
N ASP F 78 13.13 -38.86 18.59
CA ASP F 78 13.24 -39.50 17.29
C ASP F 78 14.04 -38.64 16.31
N VAL F 79 13.79 -37.33 16.31
CA VAL F 79 14.49 -36.45 15.38
C VAL F 79 15.98 -36.43 15.68
N ILE F 80 16.35 -36.35 16.97
CA ILE F 80 17.76 -36.30 17.34
C ILE F 80 18.45 -37.65 17.21
N THR F 81 17.71 -38.75 17.30
CA THR F 81 18.27 -40.06 17.01
C THR F 81 18.45 -40.29 15.52
N ASP F 82 17.62 -39.67 14.68
CA ASP F 82 17.85 -39.72 13.24
C ASP F 82 19.02 -38.83 12.85
N LEU F 83 19.35 -37.86 13.69
CA LEU F 83 20.41 -36.90 13.39
C LEU F 83 21.76 -37.61 13.25
N LYS F 84 22.15 -38.32 14.30
CA LYS F 84 23.48 -38.91 14.39
C LYS F 84 23.88 -39.61 13.11
N ASP F 85 23.03 -40.50 12.61
CA ASP F 85 23.32 -41.17 11.34
C ASP F 85 23.46 -40.17 10.21
N THR F 86 22.84 -39.00 10.35
CA THR F 86 22.86 -38.01 9.28
C THR F 86 24.09 -37.11 9.36
N VAL F 87 24.36 -36.54 10.54
CA VAL F 87 25.38 -35.51 10.69
C VAL F 87 26.51 -35.98 11.59
N ILE F 88 26.17 -36.39 12.81
CA ILE F 88 27.21 -36.71 13.80
C ILE F 88 28.06 -37.88 13.32
N LEU F 89 27.45 -38.81 12.58
CA LEU F 89 28.22 -39.96 12.10
C LEU F 89 29.28 -39.58 11.08
N PRO F 90 28.98 -38.83 10.01
CA PRO F 90 30.04 -38.42 9.09
C PRO F 90 31.31 -37.91 9.78
N ILE F 91 31.18 -36.94 10.68
CA ILE F 91 32.35 -36.39 11.34
C ILE F 91 33.02 -37.45 12.21
N LYS F 92 32.26 -38.08 13.11
CA LYS F 92 32.82 -39.09 13.99
C LYS F 92 32.81 -40.45 13.31
N GLY F 108 24.73 -27.43 4.72
CA GLY F 108 24.29 -26.95 6.03
C GLY F 108 23.19 -27.81 6.62
N VAL F 109 22.87 -27.55 7.88
CA VAL F 109 21.81 -28.27 8.58
C VAL F 109 20.89 -27.27 9.25
N LEU F 110 19.75 -26.99 8.63
CA LEU F 110 18.78 -26.02 9.13
C LEU F 110 17.67 -26.76 9.85
N LEU F 111 17.29 -26.27 11.02
CA LEU F 111 16.21 -26.84 11.82
C LEU F 111 15.10 -25.80 11.94
N TYR F 112 14.02 -26.00 11.19
CA TYR F 112 12.89 -25.09 11.17
C TYR F 112 11.74 -25.67 11.98
N GLY F 113 10.61 -24.96 11.97
CA GLY F 113 9.44 -25.38 12.71
C GLY F 113 8.70 -24.20 13.30
N PRO F 114 7.90 -24.45 14.34
CA PRO F 114 7.18 -23.37 15.00
C PRO F 114 8.04 -22.70 16.07
N PRO F 115 7.58 -21.60 16.64
CA PRO F 115 8.39 -20.91 17.67
C PRO F 115 8.61 -21.80 18.89
N GLY F 116 9.87 -22.01 19.23
CA GLY F 116 10.22 -22.79 20.40
C GLY F 116 10.32 -24.27 20.13
N CYS F 117 10.03 -25.04 21.18
CA CYS F 117 9.92 -26.49 21.14
C CYS F 117 11.18 -27.14 20.55
N GLY F 118 12.32 -26.78 21.12
CA GLY F 118 13.54 -27.54 21.01
C GLY F 118 14.53 -27.08 19.96
N LYS F 119 14.21 -26.03 19.19
CA LYS F 119 15.12 -25.62 18.12
C LYS F 119 16.47 -25.19 18.69
N THR F 120 16.49 -24.10 19.46
CA THR F 120 17.75 -23.67 20.07
C THR F 120 18.17 -24.63 21.16
N LEU F 121 17.23 -25.41 21.70
CA LEU F 121 17.59 -26.45 22.65
C LEU F 121 18.39 -27.55 21.96
N ILE F 122 17.94 -27.98 20.78
CA ILE F 122 18.67 -28.99 20.03
C ILE F 122 19.98 -28.40 19.50
N ALA F 123 20.00 -27.09 19.27
CA ALA F 123 21.25 -26.44 18.85
C ALA F 123 22.26 -26.43 19.98
N LYS F 124 21.82 -26.08 21.19
CA LYS F 124 22.72 -26.02 22.33
C LYS F 124 23.26 -27.41 22.68
N ALA F 125 22.39 -28.42 22.61
CA ALA F 125 22.81 -29.80 22.84
C ALA F 125 23.44 -30.33 21.55
N THR F 126 24.50 -31.12 21.70
CA THR F 126 25.35 -31.64 20.63
C THR F 126 26.29 -30.57 20.10
N ALA F 127 26.19 -29.33 20.59
CA ALA F 127 27.04 -28.26 20.08
C ALA F 127 28.49 -28.46 20.48
N LYS F 128 28.74 -28.76 21.75
CA LYS F 128 30.09 -28.97 22.25
C LYS F 128 30.36 -30.41 22.68
N GLU F 129 29.50 -30.97 23.52
CA GLU F 129 29.64 -32.38 23.89
C GLU F 129 29.83 -33.25 22.66
N ALA F 130 29.15 -32.91 21.57
CA ALA F 130 29.39 -33.49 20.26
C ALA F 130 30.05 -32.44 19.37
N GLY F 131 30.89 -32.89 18.45
CA GLY F 131 31.65 -31.98 17.62
C GLY F 131 32.95 -31.58 18.29
N CYS F 132 33.53 -30.50 17.75
CA CYS F 132 34.80 -30.00 18.25
C CYS F 132 34.83 -28.47 18.20
N ARG F 133 34.72 -27.87 19.39
CA ARG F 133 34.91 -26.44 19.57
C ARG F 133 34.20 -25.61 18.50
N PHE F 134 32.87 -25.70 18.45
CA PHE F 134 32.09 -24.92 17.51
C PHE F 134 31.97 -23.47 18.00
N ILE F 135 31.52 -22.60 17.11
CA ILE F 135 31.41 -21.17 17.37
C ILE F 135 30.07 -20.66 16.85
N ASN F 136 29.49 -19.71 17.56
CA ASN F 136 28.26 -19.05 17.12
C ASN F 136 28.60 -17.62 16.68
N LEU F 137 28.03 -17.20 15.56
CA LEU F 137 28.40 -15.91 14.96
C LEU F 137 27.56 -14.77 15.52
N GLN F 138 26.24 -14.93 15.57
CA GLN F 138 25.41 -13.87 16.09
C GLN F 138 25.65 -12.61 15.26
N PRO F 139 25.11 -12.54 14.04
CA PRO F 139 25.64 -11.62 13.02
C PRO F 139 26.05 -10.24 13.53
N SER F 140 25.48 -9.77 14.64
CA SER F 140 25.92 -8.50 15.21
C SER F 140 27.44 -8.38 15.23
N THR F 141 28.14 -9.50 15.43
CA THR F 141 29.59 -9.47 15.45
C THR F 141 30.17 -8.94 14.14
N LEU F 142 29.43 -9.08 13.04
CA LEU F 142 29.96 -8.69 11.73
C LEU F 142 29.91 -7.19 11.54
N THR F 143 28.75 -6.58 11.77
CA THR F 143 28.59 -5.14 11.53
C THR F 143 29.33 -4.34 12.59
N ASP F 144 30.09 -3.34 12.15
CA ASP F 144 30.88 -2.49 13.04
C ASP F 144 30.56 -1.03 12.75
N LYS F 145 31.24 -0.15 13.50
CA LYS F 145 30.98 1.28 13.37
C LYS F 145 31.74 1.89 12.21
N TRP F 146 32.92 1.33 11.88
CA TRP F 146 33.83 1.94 10.93
C TRP F 146 33.38 1.67 9.49
N TYR F 147 34.26 1.94 8.52
CA TYR F 147 33.89 1.96 7.12
C TYR F 147 33.67 0.55 6.58
N GLY F 148 32.62 -0.12 7.08
CA GLY F 148 32.23 -1.41 6.51
C GLY F 148 33.36 -2.41 6.42
N GLU F 149 34.02 -2.70 7.54
CA GLU F 149 35.04 -3.73 7.57
C GLU F 149 34.43 -5.13 7.68
N SER F 150 33.11 -5.24 7.76
CA SER F 150 32.43 -6.51 7.96
C SER F 150 32.95 -7.59 7.00
N GLN F 151 33.07 -7.25 5.72
CA GLN F 151 33.56 -8.22 4.74
C GLN F 151 34.81 -8.94 5.25
N LYS F 152 35.80 -8.18 5.70
CA LYS F 152 37.00 -8.80 6.27
C LYS F 152 36.63 -9.86 7.29
N LEU F 153 35.90 -9.47 8.34
CA LEU F 153 35.41 -10.45 9.30
C LEU F 153 34.71 -11.60 8.60
N ALA F 154 33.76 -11.28 7.70
CA ALA F 154 33.01 -12.32 7.01
C ALA F 154 33.95 -13.35 6.38
N ALA F 155 35.10 -12.90 5.90
CA ALA F 155 36.10 -13.84 5.40
C ALA F 155 36.88 -14.46 6.53
N ALA F 156 37.42 -13.64 7.44
CA ALA F 156 38.23 -14.15 8.53
C ALA F 156 37.52 -15.28 9.27
N VAL F 157 36.20 -15.15 9.44
CA VAL F 157 35.43 -16.20 10.09
C VAL F 157 35.76 -17.55 9.47
N PHE F 158 35.53 -17.70 8.17
CA PHE F 158 35.81 -18.98 7.53
C PHE F 158 37.28 -19.33 7.65
N SER F 159 38.15 -18.33 7.62
CA SER F 159 39.56 -18.59 7.92
C SER F 159 39.70 -19.28 9.26
N LEU F 160 39.14 -18.69 10.32
CA LEU F 160 39.15 -19.34 11.63
C LEU F 160 38.63 -20.78 11.52
N ALA F 161 37.65 -21.02 10.65
CA ALA F 161 37.06 -22.34 10.55
C ALA F 161 38.09 -23.39 10.16
N ILE F 162 39.06 -23.02 9.32
CA ILE F 162 40.05 -23.99 8.88
C ILE F 162 41.14 -24.16 9.93
N LYS F 163 41.21 -23.25 10.89
CA LYS F 163 42.22 -23.36 11.95
C LYS F 163 41.96 -24.60 12.81
N LEU F 164 40.75 -24.70 13.36
CA LEU F 164 40.37 -25.85 14.18
C LEU F 164 39.44 -26.77 13.38
N GLN F 165 40.07 -27.70 12.68
CA GLN F 165 39.33 -28.64 11.85
C GLN F 165 38.70 -29.73 12.72
N PRO F 166 37.36 -29.78 12.86
CA PRO F 166 36.31 -28.86 12.40
C PRO F 166 35.68 -28.05 13.53
N SER F 167 34.99 -26.97 13.18
CA SER F 167 34.25 -26.16 14.13
C SER F 167 32.94 -25.70 13.48
N ILE F 168 31.83 -26.18 14.01
CA ILE F 168 30.52 -25.92 13.46
C ILE F 168 30.20 -24.43 13.62
N ILE F 169 29.47 -23.87 12.67
CA ILE F 169 29.11 -22.46 12.68
C ILE F 169 27.61 -22.34 12.90
N PHE F 170 27.21 -21.52 13.86
CA PHE F 170 25.81 -21.29 14.17
C PHE F 170 25.38 -19.89 13.77
N ILE F 171 24.18 -19.80 13.20
CA ILE F 171 23.57 -18.52 12.86
C ILE F 171 22.10 -18.55 13.30
N ASP F 172 21.82 -17.99 14.48
CA ASP F 172 20.46 -17.99 14.99
C ASP F 172 19.61 -16.98 14.23
N GLN F 173 18.38 -17.35 13.93
CA GLN F 173 17.48 -16.55 13.12
C GLN F 173 18.14 -16.17 11.80
N ILE F 174 18.56 -17.20 11.06
CA ILE F 174 19.24 -17.01 9.80
C ILE F 174 18.36 -16.27 8.80
N ASP F 175 17.03 -16.36 8.94
CA ASP F 175 16.14 -15.69 8.01
C ASP F 175 16.38 -14.18 8.01
N SER F 176 16.48 -13.59 9.21
CA SER F 176 16.72 -12.15 9.30
C SER F 176 18.09 -11.79 8.72
N PHE F 177 19.11 -12.59 9.02
CA PHE F 177 20.45 -12.34 8.49
C PHE F 177 20.48 -12.58 6.99
N ALA F 190 25.10 -5.39 3.15
CA ALA F 190 24.57 -5.82 1.86
C ALA F 190 25.61 -6.59 1.07
N MET F 191 26.61 -5.86 0.55
CA MET F 191 27.68 -6.50 -0.19
C MET F 191 28.34 -7.61 0.62
N MET F 192 28.48 -7.40 1.93
CA MET F 192 29.06 -8.43 2.78
C MET F 192 28.19 -9.68 2.78
N LYS F 193 26.87 -9.51 2.66
CA LYS F 193 25.99 -10.67 2.58
C LYS F 193 26.31 -11.51 1.35
N ALA F 194 26.46 -10.86 0.19
CA ALA F 194 26.82 -11.59 -1.01
C ALA F 194 28.20 -12.22 -0.91
N GLN F 195 29.13 -11.52 -0.26
CA GLN F 195 30.47 -12.08 -0.06
C GLN F 195 30.40 -13.34 0.79
N PHE F 196 29.58 -13.32 1.84
CA PHE F 196 29.41 -14.50 2.68
C PHE F 196 28.77 -15.63 1.89
N MET F 197 27.75 -15.32 1.10
CA MET F 197 27.14 -16.33 0.24
C MET F 197 28.17 -16.96 -0.69
N SER F 198 29.07 -16.14 -1.23
CA SER F 198 30.04 -16.64 -2.20
C SER F 198 31.11 -17.50 -1.54
N LEU F 199 31.70 -17.01 -0.44
CA LEU F 199 32.77 -17.76 0.20
C LEU F 199 32.30 -19.13 0.67
N TRP F 200 31.02 -19.28 0.92
CA TRP F 200 30.45 -20.55 1.35
C TRP F 200 30.85 -21.67 0.39
N GLN F 210 34.53 -25.99 5.80
CA GLN F 210 34.45 -27.44 5.81
C GLN F 210 33.22 -27.92 6.57
N VAL F 211 32.95 -27.29 7.72
CA VAL F 211 31.85 -27.72 8.57
C VAL F 211 30.53 -27.45 7.87
N ILE F 212 29.47 -28.08 8.36
CA ILE F 212 28.12 -27.79 7.89
C ILE F 212 27.51 -26.72 8.77
N VAL F 213 26.98 -25.67 8.15
CA VAL F 213 26.44 -24.55 8.91
C VAL F 213 25.09 -24.93 9.47
N MET F 214 24.81 -24.46 10.69
CA MET F 214 23.54 -24.72 11.36
C MET F 214 22.77 -23.41 11.50
N GLY F 215 21.65 -23.31 10.80
CA GLY F 215 20.83 -22.11 10.86
C GLY F 215 19.45 -22.38 11.42
N ALA F 216 19.17 -21.83 12.60
CA ALA F 216 17.89 -22.00 13.27
C ALA F 216 17.01 -20.79 13.02
N THR F 217 15.81 -21.03 12.51
CA THR F 217 14.87 -19.96 12.21
C THR F 217 13.47 -20.40 12.63
N ASN F 218 12.63 -19.41 12.95
CA ASN F 218 11.25 -19.65 13.33
C ASN F 218 10.32 -19.75 12.14
N ARG F 219 10.75 -19.29 10.96
CA ARG F 219 9.91 -19.31 9.77
C ARG F 219 10.78 -19.64 8.57
N PRO F 220 10.52 -20.76 7.86
CA PRO F 220 11.29 -21.04 6.65
C PRO F 220 10.68 -20.38 5.42
N GLN F 221 9.63 -19.58 5.63
CA GLN F 221 8.89 -18.95 4.55
C GLN F 221 9.80 -18.25 3.54
N ASP F 222 10.59 -17.28 4.02
CA ASP F 222 11.37 -16.41 3.14
C ASP F 222 12.81 -16.33 3.64
N LEU F 223 13.40 -17.49 3.95
CA LEU F 223 14.81 -17.49 4.33
C LEU F 223 15.68 -16.99 3.20
N ASP F 224 15.75 -17.74 2.10
CA ASP F 224 16.47 -17.31 0.90
C ASP F 224 16.32 -18.34 -0.21
N SER F 225 16.89 -18.05 -1.38
CA SER F 225 16.90 -19.01 -2.47
C SER F 225 18.28 -19.63 -2.62
N ALA F 226 19.32 -18.79 -2.58
CA ALA F 226 20.69 -19.30 -2.67
C ALA F 226 21.13 -19.96 -1.37
N ILE F 227 20.76 -19.36 -0.23
CA ILE F 227 21.16 -19.91 1.06
C ILE F 227 20.50 -21.27 1.28
N MET F 228 19.24 -21.44 0.86
CA MET F 228 18.52 -22.67 1.15
C MET F 228 19.21 -23.88 0.54
N ARG F 229 19.94 -23.67 -0.56
CA ARG F 229 20.61 -24.77 -1.25
C ARG F 229 21.73 -25.35 -0.40
N ARG F 230 22.58 -24.48 0.14
CA ARG F 230 23.74 -24.92 0.91
C ARG F 230 23.35 -25.82 2.07
N MET F 231 22.11 -25.69 2.55
CA MET F 231 21.59 -26.52 3.64
C MET F 231 20.62 -27.54 3.06
N PRO F 232 21.09 -28.74 2.67
CA PRO F 232 20.17 -29.71 2.07
C PRO F 232 19.28 -30.41 3.07
N THR F 233 19.74 -30.62 4.30
CA THR F 233 18.98 -31.32 5.32
C THR F 233 18.16 -30.30 6.12
N ARG F 234 16.87 -30.56 6.26
CA ARG F 234 15.96 -29.67 6.98
C ARG F 234 15.12 -30.52 7.94
N PHE F 235 15.51 -30.51 9.21
CA PHE F 235 14.75 -31.25 10.22
C PHE F 235 13.58 -30.40 10.72
N HIS F 236 12.37 -30.94 10.57
CA HIS F 236 11.15 -30.23 10.99
C HIS F 236 10.88 -30.59 12.45
N ILE F 237 11.30 -29.69 13.34
CA ILE F 237 10.98 -29.84 14.75
C ILE F 237 9.52 -29.42 14.93
N ASN F 238 8.62 -30.40 14.94
CA ASN F 238 7.21 -30.10 14.92
C ASN F 238 6.71 -29.71 16.31
N GLN F 239 5.53 -29.10 16.34
CA GLN F 239 4.86 -28.81 17.59
C GLN F 239 4.56 -30.13 18.29
N PRO F 240 5.07 -30.37 19.50
CA PRO F 240 4.85 -31.67 20.14
C PRO F 240 3.39 -32.10 20.11
N ALA F 241 3.16 -33.36 19.77
CA ALA F 241 1.83 -33.92 19.70
C ALA F 241 1.43 -34.46 21.07
N LEU F 242 0.28 -35.13 21.14
CA LEU F 242 -0.21 -35.64 22.42
C LEU F 242 0.86 -36.46 23.13
N LYS F 243 1.32 -37.54 22.50
CA LYS F 243 2.37 -38.36 23.11
C LYS F 243 3.63 -37.56 23.33
N GLN F 244 4.02 -36.76 22.34
CA GLN F 244 5.22 -35.92 22.49
C GLN F 244 5.04 -34.88 23.58
N ARG F 245 3.84 -34.29 23.70
CA ARG F 245 3.58 -33.33 24.75
C ARG F 245 3.72 -33.98 26.12
N GLU F 246 3.13 -35.17 26.29
CA GLU F 246 3.26 -35.88 27.56
C GLU F 246 4.72 -36.21 27.86
N ALA F 247 5.47 -36.62 26.83
CA ALA F 247 6.86 -36.99 27.03
C ALA F 247 7.69 -35.78 27.47
N ILE F 248 7.44 -34.62 26.86
CA ILE F 248 8.19 -33.43 27.24
C ILE F 248 7.74 -32.93 28.60
N LEU F 249 6.47 -33.17 28.96
CA LEU F 249 5.97 -32.69 30.24
C LEU F 249 6.52 -33.52 31.39
N LYS F 250 6.58 -34.84 31.23
CA LYS F 250 7.09 -35.68 32.31
C LYS F 250 8.53 -35.34 32.67
N LEU F 251 9.27 -34.75 31.73
CA LEU F 251 10.66 -34.39 32.02
C LEU F 251 10.74 -33.17 32.93
N ILE F 252 9.81 -32.23 32.78
CA ILE F 252 9.87 -30.99 33.56
C ILE F 252 9.70 -31.30 35.04
N LEU F 253 8.97 -32.37 35.37
CA LEU F 253 8.69 -32.74 36.74
C LEU F 253 9.59 -33.88 37.22
N LYS F 254 10.79 -33.99 36.67
CA LYS F 254 11.68 -35.10 37.06
C LYS F 254 12.27 -34.87 38.44
N ASN F 255 12.93 -33.72 38.64
CA ASN F 255 13.65 -33.44 39.88
C ASN F 255 12.87 -32.52 40.81
N GLU F 256 11.57 -32.31 40.55
CA GLU F 256 10.72 -31.47 41.39
C GLU F 256 9.65 -32.33 42.03
N ASN F 257 9.37 -32.06 43.31
CA ASN F 257 8.39 -32.85 44.04
C ASN F 257 6.98 -32.58 43.51
N VAL F 258 6.23 -33.66 43.29
CA VAL F 258 4.84 -33.58 42.85
C VAL F 258 4.06 -34.69 43.51
N ASP F 259 2.74 -34.61 43.40
CA ASP F 259 1.87 -35.60 44.02
C ASP F 259 1.91 -36.91 43.24
N ARG F 260 1.56 -37.99 43.93
CA ARG F 260 1.47 -39.30 43.30
C ARG F 260 0.17 -39.43 42.51
N HIS F 261 0.21 -40.28 41.48
CA HIS F 261 -0.94 -40.58 40.64
C HIS F 261 -1.33 -39.42 39.73
N VAL F 262 -0.44 -38.45 39.54
CA VAL F 262 -0.74 -37.34 38.63
C VAL F 262 -0.80 -37.87 37.21
N ASP F 263 -1.94 -37.67 36.56
CA ASP F 263 -2.18 -38.18 35.21
C ASP F 263 -1.51 -37.25 34.21
N LEU F 264 -0.23 -37.53 33.91
CA LEU F 264 0.48 -36.74 32.91
C LEU F 264 -0.24 -36.79 31.57
N LEU F 265 -0.74 -37.97 31.19
CA LEU F 265 -1.44 -38.11 29.92
C LEU F 265 -2.66 -37.21 29.86
N GLU F 266 -3.38 -37.09 30.97
CA GLU F 266 -4.60 -36.26 30.98
C GLU F 266 -4.26 -34.79 30.77
N VAL F 267 -3.31 -34.28 31.56
CA VAL F 267 -2.93 -32.87 31.44
C VAL F 267 -2.39 -32.59 30.05
N ALA F 268 -1.66 -33.56 29.47
CA ALA F 268 -1.19 -33.40 28.10
C ALA F 268 -2.37 -33.34 27.13
N GLN F 269 -3.39 -34.17 27.36
CA GLN F 269 -4.58 -34.15 26.52
C GLN F 269 -5.27 -32.79 26.59
N GLU F 270 -5.33 -32.19 27.78
CA GLU F 270 -5.96 -30.88 27.93
C GLU F 270 -5.27 -29.85 27.05
N THR F 271 -3.96 -29.71 27.20
CA THR F 271 -3.18 -28.77 26.39
C THR F 271 -3.06 -29.32 24.98
N ASP F 272 -3.69 -28.63 24.02
CA ASP F 272 -3.68 -29.07 22.63
C ASP F 272 -2.66 -28.30 21.79
N GLY F 273 -2.76 -26.97 21.75
CA GLY F 273 -1.85 -26.14 20.98
C GLY F 273 -0.64 -25.66 21.73
N PHE F 274 -0.39 -26.18 22.93
CA PHE F 274 0.73 -25.72 23.73
C PHE F 274 2.05 -26.18 23.14
N SER F 275 3.08 -25.36 23.32
CA SER F 275 4.44 -25.72 22.96
C SER F 275 5.21 -26.13 24.21
N GLY F 276 6.46 -26.56 24.02
CA GLY F 276 7.25 -26.98 25.17
C GLY F 276 7.48 -25.84 26.16
N SER F 277 7.87 -24.67 25.65
CA SER F 277 8.07 -23.51 26.50
C SER F 277 6.79 -23.10 27.22
N ASP F 278 5.62 -23.41 26.64
CA ASP F 278 4.36 -23.08 27.29
C ASP F 278 3.99 -24.10 28.37
N LEU F 279 4.20 -25.38 28.12
CA LEU F 279 4.01 -26.38 29.18
C LEU F 279 4.95 -26.10 30.34
N LYS F 280 6.18 -25.65 30.05
CA LYS F 280 7.11 -25.28 31.09
C LYS F 280 6.50 -24.23 32.01
N GLU F 281 6.01 -23.12 31.42
CA GLU F 281 5.44 -22.05 32.22
C GLU F 281 4.19 -22.51 32.95
N MET F 282 3.38 -23.36 32.32
CA MET F 282 2.17 -23.86 32.97
C MET F 282 2.51 -24.66 34.22
N CYS F 283 3.43 -25.62 34.10
CA CYS F 283 3.80 -26.42 35.27
C CYS F 283 4.49 -25.55 36.32
N ARG F 284 5.26 -24.55 35.89
CA ARG F 284 5.92 -23.68 36.86
C ARG F 284 4.89 -22.86 37.63
N ASP F 285 3.85 -22.37 36.94
CA ASP F 285 2.79 -21.65 37.63
C ASP F 285 2.07 -22.58 38.60
N ALA F 286 1.82 -23.82 38.19
CA ALA F 286 1.21 -24.77 39.11
C ALA F 286 2.06 -24.95 40.36
N ALA F 287 3.38 -25.08 40.20
CA ALA F 287 4.26 -25.25 41.36
C ALA F 287 4.29 -23.99 42.22
N LEU F 288 4.30 -22.82 41.58
CA LEU F 288 4.29 -21.56 42.32
C LEU F 288 2.99 -21.41 43.11
N LEU F 289 1.92 -22.02 42.62
CA LEU F 289 0.65 -21.99 43.34
C LEU F 289 0.80 -22.67 44.70
N CYS F 290 1.65 -23.69 44.77
CA CYS F 290 1.96 -24.34 46.04
C CYS F 290 2.99 -23.56 46.85
N VAL F 291 3.99 -22.99 46.18
CA VAL F 291 5.02 -22.23 46.87
C VAL F 291 4.39 -21.06 47.62
N ARG F 292 3.57 -20.28 46.92
CA ARG F 292 2.87 -19.16 47.57
C ARG F 292 2.00 -19.67 48.71
N GLU F 293 1.20 -20.71 48.47
CA GLU F 293 0.35 -21.26 49.51
C GLU F 293 1.14 -21.55 50.77
N TYR F 294 2.34 -22.12 50.62
CA TYR F 294 3.18 -22.37 51.78
C TYR F 294 3.71 -21.07 52.38
N VAL F 295 4.02 -20.09 51.54
CA VAL F 295 4.59 -18.84 52.03
C VAL F 295 3.62 -18.14 52.99
N ASN F 296 2.33 -18.21 52.70
CA ASN F 296 1.33 -17.57 53.54
C ASN F 296 1.02 -18.42 54.76
N ILE F 308 6.60 -25.89 49.97
CA ILE F 308 6.87 -27.25 50.43
C ILE F 308 5.58 -28.07 50.40
N ARG F 309 5.14 -28.42 49.19
CA ARG F 309 3.91 -29.20 49.02
C ARG F 309 3.83 -29.72 47.60
N PRO F 310 3.43 -30.98 47.39
CA PRO F 310 3.30 -31.48 46.02
C PRO F 310 2.13 -30.84 45.29
N VAL F 311 2.06 -31.11 43.99
CA VAL F 311 1.01 -30.59 43.14
C VAL F 311 -0.04 -31.69 42.99
N GLN F 312 -1.23 -31.45 43.54
CA GLN F 312 -2.30 -32.43 43.55
C GLN F 312 -3.17 -32.37 42.29
N GLN F 313 -2.68 -31.79 41.22
CA GLN F 313 -3.35 -31.60 39.94
C GLN F 313 -4.39 -30.48 40.00
N GLN F 314 -4.67 -29.92 41.17
CA GLN F 314 -5.54 -28.73 41.24
C GLN F 314 -4.82 -27.52 40.66
N ASP F 315 -3.56 -27.32 41.05
CA ASP F 315 -2.79 -26.21 40.51
C ASP F 315 -2.48 -26.42 39.04
N LEU F 316 -2.30 -27.68 38.63
CA LEU F 316 -2.19 -27.98 37.20
C LEU F 316 -3.42 -27.48 36.44
N HIS F 317 -4.61 -27.79 36.96
CA HIS F 317 -5.84 -27.35 36.30
C HIS F 317 -5.96 -25.84 36.30
N ARG F 318 -5.59 -25.20 37.41
CA ARG F 318 -5.65 -23.73 37.46
C ARG F 318 -4.70 -23.11 36.45
N ALA F 319 -3.49 -23.65 36.33
CA ALA F 319 -2.54 -23.14 35.36
C ALA F 319 -3.03 -23.37 33.94
N ILE F 320 -3.68 -24.51 33.69
CA ILE F 320 -4.29 -24.75 32.39
C ILE F 320 -5.32 -23.67 32.08
N GLU F 321 -6.26 -23.45 33.00
CA GLU F 321 -7.31 -22.47 32.77
C GLU F 321 -6.77 -21.06 32.61
N LYS F 322 -5.67 -20.73 33.29
CA LYS F 322 -5.06 -19.41 33.18
C LYS F 322 -4.30 -19.23 31.88
N MET F 323 -3.41 -20.16 31.55
CA MET F 323 -2.65 -20.06 30.31
C MET F 323 -3.53 -20.21 29.08
N LYS F 324 -4.72 -20.79 29.22
CA LYS F 324 -5.65 -20.82 28.09
C LYS F 324 -6.09 -19.41 27.72
N LYS F 325 -6.54 -18.63 28.71
CA LYS F 325 -6.87 -17.24 28.45
C LYS F 325 -5.64 -16.45 28.03
N SER F 326 -4.49 -16.76 28.63
CA SER F 326 -3.24 -16.10 28.26
C SER F 326 -2.96 -16.27 26.77
N LYS F 327 -3.15 -17.48 26.25
CA LYS F 327 -2.91 -17.73 24.83
C LYS F 327 -3.88 -16.95 23.96
N ASP F 328 -5.11 -16.74 24.44
CA ASP F 328 -6.12 -16.02 23.67
C ASP F 328 -5.93 -14.52 23.84
N ALA F 329 -4.74 -14.02 23.53
CA ALA F 329 -4.44 -12.59 23.63
C ALA F 329 -4.66 -11.90 22.28
N ALA F 330 -3.99 -12.38 21.24
CA ALA F 330 -4.16 -11.79 19.92
C ALA F 330 -5.61 -11.88 19.44
N PHE F 331 -6.30 -12.96 19.83
CA PHE F 331 -7.69 -13.16 19.42
C PHE F 331 -8.62 -12.92 20.60
N UNK G 1 -2.41 -3.91 -0.33
CA UNK G 1 -1.45 -3.39 -1.35
C UNK G 1 -1.08 -1.94 -1.06
N UNK G 2 0.14 -1.74 -0.56
CA UNK G 2 0.62 -0.41 -0.23
C UNK G 2 2.12 -0.31 -0.46
N UNK G 3 2.56 0.79 -1.07
CA UNK G 3 3.98 1.01 -1.33
C UNK G 3 4.75 1.08 -0.03
N UNK G 4 6.07 0.98 -0.12
CA UNK G 4 6.93 1.00 1.06
C UNK G 4 8.10 1.96 0.88
N UNK G 5 8.07 3.06 1.62
CA UNK G 5 9.16 4.03 1.59
C UNK G 5 10.38 3.47 2.31
N UNK G 6 11.57 3.92 1.91
CA UNK G 6 12.81 3.43 2.51
C UNK G 6 13.52 4.53 3.29
N UNK G 7 14.39 4.12 4.20
CA UNK G 7 15.17 5.05 5.01
C UNK G 7 16.65 4.69 4.96
N UNK G 8 17.45 5.60 4.41
CA UNK G 8 18.89 5.38 4.27
C UNK G 8 19.56 5.33 5.64
N UNK G 9 20.77 4.77 5.66
CA UNK G 9 21.54 4.67 6.90
C UNK G 9 22.99 5.01 6.65
N UNK G 10 23.48 6.06 7.31
CA UNK G 10 24.86 6.50 7.15
C UNK G 10 25.84 5.42 7.59
#